data_3A6J
#
_entry.id   3A6J
#
_cell.length_a   102.2
_cell.length_b   152.7
_cell.length_c   166.9
_cell.angle_alpha   90.00
_cell.angle_beta   90.00
_cell.angle_gamma   90.00
#
_symmetry.space_group_name_H-M   'P 21 21 21'
#
loop_
_entity.id
_entity.type
_entity.pdbx_description
1 polymer 'Creatinine amidohydrolase'
2 non-polymer 'ZINC ION'
3 non-polymer N-[(E)-AMINO(IMINO)METHYL]-N-METHYLGLYCINE
4 non-polymer 'SULFATE ION'
5 water water
#
_entity_poly.entity_id   1
_entity_poly.type   'polypeptide(L)'
_entity_poly.pdbx_seq_one_letter_code
;MSKSVFVGELTWKEYEARVAAGDCVLMLPVGALEQHGHHMCMNVDVLLPTAVCKRVAERIGALVMPGLQYGYKSQQKSGG
GNHFPGTTSLDGATLTGTVQDIIRELARHGARRLVLMNGHYQNSMFIVEGIDLALRELRYAGIQDFKVVVLSYWDFVKDP
AVIQQLYPEGFLGWDIEHGGVFETSLMLALYPDLVDLDRVVDHPPATFPPYDVFPVDPARTPAPGTLSSAKTASREKGEL
ILEVCVQGIADAIREEFPPT
;
_entity_poly.pdbx_strand_id   A,B,C,D,E,F
#
# COMPACT_ATOMS: atom_id res chain seq x y z
N LYS A 3 11.03 37.53 16.76
CA LYS A 3 10.35 36.22 17.01
C LYS A 3 10.97 35.12 16.16
N SER A 4 10.84 33.88 16.63
CA SER A 4 11.40 32.73 15.91
C SER A 4 10.76 32.52 14.55
N VAL A 5 11.53 31.98 13.61
CA VAL A 5 10.99 31.70 12.28
C VAL A 5 10.59 30.22 12.20
N PHE A 6 10.80 29.49 13.31
CA PHE A 6 10.46 28.07 13.35
C PHE A 6 9.07 27.81 13.90
N VAL A 7 8.25 27.16 13.08
CA VAL A 7 6.88 26.82 13.44
C VAL A 7 6.83 26.10 14.80
N GLY A 8 7.76 25.17 14.99
CA GLY A 8 7.80 24.41 16.24
C GLY A 8 7.97 25.24 17.49
N GLU A 9 8.54 26.44 17.35
CA GLU A 9 8.75 27.31 18.51
C GLU A 9 7.61 28.30 18.74
N LEU A 10 6.59 28.22 17.89
CA LEU A 10 5.44 29.12 18.03
C LEU A 10 4.29 28.41 18.74
N THR A 11 3.37 29.19 19.27
CA THR A 11 2.19 28.63 19.92
C THR A 11 1.22 28.46 18.74
N TRP A 12 0.19 27.64 18.88
CA TRP A 12 -0.72 27.46 17.77
C TRP A 12 -1.45 28.75 17.41
N LYS A 13 -1.62 29.64 18.37
CA LYS A 13 -2.30 30.92 18.14
C LYS A 13 -1.42 31.81 17.28
N GLU A 14 -0.13 31.83 17.58
CA GLU A 14 0.83 32.64 16.84
C GLU A 14 0.92 32.14 15.40
N TYR A 15 0.92 30.83 15.24
CA TYR A 15 0.98 30.20 13.91
C TYR A 15 -0.30 30.53 13.13
N GLU A 16 -1.44 30.37 13.79
CA GLU A 16 -2.73 30.65 13.18
C GLU A 16 -2.79 32.07 12.62
N ALA A 17 -2.34 33.03 13.43
CA ALA A 17 -2.34 34.43 13.02
C ALA A 17 -1.47 34.65 11.79
N ARG A 18 -0.32 33.98 11.75
CA ARG A 18 0.60 34.12 10.63
C ARG A 18 0.02 33.58 9.34
N VAL A 19 -0.77 32.53 9.43
CA VAL A 19 -1.40 31.97 8.24
C VAL A 19 -2.61 32.84 7.88
N ALA A 20 -3.31 33.32 8.91
CA ALA A 20 -4.49 34.16 8.71
C ALA A 20 -4.12 35.41 7.92
N ALA A 21 -2.92 35.92 8.18
CA ALA A 21 -2.43 37.12 7.49
C ALA A 21 -2.40 36.88 5.99
N GLY A 22 -2.57 35.62 5.59
CA GLY A 22 -2.56 35.28 4.18
C GLY A 22 -1.18 35.49 3.57
N ASP A 23 -0.91 34.78 2.48
CA ASP A 23 0.36 34.89 1.79
C ASP A 23 1.53 34.39 2.62
N CYS A 24 1.27 33.65 3.70
CA CYS A 24 2.37 33.15 4.52
C CYS A 24 3.11 32.05 3.76
N VAL A 25 4.44 32.12 3.78
CA VAL A 25 5.27 31.12 3.11
C VAL A 25 5.85 30.15 4.13
N LEU A 26 5.63 28.86 3.90
CA LEU A 26 6.16 27.82 4.78
C LEU A 26 7.33 27.15 4.07
N MET A 27 8.34 26.76 4.83
CA MET A 27 9.51 26.11 4.27
C MET A 27 9.77 24.80 5.00
N LEU A 28 10.08 23.75 4.24
CA LEU A 28 10.34 22.44 4.85
C LEU A 28 11.65 21.84 4.39
N PRO A 29 12.62 21.72 5.30
CA PRO A 29 13.93 21.15 5.00
C PRO A 29 13.77 19.63 4.86
N VAL A 30 14.38 19.04 3.84
CA VAL A 30 14.29 17.58 3.65
C VAL A 30 15.71 17.05 3.57
N GLY A 31 16.15 16.38 4.63
CA GLY A 31 17.50 15.86 4.65
C GLY A 31 17.64 14.36 4.69
N ALA A 32 18.58 13.89 5.52
CA ALA A 32 18.86 12.47 5.67
C ALA A 32 19.90 12.24 6.76
N LEU A 33 20.06 10.98 7.15
CA LEU A 33 21.09 10.59 8.13
C LEU A 33 21.95 9.72 7.22
N GLU A 34 23.11 10.24 6.84
CA GLU A 34 23.98 9.55 5.89
C GLU A 34 25.45 9.77 6.21
N GLN A 35 26.26 8.73 5.97
CA GLN A 35 27.68 8.85 6.21
C GLN A 35 28.22 9.98 5.33
N HIS A 36 29.16 10.74 5.88
CA HIS A 36 29.79 11.83 5.15
C HIS A 36 31.30 11.80 5.33
N GLY A 37 31.89 10.63 5.11
CA GLY A 37 33.34 10.48 5.24
C GLY A 37 33.87 10.41 6.66
N HIS A 38 35.20 10.44 6.78
CA HIS A 38 35.87 10.36 8.08
C HIS A 38 35.93 11.69 8.83
N HIS A 39 35.71 12.79 8.14
CA HIS A 39 35.84 14.12 8.74
C HIS A 39 34.58 14.86 9.14
N MET A 40 33.40 14.34 8.80
CA MET A 40 32.15 15.03 9.15
C MET A 40 31.12 14.11 9.76
N CYS A 41 30.17 14.71 10.47
CA CYS A 41 29.09 13.99 11.12
C CYS A 41 28.08 13.54 10.07
N MET A 42 27.09 12.75 10.50
CA MET A 42 26.11 12.21 9.57
C MET A 42 24.79 12.96 9.36
N ASN A 43 24.56 14.06 10.06
CA ASN A 43 23.32 14.79 9.87
C ASN A 43 23.48 16.05 9.03
N VAL A 44 24.59 16.12 8.31
CA VAL A 44 24.89 17.25 7.43
C VAL A 44 23.71 17.63 6.53
N ASP A 45 23.09 16.65 5.90
CA ASP A 45 21.97 16.93 4.99
C ASP A 45 20.73 17.54 5.62
N VAL A 46 20.67 17.52 6.95
CA VAL A 46 19.54 18.13 7.66
C VAL A 46 20.01 19.51 8.12
N LEU A 47 21.21 19.57 8.70
CA LEU A 47 21.76 20.82 9.19
C LEU A 47 21.87 21.92 8.16
N LEU A 48 22.41 21.59 6.99
CA LEU A 48 22.60 22.60 5.94
C LEU A 48 21.33 23.22 5.38
N PRO A 49 20.40 22.41 4.85
CA PRO A 49 19.19 23.06 4.33
C PRO A 49 18.39 23.78 5.43
N THR A 50 18.49 23.27 6.65
CA THR A 50 17.78 23.91 7.76
C THR A 50 18.38 25.29 8.05
N ALA A 51 19.71 25.38 8.04
CA ALA A 51 20.38 26.65 8.30
C ALA A 51 20.08 27.65 7.18
N VAL A 52 20.01 27.15 5.95
CA VAL A 52 19.69 27.99 4.81
C VAL A 52 18.25 28.46 4.94
N CYS A 53 17.34 27.54 5.27
CA CYS A 53 15.93 27.88 5.43
C CYS A 53 15.75 28.97 6.48
N LYS A 54 16.43 28.81 7.62
CA LYS A 54 16.34 29.78 8.70
C LYS A 54 16.70 31.19 8.23
N ARG A 55 17.84 31.32 7.56
CA ARG A 55 18.30 32.61 7.08
C ARG A 55 17.40 33.19 5.99
N VAL A 56 16.89 32.34 5.11
CA VAL A 56 16.00 32.82 4.07
C VAL A 56 14.71 33.30 4.73
N ALA A 57 14.21 32.51 5.67
CA ALA A 57 12.98 32.86 6.39
C ALA A 57 13.11 34.19 7.13
N GLU A 58 14.27 34.46 7.72
CA GLU A 58 14.48 35.71 8.44
C GLU A 58 14.40 36.89 7.47
N ARG A 59 14.93 36.69 6.26
CA ARG A 59 14.93 37.76 5.26
C ARG A 59 13.60 38.05 4.60
N ILE A 60 12.82 37.00 4.31
CA ILE A 60 11.54 37.19 3.63
C ILE A 60 10.29 37.08 4.50
N GLY A 61 10.48 36.87 5.79
CA GLY A 61 9.34 36.75 6.68
C GLY A 61 8.56 35.45 6.52
N ALA A 62 9.27 34.34 6.35
CA ALA A 62 8.63 33.03 6.20
C ALA A 62 8.79 32.20 7.47
N LEU A 63 8.13 31.05 7.53
CA LEU A 63 8.22 30.16 8.70
C LEU A 63 8.79 28.82 8.26
N VAL A 64 9.57 28.20 9.14
CA VAL A 64 10.21 26.93 8.85
C VAL A 64 9.66 25.78 9.69
N MET A 65 9.22 24.73 8.98
CA MET A 65 8.66 23.52 9.60
C MET A 65 9.75 22.56 10.07
N PRO A 66 9.41 21.65 10.99
CA PRO A 66 10.41 20.69 11.48
C PRO A 66 10.90 19.91 10.26
N GLY A 67 12.20 19.72 10.15
CA GLY A 67 12.72 19.03 8.98
C GLY A 67 12.59 17.52 8.97
N LEU A 68 12.62 16.95 7.76
CA LEU A 68 12.56 15.50 7.61
C LEU A 68 13.99 15.04 7.86
N GLN A 69 14.15 14.22 8.89
CA GLN A 69 15.45 13.72 9.33
C GLN A 69 16.01 12.52 8.56
N TYR A 70 15.11 11.74 7.96
CA TYR A 70 15.52 10.57 7.21
C TYR A 70 15.04 10.69 5.78
N GLY A 71 15.93 10.38 4.83
CA GLY A 71 15.60 10.48 3.43
C GLY A 71 15.76 9.16 2.67
N TYR A 72 15.72 9.22 1.35
CA TYR A 72 15.83 8.02 0.53
C TYR A 72 17.21 7.39 0.55
N LYS A 73 17.25 6.11 0.19
CA LYS A 73 18.48 5.31 0.15
C LYS A 73 19.63 5.98 -0.58
N SER A 74 20.80 5.98 0.06
CA SER A 74 21.99 6.56 -0.52
C SER A 74 22.38 5.74 -1.75
N GLN A 75 22.73 6.44 -2.83
CA GLN A 75 23.11 5.76 -4.07
C GLN A 75 24.62 5.91 -4.27
N GLN A 76 25.26 4.82 -4.67
CA GLN A 76 26.69 4.81 -4.87
C GLN A 76 27.29 6.01 -5.61
N LYS A 77 26.84 6.22 -6.83
CA LYS A 77 27.36 7.31 -7.67
C LYS A 77 27.20 8.73 -7.12
N SER A 78 26.39 8.89 -6.09
CA SER A 78 26.17 10.23 -5.54
C SER A 78 26.19 10.28 -4.02
N GLY A 79 26.46 9.15 -3.38
CA GLY A 79 26.48 9.14 -1.92
C GLY A 79 27.29 8.01 -1.32
N GLY A 80 27.99 7.25 -2.16
CA GLY A 80 28.79 6.15 -1.65
C GLY A 80 28.09 4.81 -1.68
N GLY A 81 26.81 4.80 -1.28
CA GLY A 81 26.06 3.55 -1.29
C GLY A 81 25.37 3.31 0.05
N ASN A 82 24.21 2.67 0.01
CA ASN A 82 23.47 2.41 1.23
C ASN A 82 24.03 1.26 2.08
N HIS A 83 25.19 0.75 1.72
CA HIS A 83 25.80 -0.34 2.47
C HIS A 83 26.63 0.17 3.66
N PHE A 84 26.91 1.47 3.70
CA PHE A 84 27.69 2.05 4.80
C PHE A 84 26.95 2.06 6.14
N PRO A 85 27.68 1.94 7.25
CA PRO A 85 27.09 1.95 8.59
C PRO A 85 26.60 3.37 8.83
N GLY A 86 25.69 3.56 9.79
CA GLY A 86 25.21 4.91 10.07
C GLY A 86 24.10 5.41 9.17
N THR A 87 24.31 5.33 7.86
CA THR A 87 23.28 5.76 6.92
C THR A 87 22.01 5.00 7.26
N THR A 88 20.92 5.73 7.50
CA THR A 88 19.64 5.13 7.86
C THR A 88 18.61 5.70 6.88
N SER A 89 18.26 4.89 5.89
CA SER A 89 17.36 5.32 4.82
C SER A 89 15.94 4.79 4.81
N LEU A 90 15.03 5.60 4.24
CA LEU A 90 13.63 5.23 4.13
C LEU A 90 13.34 4.65 2.75
N ASP A 91 12.27 3.86 2.67
CA ASP A 91 11.83 3.31 1.39
C ASP A 91 11.16 4.48 0.70
N GLY A 92 11.10 4.45 -0.62
CA GLY A 92 10.49 5.54 -1.36
C GLY A 92 9.06 5.86 -0.96
N ALA A 93 8.25 4.83 -0.77
CA ALA A 93 6.85 5.03 -0.40
C ALA A 93 6.74 5.77 0.94
N THR A 94 7.67 5.50 1.85
CA THR A 94 7.64 6.13 3.16
C THR A 94 7.90 7.64 3.06
N LEU A 95 8.94 8.02 2.33
CA LEU A 95 9.27 9.44 2.16
C LEU A 95 8.15 10.16 1.41
N THR A 96 7.69 9.55 0.32
CA THR A 96 6.62 10.14 -0.46
C THR A 96 5.37 10.36 0.40
N GLY A 97 5.01 9.35 1.20
CA GLY A 97 3.85 9.46 2.06
C GLY A 97 3.98 10.55 3.11
N THR A 98 5.20 10.74 3.62
CA THR A 98 5.45 11.75 4.63
C THR A 98 5.23 13.15 4.05
N VAL A 99 5.74 13.38 2.84
CA VAL A 99 5.57 14.67 2.18
C VAL A 99 4.09 14.90 1.92
N GLN A 100 3.43 13.86 1.40
CA GLN A 100 2.00 13.92 1.09
C GLN A 100 1.18 14.32 2.33
N ASP A 101 1.44 13.66 3.45
CA ASP A 101 0.73 13.94 4.70
C ASP A 101 0.91 15.37 5.19
N ILE A 102 2.14 15.85 5.18
CA ILE A 102 2.43 17.20 5.65
C ILE A 102 1.72 18.25 4.78
N ILE A 103 1.76 18.08 3.47
CA ILE A 103 1.08 19.03 2.58
C ILE A 103 -0.42 19.03 2.86
N ARG A 104 -1.00 17.84 3.01
CA ARG A 104 -2.42 17.72 3.31
C ARG A 104 -2.76 18.51 4.58
N GLU A 105 -1.94 18.36 5.61
CA GLU A 105 -2.15 19.06 6.89
C GLU A 105 -1.97 20.58 6.78
N LEU A 106 -0.92 21.01 6.06
CA LEU A 106 -0.69 22.44 5.89
C LEU A 106 -1.88 23.06 5.16
N ALA A 107 -2.41 22.36 4.16
CA ALA A 107 -3.55 22.86 3.43
C ALA A 107 -4.74 23.00 4.39
N ARG A 108 -4.88 22.03 5.29
CA ARG A 108 -5.96 22.07 6.27
C ARG A 108 -5.85 23.33 7.13
N HIS A 109 -4.63 23.72 7.45
CA HIS A 109 -4.37 24.91 8.27
C HIS A 109 -4.80 26.18 7.53
N GLY A 110 -4.81 26.13 6.22
CA GLY A 110 -5.17 27.28 5.42
C GLY A 110 -3.94 27.78 4.67
N ALA A 111 -2.81 27.11 4.87
CA ALA A 111 -1.59 27.48 4.18
C ALA A 111 -1.74 27.13 2.70
N ARG A 112 -1.10 27.91 1.83
CA ARG A 112 -1.19 27.67 0.41
C ARG A 112 0.13 27.90 -0.31
N ARG A 113 1.18 28.13 0.46
CA ARG A 113 2.51 28.38 -0.10
C ARG A 113 3.57 27.57 0.63
N LEU A 114 4.21 26.67 -0.10
CA LEU A 114 5.24 25.83 0.51
C LEU A 114 6.51 25.71 -0.30
N VAL A 115 7.64 25.81 0.38
CA VAL A 115 8.95 25.64 -0.26
C VAL A 115 9.56 24.40 0.37
N LEU A 116 9.84 23.40 -0.46
CA LEU A 116 10.48 22.18 0.03
C LEU A 116 11.95 22.32 -0.32
N MET A 117 12.80 22.45 0.70
CA MET A 117 14.22 22.59 0.45
C MET A 117 14.97 21.30 0.70
N ASN A 118 15.36 20.65 -0.39
CA ASN A 118 16.08 19.38 -0.32
C ASN A 118 17.56 19.58 -0.03
N GLY A 119 18.10 18.69 0.81
CA GLY A 119 19.51 18.76 1.15
C GLY A 119 20.23 17.44 0.94
N HIS A 120 19.50 16.43 0.45
CA HIS A 120 20.03 15.08 0.22
C HIS A 120 19.79 14.69 -1.24
N TYR A 121 20.86 14.43 -1.97
CA TYR A 121 20.79 14.11 -3.39
C TYR A 121 19.72 13.11 -3.85
N GLN A 122 19.48 12.08 -3.05
CA GLN A 122 18.53 11.02 -3.40
C GLN A 122 17.03 11.29 -3.22
N ASN A 123 16.68 12.32 -2.45
CA ASN A 123 15.28 12.63 -2.16
C ASN A 123 14.37 13.16 -3.27
N SER A 124 14.95 13.98 -4.15
CA SER A 124 14.20 14.64 -5.21
C SER A 124 12.96 14.00 -5.82
N MET A 125 13.12 12.88 -6.52
CA MET A 125 11.97 12.25 -7.18
C MET A 125 10.86 11.80 -6.23
N PHE A 126 11.20 11.43 -5.01
CA PHE A 126 10.18 11.00 -4.06
C PHE A 126 9.45 12.20 -3.46
N ILE A 127 10.15 13.33 -3.36
CA ILE A 127 9.53 14.54 -2.86
C ILE A 127 8.52 14.95 -3.95
N VAL A 128 8.98 14.88 -5.20
CA VAL A 128 8.13 15.23 -6.35
C VAL A 128 6.86 14.38 -6.39
N GLU A 129 6.98 13.08 -6.17
CA GLU A 129 5.80 12.23 -6.18
C GLU A 129 4.89 12.60 -5.02
N GLY A 130 5.49 12.92 -3.88
CA GLY A 130 4.70 13.29 -2.71
C GLY A 130 3.87 14.53 -3.00
N ILE A 131 4.50 15.50 -3.65
CA ILE A 131 3.84 16.74 -4.02
C ILE A 131 2.68 16.46 -4.97
N ASP A 132 2.93 15.63 -5.98
CA ASP A 132 1.90 15.31 -6.96
C ASP A 132 0.68 14.62 -6.36
N LEU A 133 0.92 13.63 -5.50
CA LEU A 133 -0.18 12.91 -4.87
C LEU A 133 -0.97 13.81 -3.93
N ALA A 134 -0.29 14.74 -3.27
CA ALA A 134 -0.94 15.67 -2.37
C ALA A 134 -1.82 16.67 -3.13
N LEU A 135 -1.27 17.19 -4.22
CA LEU A 135 -2.01 18.15 -5.03
C LEU A 135 -3.21 17.46 -5.68
N ARG A 136 -3.03 16.19 -6.03
CA ARG A 136 -4.10 15.41 -6.64
C ARG A 136 -5.27 15.35 -5.66
N GLU A 137 -4.99 15.04 -4.39
CA GLU A 137 -6.03 14.96 -3.37
C GLU A 137 -6.67 16.33 -3.12
N LEU A 138 -5.85 17.37 -3.08
CA LEU A 138 -6.37 18.71 -2.86
C LEU A 138 -7.38 19.04 -3.94
N ARG A 139 -7.08 18.60 -5.16
CA ARG A 139 -7.97 18.84 -6.28
C ARG A 139 -9.31 18.15 -6.04
N TYR A 140 -9.28 16.94 -5.48
CA TYR A 140 -10.51 16.20 -5.20
C TYR A 140 -11.41 17.00 -4.26
N ALA A 141 -10.77 17.79 -3.39
CA ALA A 141 -11.51 18.59 -2.42
C ALA A 141 -11.78 20.00 -2.93
N GLY A 142 -11.62 20.21 -4.24
CA GLY A 142 -11.86 21.52 -4.81
C GLY A 142 -10.83 22.58 -4.46
N ILE A 143 -9.61 22.16 -4.16
CA ILE A 143 -8.54 23.10 -3.83
C ILE A 143 -7.46 23.07 -4.92
N GLN A 144 -7.28 24.20 -5.60
CA GLN A 144 -6.26 24.26 -6.66
C GLN A 144 -5.38 25.50 -6.53
N ASP A 145 -5.40 26.15 -5.37
CA ASP A 145 -4.58 27.34 -5.17
C ASP A 145 -3.38 27.10 -4.25
N PHE A 146 -3.06 25.83 -4.01
CA PHE A 146 -1.89 25.50 -3.18
C PHE A 146 -0.72 25.44 -4.17
N LYS A 147 0.33 26.20 -3.89
CA LYS A 147 1.47 26.21 -4.78
C LYS A 147 2.72 25.76 -4.06
N VAL A 148 3.53 24.96 -4.73
CA VAL A 148 4.75 24.43 -4.14
C VAL A 148 5.99 24.74 -4.98
N VAL A 149 7.06 25.13 -4.30
CA VAL A 149 8.34 25.39 -4.94
C VAL A 149 9.29 24.36 -4.34
N VAL A 150 9.90 23.52 -5.16
CA VAL A 150 10.84 22.53 -4.64
C VAL A 150 12.21 22.77 -5.25
N LEU A 151 13.25 22.62 -4.43
CA LEU A 151 14.62 22.87 -4.88
C LEU A 151 15.66 22.20 -3.99
N SER A 152 16.83 21.96 -4.57
CA SER A 152 17.98 21.43 -3.83
C SER A 152 18.82 22.70 -3.73
N TYR A 153 19.14 23.12 -2.51
CA TYR A 153 19.87 24.37 -2.31
C TYR A 153 21.18 24.58 -3.07
N TRP A 154 21.94 23.51 -3.32
CA TRP A 154 23.19 23.69 -4.04
C TRP A 154 22.99 24.13 -5.49
N ASP A 155 21.82 23.85 -6.07
CA ASP A 155 21.56 24.24 -7.45
C ASP A 155 21.59 25.75 -7.63
N PHE A 156 21.49 26.50 -6.54
CA PHE A 156 21.53 27.96 -6.62
C PHE A 156 22.94 28.52 -6.73
N VAL A 157 23.94 27.65 -6.59
CA VAL A 157 25.32 28.08 -6.72
C VAL A 157 25.61 27.93 -8.22
N LYS A 158 25.29 28.96 -8.99
CA LYS A 158 25.47 28.92 -10.43
C LYS A 158 26.53 29.87 -10.99
N ASP A 159 26.79 30.97 -10.29
CA ASP A 159 27.76 31.95 -10.75
C ASP A 159 29.11 31.30 -11.04
N PRO A 160 29.59 31.40 -12.30
CA PRO A 160 30.88 30.82 -12.68
C PRO A 160 32.02 31.27 -11.77
N ALA A 161 31.91 32.48 -11.24
CA ALA A 161 32.95 33.02 -10.35
C ALA A 161 32.99 32.25 -9.04
N VAL A 162 31.82 31.93 -8.50
CA VAL A 162 31.74 31.18 -7.26
C VAL A 162 32.22 29.76 -7.49
N ILE A 163 31.77 29.15 -8.58
CA ILE A 163 32.17 27.79 -8.91
C ILE A 163 33.69 27.68 -9.03
N GLN A 164 34.31 28.69 -9.63
CA GLN A 164 35.75 28.70 -9.80
C GLN A 164 36.48 28.84 -8.45
N GLN A 165 35.90 29.62 -7.55
CA GLN A 165 36.50 29.80 -6.22
C GLN A 165 36.53 28.47 -5.49
N LEU A 166 35.47 27.68 -5.67
CA LEU A 166 35.35 26.38 -5.01
C LEU A 166 36.09 25.28 -5.76
N TYR A 167 35.99 25.29 -7.09
CA TYR A 167 36.64 24.27 -7.91
C TYR A 167 37.53 24.92 -8.97
N PRO A 168 38.70 25.45 -8.56
CA PRO A 168 39.61 26.09 -9.50
C PRO A 168 40.07 25.19 -10.65
N GLU A 169 40.02 23.87 -10.43
CA GLU A 169 40.44 22.93 -11.45
C GLU A 169 39.28 22.39 -12.28
N GLY A 170 38.07 22.84 -11.97
CA GLY A 170 36.91 22.38 -12.71
C GLY A 170 35.82 21.74 -11.88
N PHE A 171 34.58 22.11 -12.16
CA PHE A 171 33.42 21.58 -11.47
C PHE A 171 33.18 20.16 -11.98
N LEU A 172 33.01 19.21 -11.08
CA LEU A 172 32.80 17.82 -11.48
C LEU A 172 31.38 17.32 -11.28
N GLY A 173 30.47 18.21 -10.88
CA GLY A 173 29.09 17.82 -10.70
C GLY A 173 28.67 17.69 -9.25
N TRP A 174 27.39 17.95 -8.98
CA TRP A 174 26.88 17.87 -7.63
C TRP A 174 26.79 16.43 -7.15
N ASP A 175 26.73 15.49 -8.08
CA ASP A 175 26.65 14.07 -7.71
C ASP A 175 27.88 13.59 -6.94
N ILE A 176 29.08 13.87 -7.43
CA ILE A 176 30.27 13.41 -6.72
C ILE A 176 30.78 14.39 -5.68
N GLU A 177 29.98 15.42 -5.41
CA GLU A 177 30.34 16.42 -4.42
C GLU A 177 30.19 15.90 -2.98
N HIS A 178 29.53 14.76 -2.83
CA HIS A 178 29.29 14.16 -1.51
C HIS A 178 30.44 14.19 -0.50
N GLY A 179 30.27 14.98 0.56
CA GLY A 179 31.27 15.09 1.60
C GLY A 179 32.52 15.83 1.17
N GLY A 180 32.40 16.58 0.08
CA GLY A 180 33.54 17.32 -0.45
C GLY A 180 33.67 18.76 -0.02
N VAL A 181 34.28 19.56 -0.90
CA VAL A 181 34.51 20.98 -0.64
C VAL A 181 33.27 21.79 -0.31
N PHE A 182 32.20 21.58 -1.07
CA PHE A 182 30.97 22.32 -0.87
C PHE A 182 30.36 22.14 0.53
N GLU A 183 29.98 20.91 0.87
CA GLU A 183 29.38 20.66 2.17
C GLU A 183 30.33 20.92 3.33
N THR A 184 31.57 20.51 3.18
CA THR A 184 32.54 20.71 4.25
C THR A 184 32.77 22.18 4.56
N SER A 185 32.81 23.02 3.51
CA SER A 185 33.01 24.45 3.73
C SER A 185 31.82 25.04 4.46
N LEU A 186 30.62 24.66 4.05
CA LEU A 186 29.42 25.17 4.73
C LEU A 186 29.45 24.77 6.19
N MET A 187 29.80 23.51 6.44
CA MET A 187 29.87 23.01 7.81
C MET A 187 30.93 23.77 8.61
N LEU A 188 32.07 24.07 7.98
CA LEU A 188 33.13 24.81 8.68
C LEU A 188 32.66 26.20 9.09
N ALA A 189 31.79 26.79 8.30
CA ALA A 189 31.28 28.13 8.60
C ALA A 189 30.12 28.10 9.59
N LEU A 190 29.34 27.03 9.56
CA LEU A 190 28.16 26.92 10.43
C LEU A 190 28.30 26.03 11.67
N TYR A 191 28.96 24.89 11.51
CA TYR A 191 29.11 23.95 12.62
C TYR A 191 30.51 23.36 12.62
N PRO A 192 31.54 24.21 12.85
CA PRO A 192 32.94 23.78 12.86
C PRO A 192 33.29 22.65 13.81
N ASP A 193 32.58 22.55 14.93
CA ASP A 193 32.86 21.50 15.90
C ASP A 193 32.48 20.11 15.39
N LEU A 194 31.69 20.07 14.32
CA LEU A 194 31.25 18.80 13.74
C LEU A 194 32.11 18.37 12.55
N VAL A 195 33.18 19.13 12.31
CA VAL A 195 34.11 18.84 11.21
C VAL A 195 35.54 18.77 11.74
N ASP A 196 36.31 17.80 11.26
CA ASP A 196 37.72 17.66 11.64
C ASP A 196 38.51 17.50 10.36
N LEU A 197 38.86 18.63 9.76
CA LEU A 197 39.59 18.65 8.50
C LEU A 197 40.83 17.76 8.48
N ASP A 198 41.44 17.55 9.65
CA ASP A 198 42.63 16.71 9.70
C ASP A 198 42.34 15.24 9.40
N ARG A 199 41.06 14.88 9.40
CA ARG A 199 40.66 13.51 9.11
C ARG A 199 40.29 13.28 7.65
N VAL A 200 40.26 14.34 6.86
CA VAL A 200 39.91 14.21 5.45
C VAL A 200 40.89 13.30 4.71
N VAL A 201 40.36 12.39 3.91
CA VAL A 201 41.19 11.51 3.10
C VAL A 201 41.23 12.16 1.73
N ASP A 202 42.36 12.75 1.38
CA ASP A 202 42.52 13.46 0.12
C ASP A 202 42.70 12.57 -1.11
N HIS A 203 41.66 11.81 -1.44
CA HIS A 203 41.68 10.91 -2.59
C HIS A 203 41.21 11.62 -3.86
N PRO A 204 41.52 11.05 -5.04
CA PRO A 204 41.11 11.65 -6.32
C PRO A 204 39.59 11.57 -6.47
N PRO A 205 38.99 12.50 -7.25
CA PRO A 205 37.54 12.49 -7.44
C PRO A 205 37.07 11.13 -7.97
N ALA A 206 35.99 10.63 -7.40
CA ALA A 206 35.45 9.34 -7.83
C ALA A 206 34.94 9.40 -9.26
N THR A 207 35.20 8.35 -10.02
CA THR A 207 34.73 8.27 -11.40
C THR A 207 33.99 6.94 -11.54
N PHE A 208 32.93 6.93 -12.34
CA PHE A 208 32.15 5.72 -12.56
C PHE A 208 31.79 5.56 -14.03
N PRO A 209 31.53 4.32 -14.47
CA PRO A 209 31.16 4.07 -15.85
C PRO A 209 29.71 4.57 -16.03
N PRO A 210 29.23 4.67 -17.28
CA PRO A 210 27.86 5.14 -17.54
C PRO A 210 26.72 4.19 -17.16
N TYR A 211 26.89 3.48 -16.04
CA TYR A 211 25.85 2.56 -15.58
C TYR A 211 25.92 2.34 -14.07
N ASP A 212 24.90 1.66 -13.54
CA ASP A 212 24.80 1.40 -12.11
C ASP A 212 24.73 -0.10 -11.88
N VAL A 213 25.31 -0.57 -10.77
CA VAL A 213 25.29 -1.99 -10.46
C VAL A 213 24.70 -2.28 -9.08
N PHE A 214 23.81 -3.28 -9.02
CA PHE A 214 23.15 -3.71 -7.79
C PHE A 214 23.25 -5.24 -7.72
N PRO A 215 23.49 -5.80 -6.53
CA PRO A 215 23.70 -5.17 -5.21
C PRO A 215 24.87 -4.22 -5.28
N VAL A 216 24.80 -3.13 -4.50
CA VAL A 216 25.87 -2.15 -4.50
C VAL A 216 27.20 -2.83 -4.14
N ASP A 217 28.21 -2.55 -4.93
CA ASP A 217 29.55 -3.11 -4.77
C ASP A 217 30.45 -2.12 -4.03
N PRO A 218 30.76 -2.41 -2.75
CA PRO A 218 31.60 -1.57 -1.88
C PRO A 218 32.94 -1.15 -2.49
N ALA A 219 33.50 -2.03 -3.32
CA ALA A 219 34.79 -1.76 -3.94
C ALA A 219 34.82 -0.61 -4.93
N ARG A 220 33.67 -0.30 -5.54
CA ARG A 220 33.60 0.79 -6.51
C ARG A 220 33.47 2.19 -5.89
N THR A 221 33.46 2.25 -4.57
CA THR A 221 33.35 3.53 -3.85
C THR A 221 34.63 3.81 -3.07
N PRO A 222 35.06 5.08 -3.03
CA PRO A 222 36.29 5.36 -2.27
C PRO A 222 36.04 4.92 -0.83
N ALA A 223 36.98 4.18 -0.26
CA ALA A 223 36.87 3.67 1.11
C ALA A 223 36.26 4.60 2.16
N PRO A 224 36.69 5.88 2.20
CA PRO A 224 36.17 6.83 3.18
C PRO A 224 34.67 7.14 3.10
N GLY A 225 34.06 6.91 1.93
CA GLY A 225 32.65 7.19 1.77
C GLY A 225 32.44 8.48 1.00
N THR A 226 33.48 9.31 0.95
CA THR A 226 33.40 10.58 0.23
C THR A 226 33.58 10.30 -1.26
N LEU A 227 33.03 11.18 -2.09
CA LEU A 227 33.17 11.02 -3.55
C LEU A 227 34.19 12.01 -4.10
N SER A 228 34.60 12.97 -3.27
CA SER A 228 35.60 13.96 -3.64
C SER A 228 36.24 14.49 -2.35
N SER A 229 37.47 14.98 -2.46
CA SER A 229 38.20 15.49 -1.29
C SER A 229 37.80 16.89 -0.82
N ALA A 230 37.71 17.04 0.49
CA ALA A 230 37.35 18.31 1.11
C ALA A 230 38.59 19.02 1.68
N LYS A 231 39.76 18.59 1.24
CA LYS A 231 41.01 19.16 1.73
C LYS A 231 41.06 20.70 1.62
N THR A 232 40.58 21.25 0.50
CA THR A 232 40.61 22.69 0.30
C THR A 232 39.41 23.45 0.85
N ALA A 233 38.56 22.76 1.61
CA ALA A 233 37.38 23.41 2.20
C ALA A 233 37.83 24.47 3.18
N SER A 234 37.02 25.51 3.36
CA SER A 234 37.36 26.58 4.30
C SER A 234 36.12 27.32 4.76
N ARG A 235 36.24 28.01 5.89
CA ARG A 235 35.14 28.78 6.44
C ARG A 235 34.75 29.90 5.49
N GLU A 236 35.75 30.54 4.89
CA GLU A 236 35.49 31.65 3.97
C GLU A 236 34.71 31.19 2.74
N LYS A 237 34.98 29.98 2.27
CA LYS A 237 34.26 29.44 1.14
C LYS A 237 32.84 29.13 1.60
N GLY A 238 32.73 28.67 2.84
CA GLY A 238 31.42 28.36 3.40
C GLY A 238 30.54 29.59 3.50
N GLU A 239 31.13 30.71 3.91
CA GLU A 239 30.38 31.96 4.04
C GLU A 239 29.95 32.43 2.65
N LEU A 240 30.80 32.20 1.66
CA LEU A 240 30.49 32.60 0.29
C LEU A 240 29.29 31.80 -0.20
N ILE A 241 29.38 30.48 -0.04
CA ILE A 241 28.31 29.57 -0.45
C ILE A 241 26.99 29.94 0.24
N LEU A 242 27.06 30.13 1.55
CA LEU A 242 25.89 30.46 2.35
C LEU A 242 25.17 31.71 1.83
N GLU A 243 25.93 32.79 1.66
CA GLU A 243 25.33 34.03 1.17
C GLU A 243 24.72 33.85 -0.22
N VAL A 244 25.43 33.16 -1.10
CA VAL A 244 24.94 32.94 -2.46
C VAL A 244 23.61 32.19 -2.45
N CYS A 245 23.55 31.12 -1.66
CA CYS A 245 22.34 30.31 -1.58
C CYS A 245 21.19 31.09 -0.94
N VAL A 246 21.46 31.72 0.19
CA VAL A 246 20.43 32.49 0.88
C VAL A 246 19.88 33.61 0.02
N GLN A 247 20.77 34.37 -0.62
CA GLN A 247 20.33 35.48 -1.47
C GLN A 247 19.51 34.96 -2.65
N GLY A 248 20.06 33.95 -3.33
CA GLY A 248 19.39 33.39 -4.49
C GLY A 248 18.02 32.79 -4.18
N ILE A 249 17.93 32.02 -3.09
CA ILE A 249 16.67 31.41 -2.74
C ILE A 249 15.66 32.45 -2.25
N ALA A 250 16.13 33.43 -1.48
CA ALA A 250 15.25 34.49 -1.00
C ALA A 250 14.63 35.22 -2.19
N ASP A 251 15.45 35.52 -3.19
CA ASP A 251 14.96 36.21 -4.38
C ASP A 251 13.94 35.36 -5.15
N ALA A 252 14.25 34.07 -5.31
CA ALA A 252 13.36 33.16 -6.01
C ALA A 252 12.00 33.06 -5.32
N ILE A 253 12.01 32.93 -4.00
CA ILE A 253 10.78 32.81 -3.25
C ILE A 253 9.94 34.09 -3.36
N ARG A 254 10.61 35.24 -3.31
CA ARG A 254 9.93 36.53 -3.43
C ARG A 254 9.26 36.62 -4.80
N GLU A 255 9.93 36.07 -5.80
CA GLU A 255 9.43 36.05 -7.17
C GLU A 255 8.20 35.15 -7.30
N GLU A 256 8.30 33.95 -6.76
CA GLU A 256 7.21 32.97 -6.84
C GLU A 256 6.07 33.21 -5.85
N PHE A 257 6.38 33.77 -4.69
CA PHE A 257 5.37 34.02 -3.68
C PHE A 257 5.38 35.50 -3.27
N PRO A 258 4.95 36.39 -4.17
CA PRO A 258 4.92 37.83 -3.88
C PRO A 258 3.99 38.21 -2.73
N PRO A 259 4.35 39.25 -1.96
CA PRO A 259 3.55 39.69 -0.82
C PRO A 259 2.16 40.20 -1.22
N LYS B 3 18.11 -16.93 -34.85
CA LYS B 3 16.96 -17.08 -33.91
C LYS B 3 16.68 -15.76 -33.21
N SER B 4 15.47 -15.58 -32.70
CA SER B 4 15.08 -14.34 -32.04
C SER B 4 15.78 -14.11 -30.71
N VAL B 5 16.03 -12.84 -30.40
CA VAL B 5 16.66 -12.49 -29.14
C VAL B 5 15.57 -12.03 -28.17
N PHE B 6 14.31 -12.07 -28.63
CA PHE B 6 13.19 -11.65 -27.79
C PHE B 6 12.53 -12.82 -27.06
N VAL B 7 12.49 -12.72 -25.73
CA VAL B 7 11.88 -13.76 -24.90
C VAL B 7 10.45 -14.07 -25.32
N GLY B 8 9.70 -13.02 -25.64
CA GLY B 8 8.31 -13.20 -26.06
C GLY B 8 8.13 -14.09 -27.28
N GLU B 9 9.15 -14.15 -28.14
CA GLU B 9 9.06 -14.96 -29.35
C GLU B 9 9.62 -16.38 -29.18
N LEU B 10 10.00 -16.72 -27.96
CA LEU B 10 10.53 -18.06 -27.67
C LEU B 10 9.45 -18.90 -27.00
N THR B 11 9.56 -20.21 -27.10
CA THR B 11 8.62 -21.10 -26.43
C THR B 11 9.21 -21.19 -25.03
N TRP B 12 8.46 -21.67 -24.05
CA TRP B 12 9.03 -21.75 -22.71
C TRP B 12 10.19 -22.74 -22.62
N LYS B 13 10.19 -23.74 -23.50
CA LYS B 13 11.25 -24.74 -23.51
C LYS B 13 12.57 -24.09 -23.97
N GLU B 14 12.47 -23.28 -25.02
CA GLU B 14 13.63 -22.59 -25.55
C GLU B 14 14.19 -21.64 -24.50
N TYR B 15 13.30 -20.91 -23.83
CA TYR B 15 13.70 -19.97 -22.79
C TYR B 15 14.37 -20.73 -21.63
N GLU B 16 13.74 -21.82 -21.20
CA GLU B 16 14.26 -22.62 -20.12
C GLU B 16 15.68 -23.11 -20.42
N ALA B 17 15.87 -23.60 -21.64
CA ALA B 17 17.17 -24.10 -22.07
C ALA B 17 18.24 -23.00 -22.02
N ARG B 18 17.87 -21.78 -22.39
CA ARG B 18 18.82 -20.69 -22.38
C ARG B 18 19.19 -20.25 -20.97
N VAL B 19 18.24 -20.33 -20.04
CA VAL B 19 18.55 -19.96 -18.66
C VAL B 19 19.25 -21.11 -17.96
N ASP B 23 24.31 -18.57 -17.20
CA ASP B 23 25.08 -17.39 -17.57
C ASP B 23 24.28 -16.48 -18.52
N CYS B 24 23.01 -16.81 -18.74
CA CYS B 24 22.19 -16.02 -19.63
C CYS B 24 21.93 -14.60 -19.13
N VAL B 25 22.08 -13.62 -20.01
CA VAL B 25 21.85 -12.23 -19.67
C VAL B 25 20.49 -11.80 -20.21
N LEU B 26 19.65 -11.29 -19.33
CA LEU B 26 18.32 -10.82 -19.73
C LEU B 26 18.34 -9.30 -19.78
N MET B 27 17.64 -8.72 -20.74
CA MET B 27 17.59 -7.27 -20.90
C MET B 27 16.13 -6.81 -20.91
N LEU B 28 15.85 -5.74 -20.16
CA LEU B 28 14.50 -5.21 -20.08
C LEU B 28 14.44 -3.72 -20.40
N PRO B 29 13.84 -3.36 -21.54
CA PRO B 29 13.77 -1.93 -21.84
C PRO B 29 12.64 -1.28 -21.03
N VAL B 30 12.89 -0.07 -20.53
CA VAL B 30 11.90 0.65 -19.74
C VAL B 30 11.68 2.00 -20.39
N GLY B 31 10.50 2.18 -21.00
CA GLY B 31 10.22 3.43 -21.69
C GLY B 31 9.08 4.26 -21.13
N ALA B 32 8.25 4.78 -22.02
CA ALA B 32 7.12 5.61 -21.65
C ALA B 32 6.31 6.03 -22.88
N LEU B 33 5.12 6.56 -22.63
CA LEU B 33 4.24 7.08 -23.67
C LEU B 33 4.25 8.56 -23.30
N GLU B 34 4.99 9.34 -24.06
CA GLU B 34 5.15 10.76 -23.76
C GLU B 34 5.19 11.63 -25.01
N GLN B 35 4.63 12.83 -24.90
CA GLN B 35 4.64 13.75 -26.04
C GLN B 35 6.08 14.00 -26.43
N HIS B 36 6.35 14.03 -27.73
CA HIS B 36 7.70 14.31 -28.21
C HIS B 36 7.69 15.37 -29.32
N GLY B 37 7.00 16.48 -29.06
CA GLY B 37 6.95 17.56 -30.04
C GLY B 37 5.96 17.36 -31.17
N HIS B 38 6.01 18.26 -32.14
CA HIS B 38 5.11 18.24 -33.30
C HIS B 38 5.61 17.34 -34.42
N HIS B 39 6.89 16.99 -34.38
CA HIS B 39 7.51 16.20 -35.44
C HIS B 39 7.77 14.73 -35.19
N MET B 40 7.43 14.24 -34.01
CA MET B 40 7.73 12.85 -33.69
C MET B 40 6.61 12.17 -32.89
N CYS B 41 6.53 10.85 -33.01
CA CYS B 41 5.52 10.06 -32.32
C CYS B 41 5.77 10.03 -30.82
N MET B 42 4.82 9.46 -30.07
CA MET B 42 4.91 9.41 -28.61
C MET B 42 5.48 8.15 -27.97
N ASN B 43 5.81 7.13 -28.76
CA ASN B 43 6.38 5.92 -28.16
C ASN B 43 7.89 5.83 -28.35
N VAL B 44 8.50 6.97 -28.62
CA VAL B 44 9.95 7.05 -28.82
C VAL B 44 10.77 6.40 -27.70
N ASP B 45 10.41 6.66 -26.45
CA ASP B 45 11.16 6.12 -25.31
C ASP B 45 11.13 4.61 -25.14
N VAL B 46 10.25 3.95 -25.90
CA VAL B 46 10.17 2.48 -25.86
C VAL B 46 10.93 1.97 -27.08
N LEU B 47 10.64 2.55 -28.23
CA LEU B 47 11.28 2.16 -29.49
C LEU B 47 12.80 2.18 -29.45
N LEU B 48 13.36 3.29 -28.98
CA LEU B 48 14.82 3.43 -28.96
C LEU B 48 15.55 2.44 -28.04
N PRO B 49 15.24 2.43 -26.73
CA PRO B 49 15.98 1.46 -25.91
C PRO B 49 15.75 0.03 -26.38
N THR B 50 14.56 -0.26 -26.93
CA THR B 50 14.27 -1.60 -27.41
C THR B 50 15.15 -1.90 -28.63
N ALA B 51 15.31 -0.92 -29.51
CA ALA B 51 16.15 -1.11 -30.70
C ALA B 51 17.60 -1.36 -30.28
N VAL B 52 18.07 -0.62 -29.28
CA VAL B 52 19.43 -0.79 -28.79
C VAL B 52 19.60 -2.15 -28.12
N CYS B 53 18.61 -2.55 -27.31
CA CYS B 53 18.67 -3.85 -26.65
C CYS B 53 18.76 -4.98 -27.67
N LYS B 54 17.93 -4.91 -28.70
CA LYS B 54 17.93 -5.92 -29.74
C LYS B 54 19.32 -6.09 -30.35
N ARG B 55 19.93 -4.98 -30.74
CA ARG B 55 21.25 -5.02 -31.35
C ARG B 55 22.34 -5.47 -30.39
N VAL B 56 22.25 -5.06 -29.13
CA VAL B 56 23.23 -5.48 -28.14
C VAL B 56 23.08 -6.97 -27.91
N ALA B 57 21.82 -7.41 -27.76
CA ALA B 57 21.50 -8.81 -27.52
C ALA B 57 22.01 -9.73 -28.62
N GLU B 58 21.85 -9.31 -29.88
CA GLU B 58 22.30 -10.11 -31.00
C GLU B 58 23.82 -10.26 -30.98
N ARG B 59 24.49 -9.19 -30.57
CA ARG B 59 25.95 -9.17 -30.51
C ARG B 59 26.55 -9.94 -29.33
N ILE B 60 25.90 -9.91 -28.18
CA ILE B 60 26.45 -10.60 -27.02
C ILE B 60 25.72 -11.89 -26.62
N GLY B 61 24.69 -12.26 -27.39
CA GLY B 61 23.96 -13.48 -27.08
C GLY B 61 23.07 -13.37 -25.85
N ALA B 62 22.35 -12.26 -25.74
CA ALA B 62 21.45 -12.06 -24.61
C ALA B 62 20.01 -12.19 -25.08
N LEU B 63 19.06 -12.09 -24.14
CA LEU B 63 17.64 -12.18 -24.49
C LEU B 63 16.95 -10.90 -24.02
N VAL B 64 15.94 -10.46 -24.76
CA VAL B 64 15.23 -9.23 -24.43
C VAL B 64 13.78 -9.48 -24.00
N MET B 65 13.44 -8.99 -22.82
CA MET B 65 12.10 -9.10 -22.25
C MET B 65 11.17 -8.05 -22.85
N PRO B 66 9.85 -8.26 -22.76
CA PRO B 66 8.90 -7.29 -23.30
C PRO B 66 9.14 -5.97 -22.54
N GLY B 67 9.19 -4.87 -23.27
CA GLY B 67 9.47 -3.61 -22.61
C GLY B 67 8.34 -2.99 -21.81
N LEU B 68 8.71 -2.15 -20.84
CA LEU B 68 7.71 -1.44 -20.06
C LEU B 68 7.30 -0.27 -20.95
N GLN B 69 6.02 -0.22 -21.28
CA GLN B 69 5.44 0.78 -22.18
C GLN B 69 5.10 2.11 -21.53
N TYR B 70 4.86 2.10 -20.23
CA TYR B 70 4.51 3.32 -19.51
C TYR B 70 5.52 3.60 -18.39
N GLY B 71 5.95 4.86 -18.30
CA GLY B 71 6.92 5.25 -17.29
C GLY B 71 6.40 6.30 -16.32
N TYR B 72 7.29 6.85 -15.51
CA TYR B 72 6.90 7.85 -14.52
C TYR B 72 6.51 9.20 -15.14
N LYS B 73 5.76 9.98 -14.37
CA LYS B 73 5.29 11.30 -14.80
C LYS B 73 6.37 12.19 -15.39
N SER B 74 6.04 12.79 -16.52
CA SER B 74 6.94 13.70 -17.22
C SER B 74 7.16 14.93 -16.34
N GLN B 75 8.41 15.36 -16.23
CA GLN B 75 8.76 16.54 -15.44
C GLN B 75 9.13 17.68 -16.39
N GLN B 76 8.63 18.87 -16.07
CA GLN B 76 8.85 20.06 -16.90
C GLN B 76 10.29 20.26 -17.39
N LYS B 77 11.22 20.42 -16.46
CA LYS B 77 12.62 20.66 -16.78
C LYS B 77 13.31 19.66 -17.69
N SER B 78 12.75 18.46 -17.83
CA SER B 78 13.38 17.46 -18.68
C SER B 78 12.43 16.77 -19.65
N GLY B 79 11.14 17.09 -19.57
CA GLY B 79 10.19 16.46 -20.46
C GLY B 79 9.01 17.35 -20.85
N GLY B 80 9.03 18.60 -20.41
CA GLY B 80 7.96 19.51 -20.75
C GLY B 80 6.85 19.57 -19.71
N GLY B 81 6.52 18.43 -19.09
CA GLY B 81 5.49 18.42 -18.08
C GLY B 81 4.41 17.38 -18.34
N ASN B 82 3.81 16.89 -17.28
CA ASN B 82 2.77 15.87 -17.41
C ASN B 82 1.40 16.47 -17.74
N HIS B 83 1.37 17.75 -18.06
CA HIS B 83 0.10 18.41 -18.39
C HIS B 83 -0.25 18.26 -19.87
N PHE B 84 0.72 17.78 -20.66
CA PHE B 84 0.49 17.59 -22.09
C PHE B 84 -0.43 16.43 -22.42
N PRO B 85 -1.11 16.51 -23.57
CA PRO B 85 -2.04 15.46 -24.02
C PRO B 85 -1.16 14.30 -24.50
N GLY B 86 -1.72 13.10 -24.52
CA GLY B 86 -0.96 11.95 -24.99
C GLY B 86 -0.09 11.28 -23.95
N THR B 87 0.73 12.07 -23.25
CA THR B 87 1.59 11.52 -22.21
C THR B 87 0.71 10.73 -21.24
N THR B 88 1.02 9.46 -21.03
CA THR B 88 0.24 8.63 -20.13
C THR B 88 1.21 8.03 -19.13
N SER B 89 1.24 8.62 -17.94
CA SER B 89 2.18 8.24 -16.89
C SER B 89 1.65 7.45 -15.70
N LEU B 90 2.52 6.62 -15.15
CA LEU B 90 2.19 5.81 -13.98
C LEU B 90 2.64 6.50 -12.71
N ASP B 91 2.03 6.14 -11.60
CA ASP B 91 2.42 6.67 -10.30
C ASP B 91 3.72 5.93 -9.96
N GLY B 92 4.55 6.52 -9.10
CA GLY B 92 5.80 5.88 -8.74
C GLY B 92 5.68 4.47 -8.21
N ALA B 93 4.76 4.26 -7.28
CA ALA B 93 4.57 2.94 -6.69
C ALA B 93 4.24 1.88 -7.75
N THR B 94 3.49 2.28 -8.77
CA THR B 94 3.10 1.36 -9.84
C THR B 94 4.30 0.89 -10.66
N LEU B 95 5.14 1.85 -11.06
CA LEU B 95 6.33 1.52 -11.83
C LEU B 95 7.30 0.70 -10.98
N THR B 96 7.48 1.10 -9.73
CA THR B 96 8.36 0.39 -8.83
C THR B 96 7.89 -1.07 -8.65
N GLY B 97 6.60 -1.23 -8.42
CA GLY B 97 6.04 -2.56 -8.22
C GLY B 97 6.16 -3.45 -9.44
N THR B 98 6.09 -2.85 -10.62
CA THR B 98 6.20 -3.59 -11.87
C THR B 98 7.61 -4.17 -12.02
N VAL B 99 8.61 -3.32 -11.77
CA VAL B 99 10.00 -3.78 -11.87
C VAL B 99 10.25 -4.86 -10.82
N GLN B 100 9.77 -4.61 -9.61
CA GLN B 100 9.92 -5.55 -8.50
C GLN B 100 9.34 -6.92 -8.83
N ASP B 101 8.12 -6.93 -9.38
CA ASP B 101 7.46 -8.19 -9.73
C ASP B 101 8.22 -8.97 -10.79
N ILE B 102 8.72 -8.27 -11.81
CA ILE B 102 9.44 -8.93 -12.89
C ILE B 102 10.75 -9.55 -12.40
N ILE B 103 11.49 -8.84 -11.55
CA ILE B 103 12.74 -9.39 -11.04
C ILE B 103 12.43 -10.64 -10.20
N ARG B 104 11.38 -10.57 -9.38
CA ARG B 104 10.99 -11.72 -8.57
C ARG B 104 10.79 -12.96 -9.46
N GLU B 105 10.03 -12.78 -10.54
CA GLU B 105 9.75 -13.87 -11.48
C GLU B 105 10.98 -14.36 -12.22
N LEU B 106 11.82 -13.44 -12.70
CA LEU B 106 13.03 -13.85 -13.39
C LEU B 106 13.89 -14.70 -12.46
N ALA B 107 13.98 -14.29 -11.20
CA ALA B 107 14.77 -15.04 -10.23
C ALA B 107 14.16 -16.43 -10.06
N ARG B 108 12.82 -16.51 -10.06
CA ARG B 108 12.14 -17.79 -9.92
C ARG B 108 12.54 -18.71 -11.08
N HIS B 109 12.72 -18.12 -12.27
CA HIS B 109 13.09 -18.90 -13.46
C HIS B 109 14.51 -19.45 -13.32
N GLY B 110 15.30 -18.81 -12.46
CA GLY B 110 16.68 -19.24 -12.28
C GLY B 110 17.61 -18.22 -12.90
N ALA B 111 17.06 -17.13 -13.43
CA ALA B 111 17.89 -16.09 -14.02
C ALA B 111 18.61 -15.38 -12.89
N ARG B 112 19.78 -14.81 -13.19
CA ARG B 112 20.57 -14.11 -12.19
C ARG B 112 21.32 -12.92 -12.77
N ARG B 113 21.08 -12.63 -14.04
CA ARG B 113 21.75 -11.51 -14.72
C ARG B 113 20.74 -10.67 -15.49
N LEU B 114 20.56 -9.43 -15.05
CA LEU B 114 19.59 -8.54 -15.67
C LEU B 114 20.13 -7.15 -15.99
N VAL B 115 19.80 -6.67 -17.17
CA VAL B 115 20.19 -5.33 -17.59
C VAL B 115 18.88 -4.56 -17.82
N LEU B 116 18.68 -3.49 -17.06
CA LEU B 116 17.49 -2.67 -17.23
C LEU B 116 17.94 -1.47 -18.06
N MET B 117 17.41 -1.34 -19.28
CA MET B 117 17.80 -0.22 -20.13
C MET B 117 16.70 0.82 -20.16
N ASN B 118 16.94 1.93 -19.48
CA ASN B 118 16.00 3.02 -19.39
C ASN B 118 16.05 3.91 -20.63
N GLY B 119 14.89 4.36 -21.08
CA GLY B 119 14.82 5.23 -22.25
C GLY B 119 14.00 6.48 -21.96
N HIS B 120 13.54 6.61 -20.72
CA HIS B 120 12.73 7.75 -20.29
C HIS B 120 13.41 8.41 -19.10
N TYR B 121 13.72 9.69 -19.24
CA TYR B 121 14.43 10.46 -18.21
C TYR B 121 13.90 10.35 -16.77
N GLN B 122 12.59 10.26 -16.62
CA GLN B 122 11.97 10.22 -15.29
C GLN B 122 11.93 8.88 -14.55
N ASN B 123 12.17 7.77 -15.25
CA ASN B 123 12.11 6.45 -14.64
C ASN B 123 13.13 6.02 -13.59
N SER B 124 14.36 6.48 -13.75
CA SER B 124 15.49 6.09 -12.93
C SER B 124 15.31 5.73 -11.45
N MET B 125 14.88 6.67 -10.62
CA MET B 125 14.75 6.37 -9.19
C MET B 125 13.70 5.31 -8.84
N PHE B 126 12.67 5.21 -9.67
CA PHE B 126 11.63 4.22 -9.41
C PHE B 126 12.08 2.84 -9.84
N ILE B 127 12.96 2.78 -10.84
CA ILE B 127 13.51 1.52 -11.29
C ILE B 127 14.45 1.07 -10.18
N VAL B 128 15.22 2.02 -9.66
CA VAL B 128 16.17 1.76 -8.57
C VAL B 128 15.45 1.18 -7.34
N GLU B 129 14.31 1.77 -6.97
CA GLU B 129 13.57 1.28 -5.81
C GLU B 129 13.02 -0.13 -6.07
N GLY B 130 12.54 -0.36 -7.30
CA GLY B 130 12.01 -1.67 -7.63
C GLY B 130 13.10 -2.73 -7.51
N ILE B 131 14.31 -2.37 -7.94
CA ILE B 131 15.43 -3.30 -7.85
C ILE B 131 15.74 -3.61 -6.39
N ASP B 132 15.82 -2.56 -5.57
CA ASP B 132 16.14 -2.75 -4.16
C ASP B 132 15.12 -3.62 -3.44
N LEU B 133 13.84 -3.40 -3.70
CA LEU B 133 12.79 -4.18 -3.06
C LEU B 133 12.82 -5.65 -3.50
N ALA B 134 13.17 -5.89 -4.76
CA ALA B 134 13.25 -7.26 -5.26
C ALA B 134 14.49 -7.97 -4.67
N LEU B 135 15.61 -7.24 -4.59
CA LEU B 135 16.82 -7.84 -4.03
C LEU B 135 16.64 -8.11 -2.55
N ARG B 136 15.83 -7.29 -1.88
CA ARG B 136 15.55 -7.45 -0.46
C ARG B 136 14.84 -8.80 -0.22
N GLU B 137 13.84 -9.09 -1.05
CA GLU B 137 13.09 -10.35 -0.92
C GLU B 137 13.96 -11.55 -1.24
N LEU B 138 14.85 -11.42 -2.21
CA LEU B 138 15.74 -12.51 -2.57
C LEU B 138 16.71 -12.79 -1.42
N ARG B 139 17.11 -11.73 -0.73
CA ARG B 139 18.02 -11.86 0.41
C ARG B 139 17.35 -12.67 1.52
N TYR B 140 16.03 -12.55 1.66
CA TYR B 140 15.31 -13.32 2.68
C TYR B 140 15.51 -14.81 2.43
N ALA B 141 15.71 -15.17 1.16
CA ALA B 141 15.89 -16.57 0.78
C ALA B 141 17.37 -16.93 0.68
N GLY B 142 18.23 -16.04 1.17
CA GLY B 142 19.67 -16.29 1.14
C GLY B 142 20.31 -16.07 -0.22
N ILE B 143 19.53 -15.57 -1.17
CA ILE B 143 20.04 -15.32 -2.53
C ILE B 143 20.72 -13.98 -2.66
N GLN B 144 21.98 -14.01 -3.08
CA GLN B 144 22.77 -12.79 -3.25
C GLN B 144 23.53 -12.79 -4.58
N ASP B 145 23.18 -13.70 -5.48
CA ASP B 145 23.87 -13.77 -6.75
C ASP B 145 23.05 -13.22 -7.94
N PHE B 146 21.93 -12.57 -7.65
CA PHE B 146 21.16 -11.96 -8.72
C PHE B 146 21.78 -10.57 -8.87
N LYS B 147 22.37 -10.31 -10.04
CA LYS B 147 23.03 -9.03 -10.29
C LYS B 147 22.29 -8.21 -11.35
N VAL B 148 22.16 -6.92 -11.10
CA VAL B 148 21.46 -6.04 -12.02
C VAL B 148 22.30 -4.84 -12.45
N VAL B 149 22.32 -4.59 -13.76
CA VAL B 149 23.03 -3.45 -14.30
C VAL B 149 21.92 -2.53 -14.81
N VAL B 150 21.90 -1.29 -14.36
CA VAL B 150 20.88 -0.35 -14.83
C VAL B 150 21.56 0.83 -15.49
N LEU B 151 21.01 1.25 -16.63
CA LEU B 151 21.61 2.34 -17.38
C LEU B 151 20.60 3.04 -18.29
N SER B 152 20.89 4.31 -18.59
CA SER B 152 20.08 5.09 -19.53
C SER B 152 21.01 5.08 -20.73
N TYR B 153 20.55 4.51 -21.84
CA TYR B 153 21.39 4.35 -23.03
C TYR B 153 22.14 5.58 -23.54
N TRP B 154 21.58 6.76 -23.36
CA TRP B 154 22.25 7.97 -23.83
C TRP B 154 23.52 8.29 -23.05
N ASP B 155 23.64 7.78 -21.82
CA ASP B 155 24.84 8.06 -21.03
C ASP B 155 26.09 7.46 -21.65
N PHE B 156 25.92 6.54 -22.60
CA PHE B 156 27.07 5.93 -23.25
C PHE B 156 27.63 6.79 -24.38
N VAL B 157 26.98 7.91 -24.66
CA VAL B 157 27.46 8.82 -25.69
C VAL B 157 28.20 9.92 -24.92
N LYS B 158 29.49 9.69 -24.66
CA LYS B 158 30.27 10.67 -23.91
C LYS B 158 31.66 10.93 -24.48
N ASP B 159 32.06 10.15 -25.48
CA ASP B 159 33.37 10.35 -26.09
C ASP B 159 33.42 11.76 -26.68
N PRO B 160 34.33 12.61 -26.20
CA PRO B 160 34.46 13.99 -26.69
C PRO B 160 34.47 14.08 -28.21
N ALA B 161 35.16 13.14 -28.86
CA ALA B 161 35.23 13.12 -30.32
C ALA B 161 33.85 12.88 -30.93
N VAL B 162 33.05 12.04 -30.28
CA VAL B 162 31.70 11.75 -30.76
C VAL B 162 30.79 12.94 -30.48
N ILE B 163 30.94 13.54 -29.30
CA ILE B 163 30.13 14.69 -28.94
C ILE B 163 30.38 15.85 -29.91
N GLN B 164 31.64 16.04 -30.29
CA GLN B 164 32.00 17.10 -31.22
C GLN B 164 31.33 16.86 -32.57
N GLN B 165 31.35 15.62 -33.02
CA GLN B 165 30.73 15.24 -34.30
C GLN B 165 29.24 15.55 -34.24
N LEU B 166 28.58 15.08 -33.19
CA LEU B 166 27.14 15.27 -33.02
C LEU B 166 26.75 16.71 -32.69
N TYR B 167 27.59 17.38 -31.90
CA TYR B 167 27.31 18.75 -31.51
C TYR B 167 28.51 19.65 -31.75
N PRO B 168 28.81 19.95 -33.03
CA PRO B 168 29.95 20.81 -33.35
C PRO B 168 29.86 22.19 -32.71
N GLU B 169 28.65 22.57 -32.30
CA GLU B 169 28.43 23.87 -31.67
C GLU B 169 28.25 23.75 -30.16
N GLY B 170 28.38 22.55 -29.62
CA GLY B 170 28.25 22.37 -28.18
C GLY B 170 27.09 21.52 -27.71
N PHE B 171 27.35 20.69 -26.71
CA PHE B 171 26.35 19.81 -26.12
C PHE B 171 25.44 20.61 -25.19
N LEU B 172 24.14 20.37 -25.25
CA LEU B 172 23.18 21.11 -24.44
C LEU B 172 22.87 20.46 -23.09
N GLY B 173 23.00 19.15 -23.00
CA GLY B 173 22.70 18.46 -21.77
C GLY B 173 21.58 17.47 -22.02
N TRP B 174 21.64 16.31 -21.38
CA TRP B 174 20.62 15.28 -21.57
C TRP B 174 19.24 15.72 -21.07
N ASP B 175 19.21 16.53 -20.04
CA ASP B 175 17.94 16.99 -19.48
C ASP B 175 17.06 17.69 -20.52
N ILE B 176 17.66 18.51 -21.38
CA ILE B 176 16.88 19.20 -22.39
C ILE B 176 16.91 18.52 -23.77
N GLU B 177 17.46 17.31 -23.82
CA GLU B 177 17.49 16.57 -25.07
C GLU B 177 16.17 15.81 -25.22
N HIS B 178 15.06 16.50 -25.00
CA HIS B 178 13.74 15.88 -25.13
C HIS B 178 13.17 16.27 -26.48
N GLY B 179 13.13 15.31 -27.41
CA GLY B 179 12.61 15.57 -28.73
C GLY B 179 13.55 16.45 -29.53
N GLY B 180 14.82 16.47 -29.11
CA GLY B 180 15.82 17.27 -29.79
C GLY B 180 16.63 16.50 -30.81
N VAL B 181 17.86 16.94 -31.02
CA VAL B 181 18.76 16.32 -31.98
C VAL B 181 19.06 14.84 -31.72
N PHE B 182 19.34 14.50 -30.46
CA PHE B 182 19.68 13.12 -30.13
C PHE B 182 18.61 12.10 -30.49
N GLU B 183 17.42 12.24 -29.90
CA GLU B 183 16.33 11.32 -30.17
C GLU B 183 15.83 11.37 -31.60
N THR B 184 15.73 12.57 -32.16
CA THR B 184 15.25 12.70 -33.53
C THR B 184 16.19 12.04 -34.52
N SER B 185 17.50 12.16 -34.27
CA SER B 185 18.47 11.55 -35.17
C SER B 185 18.37 10.04 -35.11
N LEU B 186 18.20 9.48 -33.91
CA LEU B 186 18.07 8.04 -33.79
C LEU B 186 16.82 7.55 -34.52
N MET B 187 15.73 8.29 -34.36
CA MET B 187 14.48 7.93 -35.01
C MET B 187 14.58 8.02 -36.54
N LEU B 188 15.35 9.00 -37.03
CA LEU B 188 15.53 9.15 -38.47
C LEU B 188 16.27 7.94 -39.03
N ALA B 189 17.16 7.38 -38.22
CA ALA B 189 17.94 6.24 -38.65
C ALA B 189 17.20 4.91 -38.48
N LEU B 190 16.35 4.84 -37.46
CA LEU B 190 15.61 3.61 -37.18
C LEU B 190 14.16 3.54 -37.66
N TYR B 191 13.42 4.62 -37.47
CA TYR B 191 12.01 4.67 -37.85
C TYR B 191 11.67 6.00 -38.49
N PRO B 192 12.24 6.29 -39.67
CA PRO B 192 12.01 7.54 -40.40
C PRO B 192 10.55 7.89 -40.66
N ASP B 193 9.70 6.89 -40.85
CA ASP B 193 8.30 7.14 -41.10
C ASP B 193 7.59 7.77 -39.91
N LEU B 194 8.19 7.65 -38.73
CA LEU B 194 7.60 8.20 -37.51
C LEU B 194 8.14 9.57 -37.15
N VAL B 195 8.86 10.18 -38.10
CA VAL B 195 9.43 11.51 -37.90
C VAL B 195 9.20 12.39 -39.13
N ASP B 196 8.90 13.66 -38.88
CA ASP B 196 8.67 14.62 -39.96
C ASP B 196 9.37 15.93 -39.60
N LEU B 197 10.65 16.03 -39.96
CA LEU B 197 11.43 17.23 -39.65
C LEU B 197 10.79 18.54 -40.08
N ASP B 198 10.02 18.50 -41.16
CA ASP B 198 9.37 19.72 -41.61
C ASP B 198 8.42 20.29 -40.56
N ARG B 199 8.12 19.48 -39.55
CA ARG B 199 7.22 19.92 -38.48
C ARG B 199 7.97 20.40 -37.25
N VAL B 200 9.29 20.27 -37.26
CA VAL B 200 10.11 20.71 -36.13
C VAL B 200 9.95 22.21 -35.92
N VAL B 201 9.72 22.62 -34.67
CA VAL B 201 9.60 24.03 -34.34
C VAL B 201 10.98 24.42 -33.82
N ASP B 202 11.69 25.26 -34.58
CA ASP B 202 13.03 25.66 -34.22
C ASP B 202 13.11 26.80 -33.20
N HIS B 203 13.00 26.44 -31.92
CA HIS B 203 13.06 27.40 -30.84
C HIS B 203 14.39 27.26 -30.11
N PRO B 204 14.81 28.29 -29.35
CA PRO B 204 16.09 28.19 -28.63
C PRO B 204 16.00 27.15 -27.51
N PRO B 205 17.15 26.63 -27.07
CA PRO B 205 17.14 25.64 -25.99
C PRO B 205 16.37 26.15 -24.78
N ALA B 206 15.59 25.27 -24.16
CA ALA B 206 14.82 25.67 -22.99
C ALA B 206 15.73 25.90 -21.79
N THR B 207 15.41 26.92 -21.00
CA THR B 207 16.19 27.21 -19.80
C THR B 207 15.20 27.37 -18.66
N PHE B 208 15.63 27.01 -17.46
CA PHE B 208 14.77 27.13 -16.27
C PHE B 208 15.59 27.58 -15.07
N PRO B 209 14.91 28.16 -14.05
CA PRO B 209 15.59 28.60 -12.84
C PRO B 209 15.99 27.34 -12.07
N PRO B 210 16.81 27.48 -11.01
CA PRO B 210 17.27 26.36 -10.18
C PRO B 210 16.23 25.74 -9.25
N TYR B 211 14.96 25.74 -9.67
CA TYR B 211 13.89 25.18 -8.84
C TYR B 211 12.69 24.74 -9.68
N ASP B 212 11.77 24.03 -9.06
CA ASP B 212 10.56 23.55 -9.74
C ASP B 212 9.31 24.09 -9.09
N VAL B 213 8.27 24.25 -9.88
CA VAL B 213 6.99 24.75 -9.39
C VAL B 213 5.86 23.79 -9.72
N PHE B 214 4.99 23.57 -8.73
CA PHE B 214 3.84 22.70 -8.87
C PHE B 214 2.67 23.44 -8.25
N PRO B 215 1.49 23.43 -8.89
CA PRO B 215 1.15 22.78 -10.16
C PRO B 215 2.05 23.25 -11.29
N VAL B 216 2.35 22.36 -12.23
CA VAL B 216 3.21 22.71 -13.35
C VAL B 216 2.58 23.85 -14.14
N ASP B 217 3.40 24.84 -14.47
CA ASP B 217 2.94 26.01 -15.22
C ASP B 217 3.31 25.82 -16.69
N PRO B 218 2.31 25.53 -17.54
CA PRO B 218 2.49 25.33 -18.97
C PRO B 218 3.29 26.42 -19.67
N ALA B 219 3.15 27.65 -19.18
CA ALA B 219 3.82 28.80 -19.77
C ALA B 219 5.35 28.72 -19.73
N ARG B 220 5.90 27.97 -18.78
CA ARG B 220 7.35 27.87 -18.65
C ARG B 220 7.99 26.79 -19.55
N THR B 221 7.20 26.18 -20.42
CA THR B 221 7.68 25.14 -21.33
C THR B 221 7.47 25.55 -22.78
N PRO B 222 8.44 25.26 -23.67
CA PRO B 222 8.23 25.65 -25.08
C PRO B 222 6.91 25.04 -25.56
N ALA B 223 6.10 25.86 -26.22
CA ALA B 223 4.80 25.41 -26.71
C ALA B 223 4.80 24.05 -27.42
N PRO B 224 5.82 23.74 -28.23
CA PRO B 224 5.86 22.46 -28.94
C PRO B 224 6.03 21.23 -28.05
N GLY B 225 6.56 21.42 -26.85
CA GLY B 225 6.76 20.30 -25.94
C GLY B 225 8.22 19.85 -25.93
N THR B 226 8.95 20.25 -26.96
CA THR B 226 10.37 19.91 -27.07
C THR B 226 11.17 20.85 -26.18
N LEU B 227 12.35 20.43 -25.75
CA LEU B 227 13.18 21.28 -24.90
C LEU B 227 14.37 21.82 -25.68
N SER B 228 14.55 21.32 -26.89
CA SER B 228 15.62 21.77 -27.78
C SER B 228 15.22 21.42 -29.22
N SER B 229 15.70 22.21 -30.18
CA SER B 229 15.37 22.00 -31.58
C SER B 229 16.08 20.84 -32.25
N ALA B 230 15.31 20.06 -33.01
CA ALA B 230 15.85 18.92 -33.73
C ALA B 230 16.12 19.31 -35.18
N LYS B 231 16.15 20.62 -35.43
CA LYS B 231 16.38 21.14 -36.78
C LYS B 231 17.59 20.50 -37.47
N THR B 232 18.68 20.32 -36.73
CA THR B 232 19.89 19.73 -37.30
C THR B 232 20.00 18.22 -37.15
N ALA B 233 18.92 17.57 -36.75
CA ALA B 233 18.92 16.11 -36.60
C ALA B 233 19.09 15.46 -37.97
N SER B 234 19.78 14.33 -38.01
CA SER B 234 19.99 13.64 -39.28
C SER B 234 20.14 12.14 -39.07
N ARG B 235 19.95 11.40 -40.16
CA ARG B 235 20.08 9.95 -40.16
C ARG B 235 21.54 9.60 -39.89
N GLU B 236 22.43 10.42 -40.43
CA GLU B 236 23.86 10.22 -40.28
C GLU B 236 24.22 10.26 -38.78
N LYS B 237 23.71 11.27 -38.08
CA LYS B 237 23.97 11.41 -36.66
C LYS B 237 23.37 10.21 -35.92
N GLY B 238 22.20 9.78 -36.37
CA GLY B 238 21.51 8.66 -35.75
C GLY B 238 22.30 7.36 -35.85
N GLU B 239 22.91 7.12 -37.00
CA GLU B 239 23.69 5.89 -37.19
C GLU B 239 24.95 5.90 -36.32
N LEU B 240 25.51 7.09 -36.10
CA LEU B 240 26.70 7.20 -35.27
C LEU B 240 26.32 6.93 -33.82
N ILE B 241 25.26 7.58 -33.36
CA ILE B 241 24.78 7.41 -32.00
C ILE B 241 24.50 5.93 -31.75
N LEU B 242 23.77 5.32 -32.67
CA LEU B 242 23.40 3.92 -32.55
C LEU B 242 24.61 3.01 -32.39
N GLU B 243 25.62 3.19 -33.24
CA GLU B 243 26.83 2.38 -33.16
C GLU B 243 27.56 2.60 -31.84
N VAL B 244 27.68 3.85 -31.42
CA VAL B 244 28.34 4.17 -30.17
C VAL B 244 27.67 3.50 -28.98
N CYS B 245 26.34 3.60 -28.92
CA CYS B 245 25.58 3.00 -27.83
C CYS B 245 25.67 1.48 -27.80
N VAL B 246 25.40 0.86 -28.95
CA VAL B 246 25.45 -0.60 -29.04
C VAL B 246 26.82 -1.15 -28.68
N GLN B 247 27.87 -0.55 -29.22
CA GLN B 247 29.23 -1.01 -28.94
C GLN B 247 29.58 -0.81 -27.47
N GLY B 248 29.31 0.38 -26.96
CA GLY B 248 29.61 0.67 -25.57
C GLY B 248 28.86 -0.21 -24.58
N ILE B 249 27.57 -0.40 -24.82
CA ILE B 249 26.76 -1.21 -23.92
C ILE B 249 27.13 -2.70 -24.02
N ALA B 250 27.40 -3.17 -25.23
CA ALA B 250 27.80 -4.57 -25.41
C ALA B 250 29.07 -4.85 -24.61
N ASP B 251 30.02 -3.92 -24.65
CA ASP B 251 31.27 -4.08 -23.93
C ASP B 251 31.07 -4.04 -22.41
N ALA B 252 30.24 -3.11 -21.96
CA ALA B 252 29.96 -2.98 -20.53
C ALA B 252 29.30 -4.23 -19.99
N ILE B 253 28.33 -4.77 -20.72
CA ILE B 253 27.63 -5.98 -20.29
C ILE B 253 28.58 -7.17 -20.25
N ARG B 254 29.47 -7.25 -21.24
CA ARG B 254 30.44 -8.35 -21.30
C ARG B 254 31.35 -8.26 -20.09
N GLU B 255 31.67 -7.03 -19.70
CA GLU B 255 32.54 -6.78 -18.56
C GLU B 255 31.87 -7.16 -17.24
N GLU B 256 30.60 -6.80 -17.10
CA GLU B 256 29.85 -7.10 -15.88
C GLU B 256 29.30 -8.52 -15.82
N PHE B 257 29.01 -9.11 -16.97
CA PHE B 257 28.48 -10.48 -17.02
C PHE B 257 29.32 -11.34 -17.96
N PRO B 258 30.56 -11.65 -17.56
CA PRO B 258 31.44 -12.48 -18.39
C PRO B 258 31.14 -13.97 -18.37
N PRO B 259 31.65 -14.70 -19.37
CA PRO B 259 31.44 -16.15 -19.48
C PRO B 259 31.93 -16.88 -18.23
N LYS C 3 -3.60 6.51 -42.08
CA LYS C 3 -3.03 7.01 -40.81
C LYS C 3 -3.12 5.91 -39.75
N SER C 4 -2.11 5.85 -38.88
CA SER C 4 -2.05 4.82 -37.84
C SER C 4 -3.17 4.91 -36.81
N VAL C 5 -3.60 3.75 -36.32
CA VAL C 5 -4.65 3.71 -35.30
C VAL C 5 -4.00 3.55 -33.92
N PHE C 6 -2.67 3.51 -33.89
CA PHE C 6 -1.95 3.37 -32.63
C PHE C 6 -1.53 4.71 -32.04
N VAL C 7 -1.99 4.98 -30.82
CA VAL C 7 -1.67 6.22 -30.12
C VAL C 7 -0.17 6.47 -30.08
N GLY C 8 0.60 5.41 -29.83
CA GLY C 8 2.04 5.53 -29.76
C GLY C 8 2.69 6.04 -31.03
N GLU C 9 2.03 5.83 -32.17
CA GLU C 9 2.60 6.28 -33.44
C GLU C 9 2.12 7.67 -33.86
N LEU C 10 1.32 8.32 -33.00
CA LEU C 10 0.82 9.65 -33.29
C LEU C 10 1.63 10.69 -32.53
N THR C 11 1.57 11.95 -32.98
CA THR C 11 2.25 13.04 -32.29
C THR C 11 1.21 13.46 -31.25
N TRP C 12 1.61 14.20 -30.22
CA TRP C 12 0.63 14.61 -29.23
C TRP C 12 -0.44 15.53 -29.80
N LYS C 13 -0.09 16.27 -30.85
CA LYS C 13 -1.03 17.18 -31.50
C LYS C 13 -2.11 16.39 -32.22
N GLU C 14 -1.70 15.33 -32.93
CA GLU C 14 -2.64 14.49 -33.65
C GLU C 14 -3.55 13.77 -32.65
N TYR C 15 -2.98 13.36 -31.54
CA TYR C 15 -3.75 12.67 -30.49
C TYR C 15 -4.74 13.67 -29.90
N GLU C 16 -4.25 14.87 -29.58
CA GLU C 16 -5.09 15.91 -29.01
C GLU C 16 -6.28 16.23 -29.92
N ALA C 17 -6.01 16.31 -31.22
CA ALA C 17 -7.05 16.61 -32.20
C ALA C 17 -8.13 15.53 -32.19
N ARG C 18 -7.71 14.26 -32.11
CA ARG C 18 -8.66 13.16 -32.11
C ARG C 18 -9.51 13.15 -30.83
N VAL C 19 -8.91 13.48 -29.69
CA VAL C 19 -9.68 13.51 -28.46
C VAL C 19 -10.54 14.78 -28.40
N GLY C 22 -13.66 14.20 -26.24
CA GLY C 22 -14.13 13.00 -25.56
C GLY C 22 -15.04 12.13 -26.40
N ASP C 23 -14.99 12.31 -27.72
CA ASP C 23 -15.83 11.53 -28.63
C ASP C 23 -15.07 10.30 -29.13
N CYS C 24 -13.74 10.36 -29.02
CA CYS C 24 -12.89 9.28 -29.47
C CYS C 24 -12.94 8.04 -28.58
N VAL C 25 -12.88 6.88 -29.22
CA VAL C 25 -12.89 5.63 -28.47
C VAL C 25 -11.44 5.13 -28.37
N LEU C 26 -11.00 4.88 -27.15
CA LEU C 26 -9.66 4.37 -26.91
C LEU C 26 -9.73 2.89 -26.58
N MET C 27 -8.74 2.12 -27.04
CA MET C 27 -8.71 0.68 -26.80
C MET C 27 -7.37 0.31 -26.17
N LEU C 28 -7.42 -0.53 -25.14
CA LEU C 28 -6.21 -0.97 -24.45
C LEU C 28 -6.12 -2.48 -24.33
N PRO C 29 -5.19 -3.10 -25.08
CA PRO C 29 -5.07 -4.56 -24.96
C PRO C 29 -4.33 -4.91 -23.68
N VAL C 30 -4.77 -5.96 -22.99
CA VAL C 30 -4.17 -6.39 -21.74
C VAL C 30 -3.78 -7.85 -21.88
N GLY C 31 -2.47 -8.11 -21.98
CA GLY C 31 -2.02 -9.48 -22.15
C GLY C 31 -1.20 -10.08 -21.04
N ALA C 32 -0.11 -10.74 -21.42
CA ALA C 32 0.78 -11.38 -20.46
C ALA C 32 1.95 -12.03 -21.20
N LEU C 33 2.95 -12.45 -20.44
CA LEU C 33 4.11 -13.17 -20.96
C LEU C 33 3.89 -14.49 -20.23
N GLU C 34 3.47 -15.50 -20.97
CA GLU C 34 3.13 -16.79 -20.38
C GLU C 34 3.47 -17.96 -21.29
N GLN C 35 3.88 -19.07 -20.69
CA GLN C 35 4.22 -20.26 -21.47
C GLN C 35 2.99 -20.68 -22.27
N HIS C 36 3.21 -21.12 -23.50
CA HIS C 36 2.11 -21.59 -24.34
C HIS C 36 2.46 -22.89 -25.07
N GLY C 37 2.99 -23.86 -24.32
CA GLY C 37 3.33 -25.14 -24.92
C GLY C 37 4.67 -25.18 -25.63
N HIS C 38 4.94 -26.30 -26.29
CA HIS C 38 6.19 -26.50 -27.01
C HIS C 38 6.14 -25.95 -28.43
N HIS C 39 4.94 -25.69 -28.93
CA HIS C 39 4.75 -25.24 -30.30
C HIS C 39 4.50 -23.75 -30.53
N MET C 40 4.42 -22.96 -29.47
CA MET C 40 4.11 -21.56 -29.65
C MET C 40 4.88 -20.63 -28.72
N CYS C 41 5.06 -19.37 -29.14
CA CYS C 41 5.79 -18.38 -28.35
C CYS C 41 5.03 -17.97 -27.09
N MET C 42 5.66 -17.15 -26.26
CA MET C 42 5.05 -16.73 -25.00
C MET C 42 4.35 -15.38 -24.95
N ASN C 43 4.39 -14.61 -26.02
CA ASN C 43 3.70 -13.32 -26.00
C ASN C 43 2.35 -13.35 -26.72
N VAL C 44 1.85 -14.56 -26.92
CA VAL C 44 0.55 -14.77 -27.58
C VAL C 44 -0.55 -13.87 -27.02
N ASP C 45 -0.65 -13.77 -25.69
CA ASP C 45 -1.72 -12.99 -25.06
C ASP C 45 -1.64 -11.49 -25.29
N VAL C 46 -0.52 -11.02 -25.83
CA VAL C 46 -0.39 -9.61 -26.15
C VAL C 46 -0.67 -9.48 -27.64
N LEU C 47 -0.02 -10.32 -28.43
CA LEU C 47 -0.18 -10.30 -29.89
C LEU C 47 -1.63 -10.40 -30.38
N LEU C 48 -2.37 -11.38 -29.87
CA LEU C 48 -3.74 -11.59 -30.33
C LEU C 48 -4.72 -10.45 -30.05
N PRO C 49 -4.86 -10.01 -28.79
CA PRO C 49 -5.81 -8.92 -28.57
C PRO C 49 -5.37 -7.61 -29.26
N THR C 50 -4.07 -7.43 -29.43
CA THR C 50 -3.58 -6.22 -30.10
C THR C 50 -3.99 -6.26 -31.58
N ALA C 51 -3.84 -7.44 -32.20
CA ALA C 51 -4.20 -7.60 -33.60
C ALA C 51 -5.70 -7.37 -33.80
N VAL C 52 -6.50 -7.81 -32.83
CA VAL C 52 -7.96 -7.62 -32.90
C VAL C 52 -8.29 -6.15 -32.73
N CYS C 53 -7.65 -5.52 -31.74
CA CYS C 53 -7.86 -4.09 -31.49
C CYS C 53 -7.52 -3.27 -32.74
N LYS C 54 -6.41 -3.61 -33.38
CA LYS C 54 -5.99 -2.89 -34.57
C LYS C 54 -7.06 -2.93 -35.66
N ARG C 55 -7.56 -4.11 -35.93
CA ARG C 55 -8.57 -4.30 -36.96
C ARG C 55 -9.91 -3.67 -36.60
N VAL C 56 -10.30 -3.74 -35.33
CA VAL C 56 -11.55 -3.14 -34.90
C VAL C 56 -11.40 -1.61 -34.99
N ALA C 57 -10.26 -1.11 -34.54
CA ALA C 57 -10.00 0.33 -34.56
C ALA C 57 -10.01 0.89 -35.98
N GLU C 58 -9.48 0.13 -36.93
CA GLU C 58 -9.46 0.60 -38.32
C GLU C 58 -10.88 0.70 -38.87
N ARG C 59 -11.73 -0.24 -38.47
CA ARG C 59 -13.12 -0.24 -38.93
C ARG C 59 -14.00 0.83 -38.30
N ILE C 60 -13.87 1.04 -37.00
CA ILE C 60 -14.70 2.01 -36.31
C ILE C 60 -14.06 3.37 -36.07
N GLY C 61 -12.80 3.53 -36.46
CA GLY C 61 -12.14 4.80 -36.25
C GLY C 61 -11.76 5.08 -34.81
N ALA C 62 -11.19 4.08 -34.15
CA ALA C 62 -10.77 4.20 -32.76
C ALA C 62 -9.24 4.24 -32.71
N LEU C 63 -8.69 4.48 -31.52
CA LEU C 63 -7.24 4.52 -31.33
C LEU C 63 -6.84 3.46 -30.32
N VAL C 64 -5.67 2.86 -30.52
CA VAL C 64 -5.18 1.79 -29.66
C VAL C 64 -3.96 2.21 -28.84
N MET C 65 -4.09 2.08 -27.53
CA MET C 65 -3.01 2.42 -26.60
C MET C 65 -1.99 1.29 -26.52
N PRO C 66 -0.76 1.58 -26.05
CA PRO C 66 0.26 0.53 -25.94
C PRO C 66 -0.30 -0.55 -25.00
N GLY C 67 -0.11 -1.81 -25.34
CA GLY C 67 -0.66 -2.86 -24.51
C GLY C 67 0.08 -3.20 -23.24
N LEU C 68 -0.63 -3.82 -22.29
CA LEU C 68 -0.02 -4.23 -21.05
C LEU C 68 0.63 -5.57 -21.42
N GLN C 69 1.95 -5.63 -21.23
CA GLN C 69 2.76 -6.79 -21.60
C GLN C 69 2.80 -7.90 -20.56
N TYR C 70 2.57 -7.54 -19.30
CA TYR C 70 2.59 -8.51 -18.22
C TYR C 70 1.23 -8.53 -17.51
N GLY C 71 0.75 -9.74 -17.19
CA GLY C 71 -0.53 -9.88 -16.53
C GLY C 71 -0.46 -10.64 -15.22
N TYR C 72 -1.63 -11.01 -14.69
CA TYR C 72 -1.69 -11.72 -13.42
C TYR C 72 -1.17 -13.16 -13.50
N LYS C 73 -0.80 -13.70 -12.35
CA LYS C 73 -0.27 -15.04 -12.21
C LYS C 73 -1.09 -16.12 -12.90
N SER C 74 -0.40 -17.00 -13.61
CA SER C 74 -1.04 -18.09 -14.32
C SER C 74 -1.67 -19.02 -13.29
N GLN C 75 -2.87 -19.51 -13.59
CA GLN C 75 -3.56 -20.44 -12.70
C GLN C 75 -3.59 -21.81 -13.39
N GLN C 76 -3.32 -22.86 -12.62
CA GLN C 76 -3.27 -24.20 -13.17
C GLN C 76 -4.46 -24.64 -14.03
N LYS C 77 -5.66 -24.56 -13.48
CA LYS C 77 -6.86 -25.00 -14.18
C LYS C 77 -7.20 -24.24 -15.46
N SER C 78 -6.50 -23.16 -15.74
CA SER C 78 -6.78 -22.39 -16.96
C SER C 78 -5.54 -21.90 -17.68
N GLY C 79 -4.36 -22.18 -17.12
CA GLY C 79 -3.13 -21.74 -17.76
C GLY C 79 -1.93 -22.63 -17.48
N GLY C 80 -2.15 -23.73 -16.76
CA GLY C 80 -1.06 -24.63 -16.45
C GLY C 80 -0.41 -24.38 -15.09
N GLY C 81 -0.28 -23.12 -14.71
CA GLY C 81 0.32 -22.80 -13.43
C GLY C 81 1.49 -21.84 -13.54
N ASN C 82 1.66 -21.00 -12.53
CA ASN C 82 2.73 -20.01 -12.53
C ASN C 82 4.13 -20.58 -12.23
N HIS C 83 4.22 -21.89 -12.08
CA HIS C 83 5.51 -22.51 -11.78
C HIS C 83 6.35 -22.74 -13.04
N PHE C 84 5.74 -22.58 -14.21
CA PHE C 84 6.47 -22.77 -15.46
C PHE C 84 7.50 -21.67 -15.72
N PRO C 85 8.58 -22.01 -16.44
CA PRO C 85 9.64 -21.04 -16.77
C PRO C 85 9.05 -20.09 -17.81
N GLY C 86 9.67 -18.92 -17.98
CA GLY C 86 9.19 -17.98 -18.97
C GLY C 86 8.03 -17.10 -18.51
N THR C 87 6.99 -17.73 -17.96
CA THR C 87 5.84 -16.99 -17.46
C THR C 87 6.34 -15.95 -16.46
N THR C 88 6.03 -14.68 -16.72
CA THR C 88 6.47 -13.59 -15.85
C THR C 88 5.22 -12.82 -15.47
N SER C 89 4.75 -13.04 -14.25
CA SER C 89 3.51 -12.45 -13.74
C SER C 89 3.62 -11.36 -12.68
N LEU C 90 2.64 -10.46 -12.72
CA LEU C 90 2.55 -9.36 -11.77
C LEU C 90 1.63 -9.72 -10.61
N ASP C 91 1.83 -9.05 -9.47
CA ASP C 91 0.95 -9.25 -8.32
C ASP C 91 -0.35 -8.53 -8.70
N GLY C 92 -1.44 -8.93 -8.07
CA GLY C 92 -2.72 -8.30 -8.36
C GLY C 92 -2.72 -6.80 -8.21
N ALA C 93 -2.19 -6.30 -7.10
CA ALA C 93 -2.15 -4.87 -6.84
C ALA C 93 -1.42 -4.10 -7.93
N THR C 94 -0.38 -4.71 -8.49
CA THR C 94 0.41 -4.07 -9.54
C THR C 94 -0.41 -3.88 -10.82
N LEU C 95 -1.10 -4.93 -11.24
CA LEU C 95 -1.92 -4.87 -12.45
C LEU C 95 -3.07 -3.88 -12.24
N THR C 96 -3.72 -3.98 -11.09
CA THR C 96 -4.83 -3.10 -10.78
C THR C 96 -4.37 -1.64 -10.83
N GLY C 97 -3.23 -1.36 -10.21
CA GLY C 97 -2.70 0.01 -10.20
C GLY C 97 -2.37 0.55 -11.58
N THR C 98 -1.88 -0.32 -12.45
CA THR C 98 -1.52 0.06 -13.81
C THR C 98 -2.77 0.50 -14.57
N VAL C 99 -3.82 -0.32 -14.47
CA VAL C 99 -5.08 0.01 -15.14
C VAL C 99 -5.61 1.32 -14.57
N GLN C 100 -5.55 1.44 -13.25
CA GLN C 100 -6.04 2.63 -12.55
C GLN C 100 -5.32 3.90 -13.02
N ASP C 101 -3.99 3.85 -13.06
CA ASP C 101 -3.20 5.00 -13.49
C ASP C 101 -3.52 5.42 -14.93
N ILE C 102 -3.61 4.45 -15.83
CA ILE C 102 -3.87 4.75 -17.23
C ILE C 102 -5.22 5.43 -17.44
N ILE C 103 -6.25 4.94 -16.76
CA ILE C 103 -7.58 5.53 -16.87
C ILE C 103 -7.54 6.98 -16.37
N ARG C 104 -6.88 7.20 -15.23
CA ARG C 104 -6.75 8.53 -14.66
C ARG C 104 -6.11 9.49 -15.67
N GLU C 105 -5.08 9.02 -16.34
CA GLU C 105 -4.38 9.85 -17.33
C GLU C 105 -5.23 10.10 -18.57
N LEU C 106 -5.92 9.07 -19.05
CA LEU C 106 -6.77 9.22 -20.22
C LEU C 106 -7.85 10.27 -19.93
N ALA C 107 -8.41 10.20 -18.72
CA ALA C 107 -9.44 11.16 -18.32
C ALA C 107 -8.86 12.57 -18.34
N ARG C 108 -7.61 12.69 -17.88
CA ARG C 108 -6.94 13.99 -17.88
C ARG C 108 -6.85 14.53 -19.32
N HIS C 109 -6.59 13.65 -20.26
CA HIS C 109 -6.50 14.03 -21.68
C HIS C 109 -7.84 14.54 -22.19
N GLY C 110 -8.92 14.10 -21.55
CA GLY C 110 -10.24 14.51 -21.98
C GLY C 110 -10.99 13.33 -22.58
N ALA C 111 -10.30 12.19 -22.67
CA ALA C 111 -10.94 10.99 -23.22
C ALA C 111 -12.02 10.56 -22.23
N ARG C 112 -13.09 9.94 -22.73
CA ARG C 112 -14.18 9.49 -21.85
C ARG C 112 -14.76 8.14 -22.26
N ARG C 113 -14.12 7.49 -23.23
CA ARG C 113 -14.57 6.20 -23.73
C ARG C 113 -13.38 5.25 -23.84
N LEU C 114 -13.44 4.14 -23.11
CA LEU C 114 -12.34 3.18 -23.14
C LEU C 114 -12.82 1.74 -23.25
N VAL C 115 -12.12 0.98 -24.08
CA VAL C 115 -12.42 -0.43 -24.26
C VAL C 115 -11.17 -1.18 -23.81
N LEU C 116 -11.31 -2.00 -22.77
CA LEU C 116 -10.18 -2.79 -22.30
C LEU C 116 -10.37 -4.20 -22.88
N MET C 117 -9.46 -4.60 -23.76
CA MET C 117 -9.54 -5.92 -24.38
C MET C 117 -8.56 -6.88 -23.75
N ASN C 118 -9.09 -7.77 -22.91
CA ASN C 118 -8.28 -8.76 -22.22
C ASN C 118 -7.92 -9.92 -23.14
N GLY C 119 -6.71 -10.43 -22.99
CA GLY C 119 -6.26 -11.55 -23.80
C GLY C 119 -5.66 -12.66 -22.96
N HIS C 120 -5.63 -12.43 -21.64
CA HIS C 120 -5.09 -13.38 -20.68
C HIS C 120 -6.19 -13.75 -19.68
N TYR C 121 -6.52 -15.03 -19.62
CA TYR C 121 -7.60 -15.53 -18.77
C TYR C 121 -7.61 -15.05 -17.32
N GLN C 122 -6.44 -14.89 -16.73
CA GLN C 122 -6.31 -14.48 -15.33
C GLN C 122 -6.48 -12.99 -15.01
N ASN C 123 -6.41 -12.12 -16.01
CA ASN C 123 -6.47 -10.68 -15.77
C ASN C 123 -7.79 -10.06 -15.31
N SER C 124 -8.89 -10.60 -15.81
CA SER C 124 -10.24 -10.08 -15.57
C SER C 124 -10.59 -9.35 -14.27
N MET C 125 -10.53 -10.02 -13.12
CA MET C 125 -10.91 -9.38 -11.87
C MET C 125 -10.02 -8.21 -11.45
N PHE C 126 -8.74 -8.27 -11.83
CA PHE C 126 -7.83 -7.19 -11.45
C PHE C 126 -8.04 -5.97 -12.34
N ILE C 127 -8.48 -6.21 -13.59
CA ILE C 127 -8.77 -5.11 -14.50
C ILE C 127 -10.03 -4.45 -13.94
N VAL C 128 -10.98 -5.26 -13.50
CA VAL C 128 -12.23 -4.78 -12.93
C VAL C 128 -12.00 -3.89 -11.70
N GLU C 129 -11.08 -4.28 -10.83
CA GLU C 129 -10.80 -3.49 -9.64
C GLU C 129 -10.13 -2.18 -10.06
N GLY C 130 -9.23 -2.26 -11.03
CA GLY C 130 -8.56 -1.07 -11.51
C GLY C 130 -9.55 -0.06 -12.06
N ILE C 131 -10.56 -0.56 -12.76
CA ILE C 131 -11.60 0.31 -13.33
C ILE C 131 -12.40 0.97 -12.21
N ASP C 132 -12.83 0.18 -11.22
CA ASP C 132 -13.62 0.70 -10.12
C ASP C 132 -12.89 1.78 -9.33
N LEU C 133 -11.62 1.52 -9.01
CA LEU C 133 -10.83 2.50 -8.25
C LEU C 133 -10.64 3.79 -9.03
N ALA C 134 -10.43 3.66 -10.35
CA ALA C 134 -10.24 4.84 -11.19
C ALA C 134 -11.54 5.66 -11.29
N LEU C 135 -12.66 4.97 -11.48
CA LEU C 135 -13.95 5.65 -11.58
C LEU C 135 -14.29 6.30 -10.24
N ARG C 136 -13.94 5.63 -9.15
CA ARG C 136 -14.19 6.18 -7.82
C ARG C 136 -13.46 7.53 -7.71
N GLU C 137 -12.19 7.55 -8.12
CA GLU C 137 -11.39 8.78 -8.09
C GLU C 137 -11.96 9.87 -9.00
N LEU C 138 -12.39 9.48 -10.18
CA LEU C 138 -12.96 10.45 -11.12
C LEU C 138 -14.18 11.10 -10.50
N ARG C 139 -14.95 10.33 -9.74
CA ARG C 139 -16.14 10.89 -9.10
C ARG C 139 -15.73 11.94 -8.05
N TYR C 140 -14.60 11.72 -7.38
CA TYR C 140 -14.14 12.68 -6.38
C TYR C 140 -13.87 14.01 -7.08
N ALA C 141 -13.48 13.92 -8.35
CA ALA C 141 -13.18 15.11 -9.16
C ALA C 141 -14.43 15.64 -9.85
N GLY C 142 -15.57 15.02 -9.56
CA GLY C 142 -16.81 15.45 -10.16
C GLY C 142 -16.98 15.01 -11.61
N ILE C 143 -16.30 13.91 -11.96
CA ILE C 143 -16.36 13.37 -13.32
C ILE C 143 -17.13 12.05 -13.29
N GLN C 144 -18.26 12.00 -13.99
CA GLN C 144 -19.07 10.79 -14.03
C GLN C 144 -19.45 10.37 -15.44
N ASP C 145 -18.83 10.97 -16.43
CA ASP C 145 -19.15 10.63 -17.82
C ASP C 145 -18.08 9.77 -18.50
N PHE C 146 -17.21 9.15 -17.71
CA PHE C 146 -16.19 8.27 -18.29
C PHE C 146 -16.85 6.89 -18.32
N LYS C 147 -16.90 6.29 -19.50
CA LYS C 147 -17.53 4.98 -19.66
C LYS C 147 -16.51 3.95 -20.11
N VAL C 148 -16.56 2.77 -19.48
CA VAL C 148 -15.63 1.70 -19.80
C VAL C 148 -16.31 0.40 -20.21
N VAL C 149 -15.80 -0.22 -21.25
CA VAL C 149 -16.28 -1.50 -21.73
C VAL C 149 -15.08 -2.43 -21.60
N VAL C 150 -15.27 -3.55 -20.90
CA VAL C 150 -14.18 -4.51 -20.74
C VAL C 150 -14.64 -5.87 -21.27
N LEU C 151 -13.75 -6.54 -21.99
CA LEU C 151 -14.08 -7.83 -22.58
C LEU C 151 -12.87 -8.69 -22.89
N SER C 152 -13.09 -10.01 -22.92
CA SER C 152 -12.07 -10.97 -23.29
C SER C 152 -12.53 -11.30 -24.71
N TYR C 153 -11.68 -11.01 -25.70
CA TYR C 153 -12.07 -11.19 -27.09
C TYR C 153 -12.65 -12.55 -27.48
N TRP C 154 -12.19 -13.63 -26.87
CA TRP C 154 -12.71 -14.95 -27.21
C TRP C 154 -14.20 -15.13 -26.88
N ASP C 155 -14.73 -14.32 -25.99
CA ASP C 155 -16.14 -14.42 -25.63
C ASP C 155 -17.07 -14.08 -26.78
N PHE C 156 -16.53 -13.43 -27.81
CA PHE C 156 -17.34 -13.06 -28.96
C PHE C 156 -17.51 -14.18 -29.98
N VAL C 157 -16.85 -15.30 -29.73
CA VAL C 157 -16.98 -16.45 -30.61
C VAL C 157 -18.00 -17.32 -29.88
N LYS C 158 -19.28 -17.07 -30.14
CA LYS C 158 -20.34 -17.80 -29.46
C LYS C 158 -21.45 -18.36 -30.37
N ASP C 159 -21.53 -17.86 -31.60
CA ASP C 159 -22.55 -18.33 -32.53
C ASP C 159 -22.41 -19.84 -32.72
N PRO C 160 -23.51 -20.59 -32.50
CA PRO C 160 -23.51 -22.05 -32.65
C PRO C 160 -22.94 -22.52 -33.99
N ALA C 161 -23.30 -21.81 -35.06
CA ALA C 161 -22.84 -22.16 -36.39
C ALA C 161 -21.32 -21.97 -36.52
N VAL C 162 -20.78 -20.98 -35.83
CA VAL C 162 -19.35 -20.71 -35.88
C VAL C 162 -18.58 -21.73 -35.04
N ILE C 163 -19.06 -21.96 -33.82
CA ILE C 163 -18.43 -22.93 -32.93
C ILE C 163 -18.46 -24.30 -33.59
N GLN C 164 -19.56 -24.56 -34.29
CA GLN C 164 -19.76 -25.82 -35.00
C GLN C 164 -18.68 -25.99 -36.06
N GLN C 165 -18.50 -24.96 -36.87
CA GLN C 165 -17.52 -24.96 -37.95
C GLN C 165 -16.08 -25.06 -37.41
N LEU C 166 -15.82 -24.36 -36.32
CA LEU C 166 -14.49 -24.36 -35.70
C LEU C 166 -14.20 -25.65 -34.92
N TYR C 167 -15.23 -26.21 -34.30
CA TYR C 167 -15.06 -27.43 -33.52
C TYR C 167 -16.06 -28.52 -33.92
N PRO C 168 -15.88 -29.11 -35.11
CA PRO C 168 -16.80 -30.16 -35.54
C PRO C 168 -16.75 -31.36 -34.60
N GLU C 169 -15.73 -31.39 -33.75
CA GLU C 169 -15.55 -32.50 -32.81
C GLU C 169 -15.99 -32.14 -31.40
N GLY C 170 -16.55 -30.95 -31.22
CA GLY C 170 -17.01 -30.53 -29.91
C GLY C 170 -16.20 -29.43 -29.26
N PHE C 171 -16.89 -28.46 -28.67
CA PHE C 171 -16.25 -27.33 -28.01
C PHE C 171 -15.74 -27.81 -26.65
N LEU C 172 -14.54 -27.36 -26.28
CA LEU C 172 -13.93 -27.78 -25.02
C LEU C 172 -14.10 -26.80 -23.85
N GLY C 173 -14.17 -25.51 -24.15
CA GLY C 173 -14.32 -24.53 -23.10
C GLY C 173 -13.13 -23.58 -23.06
N TRP C 174 -13.40 -22.29 -22.89
CA TRP C 174 -12.34 -21.29 -22.86
C TRP C 174 -11.30 -21.54 -21.78
N ASP C 175 -11.72 -22.10 -20.65
CA ASP C 175 -10.77 -22.35 -19.56
C ASP C 175 -9.62 -23.27 -19.97
N ILE C 176 -9.89 -24.28 -20.80
CA ILE C 176 -8.82 -25.18 -21.23
C ILE C 176 -8.31 -24.86 -22.63
N GLU C 177 -8.70 -23.71 -23.16
CA GLU C 177 -8.21 -23.30 -24.47
C GLU C 177 -6.90 -22.55 -24.29
N HIS C 178 -5.96 -23.18 -23.59
CA HIS C 178 -4.65 -22.57 -23.38
C HIS C 178 -3.64 -23.27 -24.28
N GLY C 179 -3.21 -22.58 -25.33
CA GLY C 179 -2.26 -23.18 -26.25
C GLY C 179 -2.93 -24.26 -27.09
N GLY C 180 -4.26 -24.20 -27.16
CA GLY C 180 -5.02 -25.18 -27.93
C GLY C 180 -5.37 -24.71 -29.33
N VAL C 181 -6.47 -25.25 -29.85
CA VAL C 181 -6.93 -24.91 -31.19
C VAL C 181 -7.20 -23.43 -31.44
N PHE C 182 -7.91 -22.79 -30.52
CA PHE C 182 -8.28 -21.39 -30.66
C PHE C 182 -7.12 -20.43 -30.85
N GLU C 183 -6.21 -20.38 -29.89
CA GLU C 183 -5.07 -19.48 -29.98
C GLU C 183 -4.09 -19.87 -31.08
N THR C 184 -3.82 -21.16 -31.18
CA THR C 184 -2.87 -21.63 -32.19
C THR C 184 -3.36 -21.34 -33.60
N SER C 185 -4.67 -21.44 -33.83
CA SER C 185 -5.24 -21.15 -35.14
C SER C 185 -5.11 -19.67 -35.45
N LEU C 186 -5.37 -18.82 -34.46
CA LEU C 186 -5.25 -17.38 -34.67
C LEU C 186 -3.80 -17.03 -35.00
N MET C 187 -2.87 -17.65 -34.28
CA MET C 187 -1.46 -17.39 -34.51
C MET C 187 -1.03 -17.85 -35.91
N LEU C 188 -1.57 -18.97 -36.36
CA LEU C 188 -1.24 -19.50 -37.69
C LEU C 188 -1.71 -18.52 -38.76
N ALA C 189 -2.78 -17.79 -38.47
CA ALA C 189 -3.34 -16.83 -39.40
C ALA C 189 -2.63 -15.48 -39.34
N LEU C 190 -2.17 -15.09 -38.16
CA LEU C 190 -1.51 -13.79 -37.97
C LEU C 190 0.00 -13.82 -37.91
N TYR C 191 0.57 -14.76 -37.16
CA TYR C 191 2.02 -14.85 -37.00
C TYR C 191 2.50 -16.29 -37.13
N PRO C 192 2.32 -16.89 -38.31
CA PRO C 192 2.72 -18.28 -38.56
C PRO C 192 4.16 -18.64 -38.18
N ASP C 193 5.08 -17.69 -38.35
CA ASP C 193 6.48 -17.94 -38.02
C ASP C 193 6.69 -18.22 -36.54
N LEU C 194 5.75 -17.79 -35.71
CA LEU C 194 5.87 -17.99 -34.26
C LEU C 194 5.21 -19.28 -33.78
N VAL C 195 4.77 -20.09 -34.73
CA VAL C 195 4.13 -21.37 -34.42
C VAL C 195 4.80 -22.51 -35.18
N ASP C 196 4.90 -23.66 -34.53
CA ASP C 196 5.48 -24.86 -35.15
C ASP C 196 4.59 -26.04 -34.75
N LEU C 197 3.59 -26.32 -35.57
CA LEU C 197 2.64 -27.40 -35.29
C LEU C 197 3.27 -28.76 -35.11
N ASP C 198 4.45 -28.99 -35.68
CA ASP C 198 5.09 -30.28 -35.53
C ASP C 198 5.53 -30.54 -34.10
N ARG C 199 5.56 -29.48 -33.29
CA ARG C 199 5.97 -29.60 -31.90
C ARG C 199 4.81 -29.79 -30.93
N VAL C 200 3.59 -29.73 -31.46
CA VAL C 200 2.41 -29.91 -30.63
C VAL C 200 2.39 -31.30 -30.01
N VAL C 201 2.11 -31.35 -28.70
CA VAL C 201 2.00 -32.63 -28.00
C VAL C 201 0.50 -32.88 -27.94
N ASP C 202 0.04 -33.85 -28.72
CA ASP C 202 -1.39 -34.17 -28.82
C ASP C 202 -1.94 -34.99 -27.64
N HIS C 203 -2.15 -34.33 -26.50
CA HIS C 203 -2.66 -34.99 -25.31
C HIS C 203 -4.17 -34.76 -25.17
N PRO C 204 -4.84 -35.56 -24.33
CA PRO C 204 -6.29 -35.42 -24.12
C PRO C 204 -6.58 -34.10 -23.40
N PRO C 205 -7.81 -33.56 -23.55
CA PRO C 205 -8.13 -32.31 -22.87
C PRO C 205 -7.89 -32.45 -21.37
N ALA C 206 -7.27 -31.44 -20.77
CA ALA C 206 -6.99 -31.48 -19.34
C ALA C 206 -8.27 -31.39 -18.52
N THR C 207 -8.33 -32.17 -17.44
CA THR C 207 -9.49 -32.15 -16.55
C THR C 207 -9.00 -32.00 -15.12
N PHE C 208 -9.79 -31.35 -14.28
CA PHE C 208 -9.41 -31.14 -12.88
C PHE C 208 -10.60 -31.35 -11.96
N PRO C 209 -10.33 -31.60 -10.67
CA PRO C 209 -11.40 -31.79 -9.69
C PRO C 209 -12.01 -30.41 -9.41
N PRO C 210 -13.19 -30.36 -8.79
CA PRO C 210 -13.88 -29.11 -8.47
C PRO C 210 -13.26 -28.22 -7.39
N TYR C 211 -11.93 -28.25 -7.27
CA TYR C 211 -11.23 -27.43 -6.29
C TYR C 211 -9.82 -27.09 -6.78
N ASP C 212 -9.15 -26.21 -6.06
CA ASP C 212 -7.81 -25.75 -6.42
C ASP C 212 -6.83 -26.05 -5.29
N VAL C 213 -5.58 -26.36 -5.64
CA VAL C 213 -4.56 -26.67 -4.64
C VAL C 213 -3.31 -25.80 -4.75
N PHE C 214 -2.85 -25.29 -3.61
CA PHE C 214 -1.65 -24.44 -3.54
C PHE C 214 -0.80 -24.95 -2.37
N PRO C 215 0.52 -25.04 -2.54
CA PRO C 215 1.34 -24.72 -3.71
C PRO C 215 0.89 -25.53 -4.92
N VAL C 216 0.97 -24.93 -6.10
CA VAL C 216 0.57 -25.62 -7.33
C VAL C 216 1.35 -26.91 -7.54
N ASP C 217 0.62 -27.98 -7.81
CA ASP C 217 1.22 -29.30 -8.05
C ASP C 217 1.41 -29.50 -9.56
N PRO C 218 2.64 -29.33 -10.06
CA PRO C 218 2.93 -29.50 -11.48
C PRO C 218 2.46 -30.80 -12.12
N ALA C 219 2.31 -31.85 -11.31
CA ALA C 219 1.87 -33.14 -11.81
C ALA C 219 0.44 -33.14 -12.31
N ARG C 220 -0.36 -32.18 -11.85
CA ARG C 220 -1.76 -32.10 -12.26
C ARG C 220 -1.96 -31.35 -13.58
N THR C 221 -0.86 -30.91 -14.17
CA THR C 221 -0.89 -30.18 -15.44
C THR C 221 -0.18 -30.96 -16.53
N PRO C 222 -0.74 -31.00 -17.76
CA PRO C 222 -0.08 -31.72 -18.83
C PRO C 222 1.35 -31.17 -18.96
N ALA C 223 2.33 -32.07 -19.02
CA ALA C 223 3.74 -31.68 -19.13
C ALA C 223 4.08 -30.54 -20.09
N PRO C 224 3.47 -30.51 -21.27
CA PRO C 224 3.78 -29.43 -22.22
C PRO C 224 3.28 -28.04 -21.84
N GLY C 225 2.39 -27.97 -20.83
CA GLY C 225 1.86 -26.69 -20.40
C GLY C 225 0.52 -26.32 -21.00
N THR C 226 0.18 -26.97 -22.11
CA THR C 226 -1.09 -26.72 -22.79
C THR C 226 -2.20 -27.46 -22.04
N LEU C 227 -3.44 -27.01 -22.18
CA LEU C 227 -4.55 -27.67 -21.51
C LEU C 227 -5.39 -28.46 -22.52
N SER C 228 -5.16 -28.22 -23.80
CA SER C 228 -5.84 -28.94 -24.88
C SER C 228 -4.92 -28.94 -26.10
N SER C 229 -5.06 -29.93 -26.97
CA SER C 229 -4.22 -30.05 -28.14
C SER C 229 -4.58 -29.16 -29.32
N ALA C 230 -3.56 -28.57 -29.94
CA ALA C 230 -3.75 -27.69 -31.10
C ALA C 230 -3.43 -28.44 -32.39
N LYS C 231 -3.40 -29.77 -32.32
CA LYS C 231 -3.09 -30.59 -33.49
C LYS C 231 -3.93 -30.25 -34.72
N THR C 232 -5.22 -30.03 -34.52
CA THR C 232 -6.09 -29.72 -35.64
C THR C 232 -6.20 -28.22 -35.93
N ALA C 233 -5.30 -27.43 -35.36
CA ALA C 233 -5.32 -26.00 -35.57
C ALA C 233 -5.01 -25.70 -37.04
N SER C 234 -5.62 -24.64 -37.57
CA SER C 234 -5.40 -24.29 -38.97
C SER C 234 -5.51 -22.79 -39.19
N ARG C 235 -4.90 -22.32 -40.28
CA ARG C 235 -4.93 -20.92 -40.65
C ARG C 235 -6.37 -20.52 -40.95
N GLU C 236 -7.10 -21.42 -41.60
CA GLU C 236 -8.50 -21.17 -41.94
C GLU C 236 -9.34 -20.92 -40.70
N LYS C 237 -9.15 -21.74 -39.67
CA LYS C 237 -9.89 -21.58 -38.42
C LYS C 237 -9.55 -20.22 -37.82
N GLY C 238 -8.27 -19.86 -37.86
CA GLY C 238 -7.85 -18.59 -37.32
C GLY C 238 -8.46 -17.41 -38.06
N GLU C 239 -8.56 -17.53 -39.38
CA GLU C 239 -9.14 -16.47 -40.19
C GLU C 239 -10.61 -16.26 -39.84
N LEU C 240 -11.31 -17.35 -39.58
CA LEU C 240 -12.73 -17.28 -39.23
C LEU C 240 -12.87 -16.65 -37.84
N ILE C 241 -12.06 -17.13 -36.89
CA ILE C 241 -12.10 -16.59 -35.52
C ILE C 241 -11.87 -15.08 -35.57
N LEU C 242 -10.87 -14.66 -36.32
CA LEU C 242 -10.54 -13.24 -36.43
C LEU C 242 -11.71 -12.42 -36.97
N GLU C 243 -12.28 -12.86 -38.09
CA GLU C 243 -13.40 -12.14 -38.70
C GLU C 243 -14.59 -12.03 -37.75
N VAL C 244 -14.90 -13.13 -37.07
CA VAL C 244 -16.02 -13.16 -36.13
C VAL C 244 -15.78 -12.20 -34.96
N CYS C 245 -14.59 -12.26 -34.36
CA CYS C 245 -14.26 -11.39 -33.24
C CYS C 245 -14.26 -9.92 -33.63
N VAL C 246 -13.59 -9.59 -34.72
CA VAL C 246 -13.52 -8.20 -35.17
C VAL C 246 -14.91 -7.63 -35.45
N GLN C 247 -15.73 -8.37 -36.17
CA GLN C 247 -17.08 -7.91 -36.48
C GLN C 247 -17.92 -7.75 -35.21
N GLY C 248 -17.92 -8.78 -34.38
CA GLY C 248 -18.71 -8.72 -33.15
C GLY C 248 -18.31 -7.60 -32.21
N ILE C 249 -17.01 -7.43 -32.01
CA ILE C 249 -16.52 -6.38 -31.13
C ILE C 249 -16.80 -5.00 -31.71
N ALA C 250 -16.58 -4.85 -33.02
CA ALA C 250 -16.82 -3.57 -33.68
C ALA C 250 -18.29 -3.15 -33.50
N ASP C 251 -19.20 -4.09 -33.68
CA ASP C 251 -20.63 -3.80 -33.53
C ASP C 251 -20.96 -3.45 -32.08
N ALA C 252 -20.38 -4.18 -31.14
CA ALA C 252 -20.63 -3.92 -29.73
C ALA C 252 -20.16 -2.52 -29.34
N ILE C 253 -18.98 -2.14 -29.81
CA ILE C 253 -18.43 -0.83 -29.49
C ILE C 253 -19.28 0.30 -30.07
N ARG C 254 -19.75 0.14 -31.31
CA ARG C 254 -20.59 1.14 -31.95
C ARG C 254 -21.87 1.33 -31.15
N GLU C 255 -22.37 0.23 -30.59
CA GLU C 255 -23.58 0.27 -29.79
C GLU C 255 -23.37 1.02 -28.48
N GLU C 256 -22.29 0.67 -27.79
CA GLU C 256 -21.96 1.28 -26.51
C GLU C 256 -21.38 2.69 -26.62
N PHE C 257 -20.70 2.96 -27.73
CA PHE C 257 -20.10 4.28 -27.94
C PHE C 257 -20.52 4.80 -29.32
N PRO C 258 -21.81 5.14 -29.47
CA PRO C 258 -22.33 5.65 -30.74
C PRO C 258 -21.67 6.96 -31.17
N PRO C 259 -21.46 7.12 -32.49
CA PRO C 259 -20.84 8.33 -33.04
C PRO C 259 -21.64 9.58 -32.70
N LYS D 3 -17.68 -32.33 21.24
CA LYS D 3 -16.96 -31.01 21.20
C LYS D 3 -17.30 -30.27 19.91
N SER D 4 -17.34 -28.94 20.00
CA SER D 4 -17.66 -28.10 18.85
C SER D 4 -16.59 -28.21 17.78
N VAL D 5 -16.98 -27.96 16.53
CA VAL D 5 -16.02 -28.00 15.43
C VAL D 5 -15.58 -26.56 15.11
N PHE D 6 -16.13 -25.60 15.85
CA PHE D 6 -15.79 -24.18 15.63
C PHE D 6 -14.66 -23.68 16.53
N VAL D 7 -13.57 -23.24 15.91
CA VAL D 7 -12.41 -22.72 16.64
C VAL D 7 -12.81 -21.66 17.66
N GLY D 8 -13.71 -20.77 17.26
CA GLY D 8 -14.16 -19.71 18.15
C GLY D 8 -14.77 -20.19 19.46
N GLU D 9 -15.32 -21.40 19.47
CA GLU D 9 -15.95 -21.92 20.68
C GLU D 9 -15.01 -22.77 21.54
N LEU D 10 -13.76 -22.90 21.09
CA LEU D 10 -12.77 -23.67 21.83
C LEU D 10 -11.89 -22.74 22.65
N THR D 11 -11.25 -23.27 23.69
CA THR D 11 -10.33 -22.48 24.50
C THR D 11 -9.03 -22.60 23.72
N TRP D 12 -8.04 -21.75 24.01
CA TRP D 12 -6.80 -21.86 23.25
C TRP D 12 -6.06 -23.17 23.54
N LYS D 13 -6.30 -23.74 24.71
CA LYS D 13 -5.66 -25.00 25.09
C LYS D 13 -6.21 -26.14 24.24
N GLU D 14 -7.52 -26.14 24.04
CA GLU D 14 -8.18 -27.16 23.23
C GLU D 14 -7.73 -27.03 21.78
N TYR D 15 -7.64 -25.81 21.30
CA TYR D 15 -7.20 -25.55 19.93
C TYR D 15 -5.77 -26.05 19.77
N GLU D 16 -4.90 -25.65 20.70
CA GLU D 16 -3.50 -26.05 20.68
C GLU D 16 -3.33 -27.56 20.58
N ALA D 17 -4.10 -28.29 21.39
CA ALA D 17 -4.04 -29.75 21.41
C ALA D 17 -4.43 -30.33 20.05
N ARG D 18 -5.43 -29.73 19.42
CA ARG D 18 -5.88 -30.21 18.12
C ARG D 18 -4.84 -29.99 17.03
N VAL D 19 -4.11 -28.88 17.10
CA VAL D 19 -3.08 -28.64 16.09
C VAL D 19 -1.87 -29.52 16.40
N ALA D 20 -1.69 -29.84 17.69
CA ALA D 20 -0.57 -30.68 18.12
C ALA D 20 -0.94 -32.15 18.01
N GLY D 22 0.22 -30.00 13.22
CA GLY D 22 -0.04 -29.73 11.82
C GLY D 22 -0.83 -30.82 11.11
N ASP D 23 -1.45 -31.72 11.87
CA ASP D 23 -2.23 -32.81 11.29
C ASP D 23 -3.69 -32.42 11.11
N CYS D 24 -4.12 -31.44 11.89
CA CYS D 24 -5.49 -30.96 11.86
C CYS D 24 -5.82 -30.15 10.60
N VAL D 25 -7.04 -30.28 10.11
CA VAL D 25 -7.47 -29.54 8.94
C VAL D 25 -8.35 -28.37 9.40
N LEU D 26 -8.01 -27.17 8.94
CA LEU D 26 -8.77 -25.98 9.30
C LEU D 26 -9.61 -25.54 8.11
N MET D 27 -10.80 -25.03 8.38
CA MET D 27 -11.68 -24.58 7.31
C MET D 27 -12.12 -23.14 7.54
N LEU D 28 -12.08 -22.34 6.47
CA LEU D 28 -12.46 -20.95 6.55
C LEU D 28 -13.51 -20.55 5.54
N PRO D 29 -14.74 -20.27 6.00
CA PRO D 29 -15.82 -19.87 5.09
C PRO D 29 -15.59 -18.42 4.66
N VAL D 30 -15.74 -18.14 3.36
CA VAL D 30 -15.55 -16.79 2.85
C VAL D 30 -16.82 -16.37 2.13
N GLY D 31 -17.58 -15.48 2.74
CA GLY D 31 -18.84 -15.04 2.15
C GLY D 31 -18.92 -13.59 1.72
N ALA D 32 -20.04 -12.95 2.06
CA ALA D 32 -20.29 -11.56 1.71
C ALA D 32 -21.63 -11.12 2.26
N LEU D 33 -21.87 -9.82 2.20
CA LEU D 33 -23.14 -9.24 2.61
C LEU D 33 -23.59 -8.68 1.27
N GLU D 34 -24.55 -9.36 0.64
CA GLU D 34 -25.01 -8.99 -0.69
C GLU D 34 -26.50 -9.19 -0.87
N GLN D 35 -27.12 -8.29 -1.63
CA GLN D 35 -28.55 -8.38 -1.89
C GLN D 35 -28.84 -9.71 -2.58
N HIS D 36 -29.93 -10.36 -2.16
CA HIS D 36 -30.34 -11.63 -2.75
C HIS D 36 -31.82 -11.65 -3.11
N GLY D 37 -32.27 -10.62 -3.82
CA GLY D 37 -33.66 -10.56 -4.22
C GLY D 37 -34.62 -10.05 -3.17
N HIS D 38 -35.92 -10.13 -3.46
CA HIS D 38 -36.95 -9.67 -2.54
C HIS D 38 -37.39 -10.75 -1.55
N HIS D 39 -37.02 -11.99 -1.83
CA HIS D 39 -37.43 -13.12 -1.00
C HIS D 39 -36.41 -13.70 -0.04
N MET D 40 -35.19 -13.18 -0.06
CA MET D 40 -34.15 -13.76 0.80
C MET D 40 -33.28 -12.71 1.48
N CYS D 41 -32.70 -13.07 2.62
CA CYS D 41 -31.85 -12.16 3.38
C CYS D 41 -30.50 -11.96 2.68
N MET D 42 -29.70 -11.03 3.19
CA MET D 42 -28.42 -10.68 2.59
C MET D 42 -27.15 -11.40 3.07
N ASN D 43 -27.26 -12.25 4.09
CA ASN D 43 -26.06 -12.94 4.56
C ASN D 43 -25.97 -14.39 4.10
N VAL D 44 -26.70 -14.69 3.02
CA VAL D 44 -26.73 -16.03 2.43
C VAL D 44 -25.34 -16.59 2.12
N ASP D 45 -24.47 -15.76 1.53
CA ASP D 45 -23.14 -16.22 1.15
C ASP D 45 -22.22 -16.58 2.31
N VAL D 46 -22.63 -16.22 3.53
CA VAL D 46 -21.84 -16.57 4.71
C VAL D 46 -22.51 -17.81 5.31
N LEU D 47 -23.82 -17.75 5.47
CA LEU D 47 -24.58 -18.86 6.05
C LEU D 47 -24.37 -20.21 5.39
N LEU D 48 -24.51 -20.24 4.06
CA LEU D 48 -24.37 -21.49 3.32
C LEU D 48 -23.02 -22.17 3.40
N PRO D 49 -21.94 -21.46 3.00
CA PRO D 49 -20.65 -22.14 3.09
C PRO D 49 -20.28 -22.50 4.53
N THR D 50 -20.79 -21.73 5.48
CA THR D 50 -20.49 -22.02 6.89
C THR D 50 -21.22 -23.29 7.31
N ALA D 51 -22.48 -23.44 6.87
CA ALA D 51 -23.27 -24.62 7.21
C ALA D 51 -22.60 -25.87 6.61
N VAL D 52 -22.09 -25.72 5.39
CA VAL D 52 -21.43 -26.81 4.70
C VAL D 52 -20.12 -27.18 5.40
N CYS D 53 -19.36 -26.17 5.81
CA CYS D 53 -18.11 -26.42 6.51
C CYS D 53 -18.39 -27.19 7.80
N LYS D 54 -19.40 -26.76 8.52
CA LYS D 54 -19.76 -27.38 9.80
C LYS D 54 -20.02 -28.87 9.65
N ARG D 55 -20.85 -29.23 8.68
CA ARG D 55 -21.19 -30.62 8.44
C ARG D 55 -20.01 -31.43 7.92
N VAL D 56 -19.17 -30.81 7.09
CA VAL D 56 -17.99 -31.49 6.58
C VAL D 56 -17.01 -31.71 7.73
N ALA D 57 -16.84 -30.68 8.56
CA ALA D 57 -15.93 -30.74 9.69
C ALA D 57 -16.32 -31.84 10.68
N GLU D 58 -17.63 -32.00 10.90
CA GLU D 58 -18.11 -33.02 11.82
C GLU D 58 -17.77 -34.42 11.31
N ARG D 59 -17.86 -34.61 10.00
CA ARG D 59 -17.58 -35.92 9.40
C ARG D 59 -16.10 -36.28 9.28
N ILE D 60 -15.26 -35.29 8.99
CA ILE D 60 -13.84 -35.57 8.82
C ILE D 60 -12.99 -35.21 10.03
N GLY D 61 -13.60 -34.55 11.01
CA GLY D 61 -12.86 -34.17 12.20
C GLY D 61 -11.96 -32.95 11.98
N ALA D 62 -12.52 -31.92 11.36
CA ALA D 62 -11.78 -30.69 11.11
C ALA D 62 -12.31 -29.58 12.01
N LEU D 63 -11.67 -28.43 11.96
CA LEU D 63 -12.10 -27.28 12.76
C LEU D 63 -12.47 -26.14 11.82
N VAL D 64 -13.45 -25.34 12.22
CA VAL D 64 -13.92 -24.25 11.39
C VAL D 64 -13.63 -22.88 12.01
N MET D 65 -12.93 -22.04 11.24
CA MET D 65 -12.57 -20.69 11.66
C MET D 65 -13.74 -19.71 11.46
N PRO D 66 -13.72 -18.58 12.19
CA PRO D 66 -14.80 -17.59 12.03
C PRO D 66 -14.80 -17.16 10.55
N GLY D 67 -15.97 -17.09 9.94
CA GLY D 67 -16.03 -16.75 8.53
C GLY D 67 -15.83 -15.29 8.16
N LEU D 68 -15.42 -15.05 6.92
CA LEU D 68 -15.25 -13.68 6.46
C LEU D 68 -16.65 -13.22 6.05
N GLN D 69 -17.13 -12.17 6.72
CA GLN D 69 -18.46 -11.64 6.52
C GLN D 69 -18.66 -10.73 5.32
N TYR D 70 -17.59 -10.08 4.88
CA TYR D 70 -17.66 -9.17 3.74
C TYR D 70 -16.72 -9.66 2.63
N GLY D 71 -17.22 -9.67 1.41
CA GLY D 71 -16.44 -10.12 0.27
C GLY D 71 -16.23 -9.04 -0.76
N TYR D 72 -15.72 -9.42 -1.93
CA TYR D 72 -15.46 -8.45 -2.99
C TYR D 72 -16.72 -7.91 -3.64
N LYS D 73 -16.57 -6.73 -4.27
CA LYS D 73 -17.66 -6.06 -4.95
C LYS D 73 -18.50 -6.95 -5.85
N SER D 74 -19.81 -6.82 -5.71
CA SER D 74 -20.77 -7.58 -6.50
C SER D 74 -20.64 -7.15 -7.96
N GLN D 75 -20.60 -8.14 -8.87
CA GLN D 75 -20.49 -7.85 -10.30
C GLN D 75 -21.83 -8.14 -10.94
N GLN D 76 -22.25 -7.26 -11.85
CA GLN D 76 -23.55 -7.41 -12.52
C GLN D 76 -23.88 -8.78 -13.09
N LYS D 77 -23.00 -9.30 -13.94
CA LYS D 77 -23.23 -10.59 -14.59
C LYS D 77 -23.34 -11.80 -13.67
N SER D 78 -23.04 -11.64 -12.39
CA SER D 78 -23.11 -12.78 -11.47
C SER D 78 -23.64 -12.43 -10.09
N GLY D 79 -24.07 -11.18 -9.92
CA GLY D 79 -24.58 -10.76 -8.63
C GLY D 79 -25.48 -9.55 -8.69
N GLY D 80 -25.80 -9.10 -9.90
CA GLY D 80 -26.68 -7.95 -10.05
C GLY D 80 -25.97 -6.61 -10.16
N GLY D 81 -24.93 -6.41 -9.35
CA GLY D 81 -24.19 -5.16 -9.40
C GLY D 81 -24.00 -4.59 -8.02
N ASN D 82 -22.88 -3.91 -7.80
CA ASN D 82 -22.59 -3.32 -6.50
C ASN D 82 -23.34 -2.01 -6.24
N HIS D 83 -24.27 -1.66 -7.11
CA HIS D 83 -25.03 -0.43 -6.93
C HIS D 83 -26.25 -0.62 -6.02
N PHE D 84 -26.59 -1.87 -5.72
CA PHE D 84 -27.74 -2.17 -4.86
C PHE D 84 -27.53 -1.80 -3.41
N PRO D 85 -28.61 -1.46 -2.69
CA PRO D 85 -28.53 -1.11 -1.27
C PRO D 85 -28.22 -2.39 -0.51
N GLY D 86 -27.75 -2.25 0.73
CA GLY D 86 -27.45 -3.43 1.53
C GLY D 86 -26.12 -4.09 1.24
N THR D 87 -25.85 -4.38 -0.04
CA THR D 87 -24.58 -4.99 -0.42
C THR D 87 -23.45 -4.12 0.13
N THR D 88 -22.58 -4.72 0.94
CA THR D 88 -21.46 -3.99 1.54
C THR D 88 -20.18 -4.73 1.16
N SER D 89 -19.46 -4.18 0.19
CA SER D 89 -18.26 -4.84 -0.33
C SER D 89 -16.91 -4.22 0.01
N LEU D 90 -15.89 -5.09 0.06
CA LEU D 90 -14.53 -4.64 0.34
C LEU D 90 -13.76 -4.44 -0.96
N ASP D 91 -12.69 -3.66 -0.89
CA ASP D 91 -11.82 -3.45 -2.04
C ASP D 91 -11.00 -4.73 -2.15
N GLY D 92 -10.51 -5.05 -3.34
CA GLY D 92 -9.73 -6.27 -3.50
C GLY D 92 -8.55 -6.43 -2.55
N ALA D 93 -7.78 -5.35 -2.37
CA ALA D 93 -6.63 -5.38 -1.48
C ALA D 93 -7.00 -5.73 -0.05
N THR D 94 -8.15 -5.23 0.41
CA THR D 94 -8.59 -5.50 1.76
C THR D 94 -8.88 -6.98 1.98
N LEU D 95 -9.62 -7.59 1.05
CA LEU D 95 -9.97 -9.00 1.14
C LEU D 95 -8.71 -9.86 1.02
N THR D 96 -7.86 -9.54 0.06
CA THR D 96 -6.61 -10.26 -0.15
C THR D 96 -5.76 -10.19 1.13
N GLY D 97 -5.63 -9.01 1.71
CA GLY D 97 -4.85 -8.84 2.92
C GLY D 97 -5.41 -9.60 4.11
N THR D 98 -6.73 -9.75 4.15
CA THR D 98 -7.37 -10.47 5.25
C THR D 98 -7.04 -11.95 5.17
N VAL D 99 -7.15 -12.52 3.98
CA VAL D 99 -6.83 -13.93 3.77
C VAL D 99 -5.34 -14.14 4.09
N GLN D 100 -4.52 -13.21 3.60
CA GLN D 100 -3.09 -13.26 3.82
C GLN D 100 -2.73 -13.24 5.32
N ASP D 101 -3.36 -12.35 6.08
CA ASP D 101 -3.09 -12.23 7.52
C ASP D 101 -3.50 -13.50 8.27
N ILE D 102 -4.66 -14.03 7.91
CA ILE D 102 -5.16 -15.23 8.58
C ILE D 102 -4.26 -16.44 8.35
N ILE D 103 -3.81 -16.64 7.11
CA ILE D 103 -2.92 -17.77 6.83
C ILE D 103 -1.62 -17.61 7.61
N ARG D 104 -1.08 -16.40 7.65
CA ARG D 104 0.15 -16.14 8.39
C ARG D 104 0.02 -16.61 9.84
N GLU D 105 -1.09 -16.25 10.47
CA GLU D 105 -1.37 -16.61 11.85
C GLU D 105 -1.59 -18.09 12.07
N LEU D 106 -2.35 -18.72 11.16
CA LEU D 106 -2.60 -20.14 11.28
C LEU D 106 -1.27 -20.89 11.21
N ALA D 107 -0.37 -20.42 10.34
CA ALA D 107 0.93 -21.04 10.21
C ALA D 107 1.72 -20.86 11.50
N ARG D 108 1.58 -19.69 12.12
CA ARG D 108 2.29 -19.42 13.38
C ARG D 108 1.84 -20.41 14.45
N HIS D 109 0.56 -20.79 14.41
CA HIS D 109 -0.01 -21.75 15.36
C HIS D 109 0.57 -23.13 15.15
N GLY D 110 1.07 -23.37 13.93
CA GLY D 110 1.62 -24.68 13.61
C GLY D 110 0.70 -25.41 12.64
N ALA D 111 -0.43 -24.79 12.30
CA ALA D 111 -1.36 -25.40 11.36
C ALA D 111 -0.68 -25.46 9.99
N ARG D 112 -1.02 -26.47 9.20
CA ARG D 112 -0.40 -26.61 7.88
C ARG D 112 -1.39 -27.09 6.82
N ARG D 113 -2.66 -27.18 7.21
CA ARG D 113 -3.70 -27.64 6.30
C ARG D 113 -4.90 -26.73 6.38
N LEU D 114 -5.21 -26.08 5.27
CA LEU D 114 -6.33 -25.15 5.25
C LEU D 114 -7.23 -25.33 4.05
N VAL D 115 -8.54 -25.25 4.31
CA VAL D 115 -9.54 -25.35 3.26
C VAL D 115 -10.29 -24.02 3.28
N LEU D 116 -10.21 -23.28 2.17
CA LEU D 116 -10.92 -22.02 2.06
C LEU D 116 -12.20 -22.30 1.29
N MET D 117 -13.36 -22.17 1.95
CA MET D 117 -14.61 -22.43 1.26
C MET D 117 -15.36 -21.15 0.92
N ASN D 118 -15.35 -20.82 -0.36
CA ASN D 118 -15.97 -19.63 -0.90
C ASN D 118 -17.47 -19.82 -1.12
N GLY D 119 -18.25 -18.79 -0.81
CA GLY D 119 -19.69 -18.85 -1.00
C GLY D 119 -20.21 -17.64 -1.76
N HIS D 120 -19.29 -16.77 -2.19
CA HIS D 120 -19.62 -15.55 -2.92
C HIS D 120 -18.82 -15.57 -4.23
N TYR D 121 -19.55 -15.52 -5.34
CA TYR D 121 -18.96 -15.60 -6.68
C TYR D 121 -17.75 -14.71 -6.97
N GLN D 122 -17.75 -13.49 -6.47
CA GLN D 122 -16.68 -12.53 -6.73
C GLN D 122 -15.36 -12.66 -5.95
N ASN D 123 -15.35 -13.48 -4.90
CA ASN D 123 -14.17 -13.61 -4.04
C ASN D 123 -12.97 -14.37 -4.60
N SER D 124 -13.23 -15.37 -5.42
CA SER D 124 -12.19 -16.25 -5.96
C SER D 124 -10.78 -15.72 -6.21
N MET D 125 -10.61 -14.81 -7.16
CA MET D 125 -9.27 -14.31 -7.48
C MET D 125 -8.57 -13.57 -6.34
N PHE D 126 -9.33 -12.92 -5.47
CA PHE D 126 -8.69 -12.20 -4.38
C PHE D 126 -8.27 -13.17 -3.29
N ILE D 127 -8.97 -14.29 -3.19
CA ILE D 127 -8.62 -15.32 -2.23
C ILE D 127 -7.32 -15.94 -2.72
N VAL D 128 -7.28 -16.24 -4.02
CA VAL D 128 -6.10 -16.81 -4.66
C VAL D 128 -4.85 -15.94 -4.43
N GLU D 129 -5.00 -14.63 -4.58
CA GLU D 129 -3.87 -13.71 -4.37
C GLU D 129 -3.45 -13.71 -2.89
N GLY D 130 -4.43 -13.76 -1.99
CA GLY D 130 -4.12 -13.79 -0.56
C GLY D 130 -3.30 -15.03 -0.23
N ILE D 131 -3.67 -16.14 -0.86
CA ILE D 131 -2.97 -17.40 -0.65
C ILE D 131 -1.53 -17.30 -1.19
N ASP D 132 -1.39 -16.77 -2.39
CA ASP D 132 -0.06 -16.67 -2.98
C ASP D 132 0.87 -15.79 -2.15
N LEU D 133 0.37 -14.66 -1.69
CA LEU D 133 1.18 -13.74 -0.89
C LEU D 133 1.55 -14.36 0.46
N ALA D 134 0.62 -15.11 1.05
CA ALA D 134 0.90 -15.75 2.33
C ALA D 134 1.94 -16.86 2.16
N LEU D 135 1.79 -17.68 1.12
CA LEU D 135 2.73 -18.76 0.87
C LEU D 135 4.10 -18.20 0.51
N ARG D 136 4.11 -17.05 -0.15
CA ARG D 136 5.37 -16.40 -0.52
C ARG D 136 6.15 -16.04 0.75
N GLU D 137 5.44 -15.51 1.75
CA GLU D 137 6.06 -15.13 3.01
C GLU D 137 6.52 -16.33 3.83
N LEU D 138 5.74 -17.41 3.79
CA LEU D 138 6.11 -18.62 4.51
C LEU D 138 7.41 -19.15 3.90
N ARG D 139 7.51 -19.08 2.57
CA ARG D 139 8.70 -19.54 1.90
C ARG D 139 9.94 -18.72 2.30
N TYR D 140 9.74 -17.45 2.61
CA TYR D 140 10.85 -16.60 3.04
C TYR D 140 11.46 -17.19 4.32
N ALA D 141 10.63 -17.85 5.12
CA ALA D 141 11.07 -18.45 6.37
C ALA D 141 11.40 -19.93 6.21
N GLY D 142 11.49 -20.39 4.97
CA GLY D 142 11.81 -21.77 4.71
C GLY D 142 10.66 -22.75 4.90
N ILE D 143 9.45 -22.22 5.08
CA ILE D 143 8.27 -23.07 5.26
C ILE D 143 7.60 -23.35 3.93
N GLN D 144 7.55 -24.62 3.55
CA GLN D 144 6.93 -25.00 2.29
C GLN D 144 5.99 -26.20 2.43
N ASP D 145 5.60 -26.51 3.67
CA ASP D 145 4.71 -27.63 3.91
C ASP D 145 3.29 -27.19 4.27
N PHE D 146 2.98 -25.91 4.04
CA PHE D 146 1.64 -25.43 4.31
C PHE D 146 0.88 -25.66 3.02
N LYS D 147 -0.21 -26.40 3.09
CA LYS D 147 -0.99 -26.71 1.89
C LYS D 147 -2.40 -26.15 1.99
N VAL D 148 -2.87 -25.58 0.89
CA VAL D 148 -4.19 -25.00 0.86
C VAL D 148 -5.08 -25.56 -0.24
N VAL D 149 -6.35 -25.75 0.09
CA VAL D 149 -7.34 -26.22 -0.86
C VAL D 149 -8.39 -25.11 -0.87
N VAL D 150 -8.68 -24.57 -2.05
CA VAL D 150 -9.68 -23.52 -2.16
C VAL D 150 -10.76 -24.00 -3.12
N LEU D 151 -12.01 -23.71 -2.77
CA LEU D 151 -13.13 -24.14 -3.61
C LEU D 151 -14.39 -23.35 -3.33
N SER D 152 -15.29 -23.36 -4.31
CA SER D 152 -16.59 -22.72 -4.17
C SER D 152 -17.48 -23.97 -4.06
N TYR D 153 -18.15 -24.12 -2.91
CA TYR D 153 -18.96 -25.30 -2.65
C TYR D 153 -19.91 -25.77 -3.77
N TRP D 154 -20.49 -24.84 -4.53
CA TRP D 154 -21.40 -25.24 -5.60
C TRP D 154 -20.75 -26.03 -6.74
N ASP D 155 -19.44 -25.91 -6.90
CA ASP D 155 -18.76 -26.63 -7.97
C ASP D 155 -18.80 -28.15 -7.76
N PHE D 156 -19.13 -28.57 -6.55
CA PHE D 156 -19.20 -30.00 -6.25
C PHE D 156 -20.52 -30.62 -6.69
N VAL D 157 -21.48 -29.79 -7.05
CA VAL D 157 -22.77 -30.29 -7.52
C VAL D 157 -22.66 -30.42 -9.04
N LYS D 158 -22.25 -31.61 -9.48
CA LYS D 158 -22.06 -31.90 -10.89
C LYS D 158 -22.92 -33.06 -11.37
N ASP D 159 -23.48 -33.81 -10.44
CA ASP D 159 -24.31 -34.96 -10.78
C ASP D 159 -25.46 -34.62 -11.74
N PRO D 160 -25.46 -35.21 -12.93
CA PRO D 160 -26.53 -34.96 -13.91
C PRO D 160 -27.92 -35.13 -13.32
N ALA D 161 -28.12 -36.19 -12.55
CA ALA D 161 -29.42 -36.45 -11.94
C ALA D 161 -29.83 -35.30 -11.03
N VAL D 162 -28.92 -34.85 -10.17
CA VAL D 162 -29.21 -33.73 -9.27
C VAL D 162 -29.47 -32.47 -10.09
N ILE D 163 -28.56 -32.18 -11.02
CA ILE D 163 -28.66 -30.99 -11.86
C ILE D 163 -29.99 -30.95 -12.61
N GLN D 164 -30.43 -32.09 -13.10
CA GLN D 164 -31.68 -32.18 -13.85
C GLN D 164 -32.91 -31.77 -13.03
N GLN D 165 -32.92 -32.11 -11.75
CA GLN D 165 -34.04 -31.77 -10.88
C GLN D 165 -34.07 -30.28 -10.60
N LEU D 166 -32.89 -29.70 -10.39
CA LEU D 166 -32.78 -28.27 -10.10
C LEU D 166 -33.03 -27.41 -11.34
N TYR D 167 -32.44 -27.82 -12.46
CA TYR D 167 -32.59 -27.05 -13.70
C TYR D 167 -33.16 -27.92 -14.82
N PRO D 168 -34.48 -28.16 -14.80
CA PRO D 168 -35.17 -28.97 -15.81
C PRO D 168 -34.92 -28.55 -17.23
N GLU D 169 -34.85 -27.25 -17.48
CA GLU D 169 -34.61 -26.74 -18.82
C GLU D 169 -33.13 -26.53 -19.12
N GLY D 170 -32.27 -27.04 -18.22
CA GLY D 170 -30.85 -26.91 -18.43
C GLY D 170 -30.12 -26.09 -17.38
N PHE D 171 -28.86 -26.43 -17.15
CA PHE D 171 -28.03 -25.73 -16.19
C PHE D 171 -27.78 -24.32 -16.72
N LEU D 172 -28.08 -23.33 -15.89
CA LEU D 172 -27.93 -21.92 -16.27
C LEU D 172 -26.54 -21.32 -16.03
N GLY D 173 -25.70 -22.03 -15.29
CA GLY D 173 -24.38 -21.52 -15.00
C GLY D 173 -24.38 -21.01 -13.56
N TRP D 174 -23.28 -21.19 -12.84
CA TRP D 174 -23.23 -20.75 -11.45
C TRP D 174 -23.24 -19.23 -11.32
N ASP D 175 -22.99 -18.53 -12.42
CA ASP D 175 -22.98 -17.08 -12.41
C ASP D 175 -24.38 -16.48 -12.34
N ILE D 176 -25.32 -16.98 -13.14
CA ILE D 176 -26.67 -16.41 -13.10
C ILE D 176 -27.56 -17.12 -12.09
N GLU D 177 -26.96 -17.99 -11.28
CA GLU D 177 -27.71 -18.72 -10.25
C GLU D 177 -28.06 -17.79 -9.09
N HIS D 178 -27.33 -16.69 -8.99
CA HIS D 178 -27.52 -15.72 -7.91
C HIS D 178 -28.97 -15.51 -7.45
N GLY D 179 -29.25 -15.94 -6.22
CA GLY D 179 -30.58 -15.79 -5.65
C GLY D 179 -31.64 -16.67 -6.27
N GLY D 180 -31.21 -17.70 -7.00
CA GLY D 180 -32.13 -18.60 -7.66
C GLY D 180 -32.44 -19.90 -6.93
N VAL D 181 -32.83 -20.90 -7.71
CA VAL D 181 -33.19 -22.21 -7.18
C VAL D 181 -32.17 -22.85 -6.24
N PHE D 182 -30.90 -22.84 -6.63
CA PHE D 182 -29.85 -23.45 -5.83
C PHE D 182 -29.72 -22.88 -4.42
N GLU D 183 -29.42 -21.58 -4.32
CA GLU D 183 -29.26 -20.96 -3.00
C GLU D 183 -30.55 -20.94 -2.20
N THR D 184 -31.66 -20.62 -2.85
CA THR D 184 -32.94 -20.55 -2.15
C THR D 184 -33.35 -21.91 -1.60
N SER D 185 -33.04 -22.98 -2.32
CA SER D 185 -33.40 -24.32 -1.84
C SER D 185 -32.56 -24.66 -0.62
N LEU D 186 -31.27 -24.33 -0.67
CA LEU D 186 -30.40 -24.60 0.48
C LEU D 186 -30.89 -23.83 1.68
N MET D 187 -31.31 -22.59 1.45
CA MET D 187 -31.81 -21.75 2.53
C MET D 187 -33.12 -22.29 3.11
N LEU D 188 -33.96 -22.86 2.24
CA LEU D 188 -35.24 -23.41 2.71
C LEU D 188 -35.00 -24.62 3.60
N ALA D 189 -33.93 -25.37 3.31
CA ALA D 189 -33.60 -26.54 4.10
C ALA D 189 -32.86 -26.19 5.39
N LEU D 190 -32.06 -25.14 5.35
CA LEU D 190 -31.26 -24.73 6.51
C LEU D 190 -31.82 -23.59 7.36
N TYR D 191 -32.29 -22.52 6.72
CA TYR D 191 -32.81 -21.37 7.44
C TYR D 191 -34.09 -20.87 6.80
N PRO D 192 -35.16 -21.68 6.84
CA PRO D 192 -36.47 -21.34 6.26
C PRO D 192 -37.07 -19.98 6.67
N ASP D 193 -36.84 -19.56 7.91
CA ASP D 193 -37.38 -18.29 8.39
C ASP D 193 -36.78 -17.09 7.67
N LEU D 194 -35.65 -17.29 7.01
CA LEU D 194 -34.98 -16.20 6.30
C LEU D 194 -35.38 -16.14 4.83
N VAL D 195 -36.35 -16.95 4.45
CA VAL D 195 -36.84 -17.00 3.07
C VAL D 195 -38.36 -16.88 3.01
N ASP D 196 -38.84 -16.07 2.07
CA ASP D 196 -40.27 -15.89 1.85
C ASP D 196 -40.51 -16.12 0.37
N LEU D 197 -40.66 -17.39 0.00
CA LEU D 197 -40.85 -17.77 -1.40
C LEU D 197 -41.98 -17.01 -2.09
N ASP D 198 -42.96 -16.54 -1.32
CA ASP D 198 -44.07 -15.81 -1.92
C ASP D 198 -43.63 -14.50 -2.54
N ARG D 199 -42.49 -13.97 -2.07
CA ARG D 199 -41.97 -12.71 -2.59
C ARG D 199 -41.08 -12.88 -3.82
N VAL D 200 -40.85 -14.13 -4.22
CA VAL D 200 -40.00 -14.39 -5.38
C VAL D 200 -40.60 -13.77 -6.65
N VAL D 201 -39.75 -13.11 -7.44
CA VAL D 201 -40.20 -12.52 -8.69
C VAL D 201 -39.75 -13.47 -9.79
N ASP D 202 -40.71 -14.20 -10.36
CA ASP D 202 -40.43 -15.18 -11.40
C ASP D 202 -40.13 -14.61 -12.78
N HIS D 203 -38.91 -14.15 -12.97
CA HIS D 203 -38.49 -13.58 -14.25
C HIS D 203 -37.62 -14.58 -15.02
N PRO D 204 -37.47 -14.36 -16.34
CA PRO D 204 -36.65 -15.26 -17.16
C PRO D 204 -35.18 -15.13 -16.74
N PRO D 205 -34.39 -16.20 -16.89
CA PRO D 205 -32.97 -16.11 -16.50
C PRO D 205 -32.32 -14.92 -17.20
N ALA D 206 -31.53 -14.17 -16.45
CA ALA D 206 -30.87 -12.99 -17.01
C ALA D 206 -29.85 -13.39 -18.08
N THR D 207 -29.74 -12.56 -19.11
CA THR D 207 -28.78 -12.79 -20.18
C THR D 207 -28.02 -11.49 -20.39
N PHE D 208 -26.76 -11.59 -20.79
CA PHE D 208 -25.93 -10.43 -21.02
C PHE D 208 -25.05 -10.60 -22.26
N PRO D 209 -24.62 -9.48 -22.87
CA PRO D 209 -23.77 -9.55 -24.06
C PRO D 209 -22.39 -10.01 -23.58
N PRO D 210 -21.51 -10.42 -24.50
CA PRO D 210 -20.16 -10.90 -24.15
C PRO D 210 -19.15 -9.83 -23.71
N TYR D 211 -19.61 -8.88 -22.90
CA TYR D 211 -18.74 -7.83 -22.40
C TYR D 211 -19.36 -7.16 -21.18
N ASP D 212 -18.56 -6.35 -20.50
CA ASP D 212 -19.03 -5.65 -19.30
C ASP D 212 -18.94 -4.15 -19.45
N VAL D 213 -19.84 -3.44 -18.76
CA VAL D 213 -19.87 -1.99 -18.81
C VAL D 213 -19.81 -1.35 -17.43
N PHE D 214 -18.96 -0.33 -17.30
CA PHE D 214 -18.79 0.41 -16.06
C PHE D 214 -18.82 1.90 -16.44
N PRO D 215 -19.50 2.73 -15.64
CA PRO D 215 -20.26 2.42 -14.43
C PRO D 215 -21.33 1.38 -14.69
N VAL D 216 -21.62 0.56 -13.67
CA VAL D 216 -22.62 -0.49 -13.84
C VAL D 216 -23.98 0.13 -14.13
N ASP D 217 -24.63 -0.37 -15.18
CA ASP D 217 -25.94 0.12 -15.60
C ASP D 217 -27.04 -0.73 -14.97
N PRO D 218 -27.78 -0.14 -14.02
CA PRO D 218 -28.88 -0.83 -13.30
C PRO D 218 -29.93 -1.45 -14.21
N ALA D 219 -30.19 -0.80 -15.35
CA ALA D 219 -31.21 -1.28 -16.28
C ALA D 219 -30.89 -2.61 -16.95
N ARG D 220 -29.64 -3.07 -16.82
CA ARG D 220 -29.26 -4.33 -17.44
C ARG D 220 -29.43 -5.52 -16.50
N THR D 221 -29.86 -5.24 -15.27
CA THR D 221 -30.06 -6.28 -14.25
C THR D 221 -31.55 -6.42 -13.92
N PRO D 222 -32.02 -7.65 -13.69
CA PRO D 222 -33.45 -7.79 -13.36
C PRO D 222 -33.71 -6.95 -12.11
N ALA D 223 -34.79 -6.18 -12.12
CA ALA D 223 -35.15 -5.31 -11.01
C ALA D 223 -35.01 -5.89 -9.60
N PRO D 224 -35.42 -7.15 -9.39
CA PRO D 224 -35.32 -7.76 -8.06
C PRO D 224 -33.89 -7.97 -7.55
N GLY D 225 -32.92 -7.99 -8.46
CA GLY D 225 -31.54 -8.21 -8.07
C GLY D 225 -31.10 -9.63 -8.32
N THR D 226 -32.07 -10.52 -8.49
CA THR D 226 -31.79 -11.93 -8.75
C THR D 226 -31.44 -12.09 -10.23
N LEU D 227 -30.66 -13.12 -10.56
CA LEU D 227 -30.29 -13.35 -11.95
C LEU D 227 -31.10 -14.51 -12.55
N SER D 228 -31.80 -15.24 -11.69
CA SER D 228 -32.65 -16.34 -12.10
C SER D 228 -33.73 -16.52 -11.04
N SER D 229 -34.88 -17.07 -11.43
CA SER D 229 -35.99 -17.28 -10.51
C SER D 229 -35.87 -18.47 -9.57
N ALA D 230 -36.24 -18.27 -8.31
CA ALA D 230 -36.20 -19.32 -7.31
C ALA D 230 -37.61 -19.84 -7.02
N LYS D 231 -38.53 -19.60 -7.94
CA LYS D 231 -39.92 -20.04 -7.77
C LYS D 231 -40.04 -21.53 -7.48
N THR D 232 -39.26 -22.35 -8.16
CA THR D 232 -39.31 -23.80 -7.97
C THR D 232 -38.38 -24.32 -6.88
N ALA D 233 -37.87 -23.43 -6.04
CA ALA D 233 -36.97 -23.84 -4.95
C ALA D 233 -37.75 -24.63 -3.90
N SER D 234 -37.14 -25.65 -3.33
CA SER D 234 -37.81 -26.47 -2.32
C SER D 234 -36.85 -26.96 -1.24
N ARG D 235 -37.39 -27.23 -0.07
CA ARG D 235 -36.60 -27.74 1.05
C ARG D 235 -35.99 -29.07 0.62
N GLU D 236 -36.75 -29.84 -0.15
CA GLU D 236 -36.29 -31.13 -0.65
C GLU D 236 -35.07 -30.98 -1.55
N LYS D 237 -35.12 -30.00 -2.45
CA LYS D 237 -33.99 -29.76 -3.34
C LYS D 237 -32.78 -29.36 -2.52
N GLY D 238 -33.02 -28.57 -1.49
CA GLY D 238 -31.96 -28.12 -0.61
C GLY D 238 -31.26 -29.28 0.07
N GLU D 239 -32.05 -30.24 0.55
CA GLU D 239 -31.49 -31.41 1.22
C GLU D 239 -30.63 -32.23 0.27
N LEU D 240 -31.06 -32.36 -0.98
CA LEU D 240 -30.31 -33.11 -1.97
C LEU D 240 -28.98 -32.43 -2.23
N ILE D 241 -29.02 -31.12 -2.40
CA ILE D 241 -27.81 -30.32 -2.65
C ILE D 241 -26.84 -30.47 -1.48
N LEU D 242 -27.36 -30.28 -0.27
CA LEU D 242 -26.57 -30.37 0.93
C LEU D 242 -25.80 -31.68 1.06
N GLU D 243 -26.48 -32.81 0.82
CA GLU D 243 -25.81 -34.10 0.93
C GLU D 243 -24.73 -34.28 -0.13
N VAL D 244 -25.01 -33.83 -1.35
CA VAL D 244 -24.05 -33.95 -2.43
C VAL D 244 -22.79 -33.15 -2.14
N CYS D 245 -22.95 -31.89 -1.69
CA CYS D 245 -21.81 -31.03 -1.37
C CYS D 245 -20.99 -31.58 -0.22
N VAL D 246 -21.65 -31.79 0.90
CA VAL D 246 -20.98 -32.30 2.10
C VAL D 246 -20.20 -33.56 1.78
N GLN D 247 -20.86 -34.52 1.13
CA GLN D 247 -20.21 -35.78 0.78
C GLN D 247 -19.02 -35.57 -0.15
N GLY D 248 -19.24 -34.80 -1.22
CA GLY D 248 -18.19 -34.54 -2.18
C GLY D 248 -16.99 -33.82 -1.61
N ILE D 249 -17.24 -32.80 -0.80
CA ILE D 249 -16.17 -32.03 -0.20
C ILE D 249 -15.46 -32.82 0.90
N ALA D 250 -16.21 -33.62 1.64
CA ALA D 250 -15.61 -34.44 2.69
C ALA D 250 -14.63 -35.41 2.04
N ASP D 251 -15.04 -36.00 0.92
CA ASP D 251 -14.17 -36.94 0.21
C ASP D 251 -12.94 -36.26 -0.38
N ALA D 252 -13.14 -35.10 -0.98
CA ALA D 252 -12.05 -34.35 -1.58
C ALA D 252 -10.99 -33.98 -0.53
N ILE D 253 -11.45 -33.50 0.61
CA ILE D 253 -10.54 -33.11 1.68
C ILE D 253 -9.78 -34.29 2.27
N ARG D 254 -10.46 -35.43 2.39
CA ARG D 254 -9.81 -36.63 2.93
C ARG D 254 -8.69 -37.07 2.00
N GLU D 255 -8.90 -36.89 0.70
CA GLU D 255 -7.91 -37.26 -0.30
C GLU D 255 -6.70 -36.31 -0.28
N GLU D 256 -6.97 -35.01 -0.19
CA GLU D 256 -5.92 -34.01 -0.19
C GLU D 256 -5.20 -33.92 1.16
N PHE D 257 -5.94 -34.11 2.23
CA PHE D 257 -5.38 -34.07 3.58
C PHE D 257 -5.63 -35.39 4.29
N PRO D 258 -4.93 -36.46 3.87
CA PRO D 258 -5.09 -37.78 4.49
C PRO D 258 -4.65 -37.84 5.95
N PRO D 259 -5.41 -38.58 6.78
CA PRO D 259 -5.10 -38.73 8.20
C PRO D 259 -3.73 -39.36 8.43
N LYS E 3 -39.35 -8.20 14.24
CA LYS E 3 -38.47 -8.22 13.03
C LYS E 3 -37.02 -7.99 13.45
N SER E 4 -36.13 -8.81 12.92
CA SER E 4 -34.71 -8.76 13.24
C SER E 4 -34.07 -7.37 13.21
N VAL E 5 -33.06 -7.18 14.06
CA VAL E 5 -32.34 -5.92 14.10
C VAL E 5 -31.03 -6.08 13.33
N PHE E 6 -30.77 -7.30 12.84
CA PHE E 6 -29.56 -7.59 12.09
C PHE E 6 -29.73 -7.40 10.58
N VAL E 7 -28.88 -6.55 10.01
CA VAL E 7 -28.93 -6.26 8.58
C VAL E 7 -28.81 -7.51 7.73
N GLY E 8 -27.94 -8.42 8.13
CA GLY E 8 -27.74 -9.65 7.37
C GLY E 8 -29.00 -10.50 7.24
N GLU E 9 -29.95 -10.32 8.15
CA GLU E 9 -31.19 -11.08 8.12
C GLU E 9 -32.31 -10.35 7.40
N LEU E 10 -32.01 -9.17 6.85
CA LEU E 10 -33.01 -8.39 6.12
C LEU E 10 -32.83 -8.57 4.61
N THR E 11 -33.87 -8.26 3.85
CA THR E 11 -33.78 -8.34 2.40
C THR E 11 -33.26 -6.95 2.03
N TRP E 12 -32.72 -6.78 0.83
CA TRP E 12 -32.20 -5.46 0.48
C TRP E 12 -33.32 -4.41 0.42
N LYS E 13 -34.54 -4.87 0.14
CA LYS E 13 -35.68 -3.95 0.09
C LYS E 13 -36.01 -3.44 1.49
N GLU E 14 -36.02 -4.34 2.46
CA GLU E 14 -36.29 -3.98 3.85
C GLU E 14 -35.19 -3.03 4.34
N TYR E 15 -33.94 -3.36 4.03
CA TYR E 15 -32.82 -2.52 4.42
C TYR E 15 -32.97 -1.14 3.80
N GLU E 16 -33.22 -1.10 2.49
CA GLU E 16 -33.39 0.14 1.77
C GLU E 16 -34.46 1.02 2.42
N ALA E 17 -35.60 0.41 2.75
CA ALA E 17 -36.70 1.11 3.38
C ALA E 17 -36.26 1.75 4.71
N ARG E 18 -35.53 0.99 5.52
CA ARG E 18 -35.06 1.49 6.80
C ARG E 18 -34.14 2.69 6.68
N VAL E 19 -33.30 2.73 5.65
CA VAL E 19 -32.40 3.87 5.48
C VAL E 19 -33.18 5.04 4.89
N ALA E 20 -34.16 4.74 4.02
CA ALA E 20 -34.97 5.77 3.40
C ALA E 20 -35.68 6.60 4.48
N ALA E 21 -36.11 5.92 5.54
CA ALA E 21 -36.79 6.57 6.65
C ALA E 21 -36.03 7.80 7.14
N CYS E 24 -31.63 6.60 10.12
CA CYS E 24 -31.40 5.28 10.71
C CYS E 24 -29.99 5.13 11.27
N VAL E 25 -29.89 4.45 12.40
CA VAL E 25 -28.62 4.22 13.06
C VAL E 25 -28.11 2.80 12.80
N LEU E 26 -26.90 2.70 12.27
CA LEU E 26 -26.29 1.41 12.00
C LEU E 26 -25.25 1.14 13.07
N MET E 27 -25.12 -0.12 13.48
CA MET E 27 -24.16 -0.48 14.51
C MET E 27 -23.24 -1.60 14.01
N LEU E 28 -21.95 -1.43 14.25
CA LEU E 28 -20.98 -2.42 13.80
C LEU E 28 -20.08 -2.93 14.93
N PRO E 29 -20.23 -4.21 15.31
CA PRO E 29 -19.43 -4.82 16.37
C PRO E 29 -18.03 -5.10 15.82
N VAL E 30 -16.99 -4.80 16.60
CA VAL E 30 -15.62 -5.04 16.16
C VAL E 30 -14.92 -5.86 17.24
N GLY E 31 -14.71 -7.14 16.95
CA GLY E 31 -14.10 -8.01 17.93
C GLY E 31 -12.73 -8.57 17.55
N ALA E 32 -12.56 -9.87 17.81
CA ALA E 32 -11.31 -10.56 17.54
C ALA E 32 -11.45 -12.04 17.89
N LEU E 33 -10.47 -12.82 17.46
CA LEU E 33 -10.41 -14.25 17.77
C LEU E 33 -9.14 -14.24 18.60
N GLU E 34 -9.30 -14.33 19.92
CA GLU E 34 -8.16 -14.23 20.84
C GLU E 34 -8.29 -15.18 22.02
N GLN E 35 -7.16 -15.73 22.46
CA GLN E 35 -7.16 -16.63 23.59
C GLN E 35 -7.77 -15.91 24.80
N HIS E 36 -8.55 -16.64 25.59
CA HIS E 36 -9.17 -16.10 26.78
C HIS E 36 -9.05 -17.04 27.98
N GLY E 37 -7.84 -17.54 28.22
CA GLY E 37 -7.60 -18.43 29.34
C GLY E 37 -8.00 -19.88 29.13
N HIS E 38 -7.90 -20.66 30.20
CA HIS E 38 -8.26 -22.08 30.13
C HIS E 38 -9.76 -22.29 30.30
N HIS E 39 -10.45 -21.27 30.79
CA HIS E 39 -11.88 -21.38 31.08
C HIS E 39 -12.90 -20.83 30.07
N MET E 40 -12.44 -20.09 29.07
CA MET E 40 -13.37 -19.52 28.10
C MET E 40 -12.94 -19.75 26.65
N CYS E 41 -13.91 -19.59 25.75
CA CYS E 41 -13.68 -19.77 24.32
C CYS E 41 -12.93 -18.56 23.76
N MET E 42 -12.61 -18.59 22.47
CA MET E 42 -11.84 -17.50 21.87
C MET E 42 -12.59 -16.42 21.08
N ASN E 43 -13.91 -16.55 20.92
CA ASN E 43 -14.64 -15.53 20.18
C ASN E 43 -15.40 -14.58 21.09
N VAL E 44 -14.97 -14.52 22.34
CA VAL E 44 -15.58 -13.65 23.35
C VAL E 44 -15.72 -12.19 22.90
N ASP E 45 -14.65 -11.63 22.32
CA ASP E 45 -14.67 -10.24 21.91
C ASP E 45 -15.61 -9.92 20.76
N VAL E 46 -16.15 -10.95 20.12
CA VAL E 46 -17.13 -10.75 19.06
C VAL E 46 -18.50 -10.94 19.71
N LEU E 47 -18.66 -12.05 20.43
CA LEU E 47 -19.91 -12.36 21.09
C LEU E 47 -20.47 -11.24 21.97
N LEU E 48 -19.63 -10.73 22.87
CA LEU E 48 -20.07 -9.69 23.80
C LEU E 48 -20.54 -8.38 23.16
N PRO E 49 -19.70 -7.70 22.38
CA PRO E 49 -20.20 -6.45 21.79
C PRO E 49 -21.41 -6.68 20.89
N THR E 50 -21.48 -7.85 20.25
CA THR E 50 -22.60 -8.15 19.38
C THR E 50 -23.88 -8.28 20.22
N ALA E 51 -23.77 -8.94 21.37
CA ALA E 51 -24.92 -9.12 22.25
C ALA E 51 -25.39 -7.77 22.78
N VAL E 52 -24.45 -6.86 23.04
CA VAL E 52 -24.80 -5.54 23.53
C VAL E 52 -25.46 -4.72 22.42
N CYS E 53 -24.90 -4.81 21.21
CA CYS E 53 -25.46 -4.09 20.07
C CYS E 53 -26.90 -4.53 19.83
N LYS E 54 -27.12 -5.85 19.86
CA LYS E 54 -28.45 -6.40 19.61
C LYS E 54 -29.46 -5.80 20.58
N ARG E 55 -29.14 -5.83 21.87
CA ARG E 55 -30.03 -5.29 22.89
C ARG E 55 -30.20 -3.79 22.76
N VAL E 56 -29.12 -3.06 22.47
CA VAL E 56 -29.22 -1.62 22.30
C VAL E 56 -30.08 -1.32 21.08
N ALA E 57 -29.85 -2.07 19.99
CA ALA E 57 -30.60 -1.88 18.76
C ALA E 57 -32.10 -2.12 18.96
N GLU E 58 -32.44 -3.14 19.73
CA GLU E 58 -33.84 -3.44 19.99
C GLU E 58 -34.51 -2.30 20.73
N ARG E 59 -33.78 -1.65 21.63
CA ARG E 59 -34.34 -0.54 22.40
C ARG E 59 -34.49 0.77 21.64
N ILE E 60 -33.47 1.13 20.87
CA ILE E 60 -33.50 2.39 20.14
C ILE E 60 -33.96 2.30 18.70
N GLY E 61 -34.17 1.09 18.21
CA GLY E 61 -34.62 0.93 16.84
C GLY E 61 -33.50 1.08 15.81
N ALA E 62 -32.35 0.48 16.09
CA ALA E 62 -31.21 0.55 15.19
C ALA E 62 -31.00 -0.79 14.48
N LEU E 63 -30.03 -0.83 13.57
CA LEU E 63 -29.73 -2.06 12.84
C LEU E 63 -28.27 -2.44 13.06
N VAL E 64 -28.00 -3.73 13.20
CA VAL E 64 -26.66 -4.22 13.45
C VAL E 64 -26.05 -4.93 12.25
N MET E 65 -24.87 -4.46 11.84
CA MET E 65 -24.14 -5.01 10.71
C MET E 65 -23.35 -6.24 11.15
N PRO E 66 -22.98 -7.12 10.19
CA PRO E 66 -22.20 -8.30 10.55
C PRO E 66 -20.93 -7.79 11.24
N GLY E 67 -20.54 -8.44 12.33
CA GLY E 67 -19.37 -7.99 13.05
C GLY E 67 -18.02 -8.37 12.45
N LEU E 68 -16.99 -7.62 12.83
CA LEU E 68 -15.65 -7.92 12.37
C LEU E 68 -15.16 -9.01 13.32
N GLN E 69 -14.84 -10.16 12.75
CA GLN E 69 -14.43 -11.33 13.51
C GLN E 69 -12.96 -11.37 13.91
N TYR E 70 -12.10 -10.66 13.19
CA TYR E 70 -10.68 -10.64 13.49
C TYR E 70 -10.24 -9.20 13.75
N GLY E 71 -9.49 -8.99 14.83
CA GLY E 71 -9.02 -7.67 15.18
C GLY E 71 -7.50 -7.53 15.17
N TYR E 72 -7.00 -6.43 15.71
CA TYR E 72 -5.56 -6.19 15.73
C TYR E 72 -4.81 -7.13 16.67
N LYS E 73 -3.52 -7.26 16.41
CA LYS E 73 -2.63 -8.12 17.19
C LYS E 73 -2.77 -7.94 18.71
N SER E 74 -2.89 -9.06 19.41
CA SER E 74 -3.02 -9.07 20.86
C SER E 74 -1.73 -8.51 21.45
N GLN E 75 -1.86 -7.62 22.43
CA GLN E 75 -0.69 -7.03 23.08
C GLN E 75 -0.58 -7.59 24.50
N GLN E 76 0.65 -7.92 24.90
CA GLN E 76 0.90 -8.51 26.21
C GLN E 76 0.24 -7.86 27.43
N LYS E 77 0.47 -6.56 27.61
CA LYS E 77 -0.06 -5.87 28.78
C LYS E 77 -1.58 -5.74 28.86
N SER E 78 -2.29 -6.21 27.84
CA SER E 78 -3.74 -6.14 27.86
C SER E 78 -4.38 -7.34 27.16
N GLY E 79 -3.59 -8.34 26.83
CA GLY E 79 -4.15 -9.50 26.16
C GLY E 79 -3.27 -10.74 26.21
N GLY E 80 -2.20 -10.68 26.99
CA GLY E 80 -1.32 -11.84 27.09
C GLY E 80 -0.23 -11.85 26.04
N GLY E 81 -0.59 -11.53 24.80
CA GLY E 81 0.41 -11.51 23.74
C GLY E 81 -0.02 -12.27 22.50
N ASN E 82 0.47 -11.84 21.35
CA ASN E 82 0.08 -12.50 20.11
C ASN E 82 0.85 -13.78 19.83
N HIS E 83 1.63 -14.24 20.81
CA HIS E 83 2.40 -15.47 20.65
C HIS E 83 1.56 -16.70 21.00
N PHE E 84 0.40 -16.48 21.62
CA PHE E 84 -0.49 -17.58 22.00
C PHE E 84 -1.14 -18.29 20.81
N PRO E 85 -1.44 -19.57 20.98
CA PRO E 85 -2.09 -20.34 19.91
C PRO E 85 -3.54 -19.85 19.82
N GLY E 86 -4.21 -20.11 18.71
CA GLY E 86 -5.60 -19.69 18.58
C GLY E 86 -5.80 -18.23 18.19
N THR E 87 -5.14 -17.33 18.91
CA THR E 87 -5.27 -15.91 18.61
C THR E 87 -4.91 -15.74 17.13
N THR E 88 -5.82 -15.13 16.36
CA THR E 88 -5.61 -14.93 14.93
C THR E 88 -5.83 -13.44 14.65
N SER E 89 -4.74 -12.71 14.49
CA SER E 89 -4.78 -11.27 14.31
C SER E 89 -4.44 -10.72 12.94
N LEU E 90 -5.05 -9.58 12.61
CA LEU E 90 -4.83 -8.89 11.35
C LEU E 90 -3.79 -7.79 11.54
N ASP E 91 -3.19 -7.35 10.44
CA ASP E 91 -2.23 -6.26 10.48
C ASP E 91 -3.06 -4.99 10.60
N GLY E 92 -2.46 -3.92 11.09
CA GLY E 92 -3.19 -2.67 11.25
C GLY E 92 -3.83 -2.18 9.96
N ALA E 93 -3.07 -2.20 8.88
CA ALA E 93 -3.56 -1.76 7.58
C ALA E 93 -4.81 -2.53 7.16
N THR E 94 -4.81 -3.83 7.42
CA THR E 94 -5.95 -4.68 7.06
C THR E 94 -7.23 -4.26 7.79
N LEU E 95 -7.13 -4.10 9.12
CA LEU E 95 -8.30 -3.71 9.92
C LEU E 95 -8.77 -2.31 9.53
N THR E 96 -7.82 -1.39 9.39
CA THR E 96 -8.13 -0.02 9.01
C THR E 96 -8.85 0.01 7.65
N GLY E 97 -8.34 -0.77 6.70
CA GLY E 97 -8.95 -0.82 5.38
C GLY E 97 -10.36 -1.38 5.41
N THR E 98 -10.57 -2.38 6.26
CA THR E 98 -11.88 -3.01 6.38
C THR E 98 -12.90 -1.99 6.89
N VAL E 99 -12.56 -1.26 7.94
CA VAL E 99 -13.45 -0.24 8.48
C VAL E 99 -13.71 0.84 7.44
N GLN E 100 -12.65 1.21 6.72
CA GLN E 100 -12.76 2.22 5.70
C GLN E 100 -13.73 1.79 4.57
N ASP E 101 -13.58 0.56 4.10
CA ASP E 101 -14.44 0.05 3.02
C ASP E 101 -15.90 0.01 3.43
N ILE E 102 -16.18 -0.45 4.65
CA ILE E 102 -17.55 -0.54 5.13
C ILE E 102 -18.22 0.83 5.25
N ILE E 103 -17.51 1.81 5.78
CA ILE E 103 -18.07 3.14 5.92
C ILE E 103 -18.40 3.71 4.53
N ARG E 104 -17.49 3.50 3.58
CA ARG E 104 -17.69 3.97 2.22
C ARG E 104 -18.99 3.39 1.65
N GLU E 105 -19.18 2.09 1.83
CA GLU E 105 -20.36 1.41 1.34
C GLU E 105 -21.64 1.86 2.03
N LEU E 106 -21.61 2.00 3.35
CA LEU E 106 -22.80 2.45 4.07
C LEU E 106 -23.19 3.83 3.59
N ALA E 107 -22.20 4.68 3.32
CA ALA E 107 -22.46 6.02 2.83
C ALA E 107 -23.14 5.92 1.47
N ARG E 108 -22.69 4.97 0.66
CA ARG E 108 -23.26 4.76 -0.66
C ARG E 108 -24.74 4.40 -0.52
N HIS E 109 -25.06 3.65 0.52
CA HIS E 109 -26.45 3.24 0.78
C HIS E 109 -27.32 4.42 1.15
N GLY E 110 -26.68 5.49 1.63
CA GLY E 110 -27.41 6.67 2.05
C GLY E 110 -27.40 6.77 3.56
N ALA E 111 -26.75 5.80 4.20
CA ALA E 111 -26.65 5.80 5.66
C ALA E 111 -25.72 6.95 6.05
N ARG E 112 -25.97 7.53 7.22
CA ARG E 112 -25.15 8.65 7.69
C ARG E 112 -24.90 8.59 9.19
N ARG E 113 -25.33 7.50 9.82
CA ARG E 113 -25.17 7.33 11.26
C ARG E 113 -24.61 5.97 11.59
N LEU E 114 -23.41 5.96 12.16
CA LEU E 114 -22.76 4.70 12.50
C LEU E 114 -22.17 4.68 13.90
N VAL E 115 -22.37 3.56 14.58
CA VAL E 115 -21.83 3.35 15.91
C VAL E 115 -20.91 2.15 15.77
N LEU E 116 -19.63 2.35 16.04
CA LEU E 116 -18.69 1.24 15.98
C LEU E 116 -18.47 0.81 17.42
N MET E 117 -18.89 -0.41 17.76
CA MET E 117 -18.73 -0.90 19.12
C MET E 117 -17.61 -1.90 19.22
N ASN E 118 -16.51 -1.47 19.84
CA ASN E 118 -15.33 -2.28 20.01
C ASN E 118 -15.44 -3.24 21.20
N GLY E 119 -14.94 -4.47 21.01
CA GLY E 119 -14.97 -5.45 22.07
C GLY E 119 -13.60 -6.05 22.33
N HIS E 120 -12.60 -5.55 21.60
CA HIS E 120 -11.21 -6.02 21.70
C HIS E 120 -10.32 -4.82 22.00
N TYR E 121 -9.59 -4.88 23.12
CA TYR E 121 -8.73 -3.81 23.58
C TYR E 121 -7.80 -3.16 22.56
N GLN E 122 -7.20 -3.97 21.69
CA GLN E 122 -6.24 -3.49 20.69
C GLN E 122 -6.78 -2.81 19.42
N ASN E 123 -8.09 -2.88 19.17
CA ASN E 123 -8.66 -2.29 17.95
C ASN E 123 -8.78 -0.78 17.83
N SER E 124 -9.02 -0.12 18.96
CA SER E 124 -9.26 1.32 19.01
C SER E 124 -8.58 2.25 18.02
N MET E 125 -7.25 2.33 18.04
CA MET E 125 -6.56 3.26 17.14
C MET E 125 -6.72 2.93 15.65
N PHE E 126 -6.83 1.67 15.31
CA PHE E 126 -6.99 1.29 13.90
C PHE E 126 -8.41 1.55 13.41
N ILE E 127 -9.37 1.50 14.34
CA ILE E 127 -10.76 1.79 13.99
C ILE E 127 -10.80 3.30 13.73
N VAL E 128 -10.13 4.05 14.60
CA VAL E 128 -10.07 5.50 14.48
C VAL E 128 -9.46 5.90 13.14
N GLU E 129 -8.36 5.26 12.75
CA GLU E 129 -7.72 5.60 11.48
C GLU E 129 -8.65 5.25 10.32
N GLY E 130 -9.36 4.14 10.45
CA GLY E 130 -10.29 3.74 9.40
C GLY E 130 -11.38 4.78 9.23
N ILE E 131 -11.88 5.29 10.35
CA ILE E 131 -12.92 6.32 10.33
C ILE E 131 -12.39 7.60 9.67
N ASP E 132 -11.21 8.03 10.09
CA ASP E 132 -10.63 9.26 9.53
C ASP E 132 -10.44 9.16 8.03
N LEU E 133 -9.86 8.05 7.56
CA LEU E 133 -9.63 7.88 6.14
C LEU E 133 -10.95 7.82 5.36
N ALA E 134 -11.96 7.19 5.94
CA ALA E 134 -13.27 7.10 5.28
C ALA E 134 -13.90 8.49 5.18
N LEU E 135 -13.87 9.25 6.28
CA LEU E 135 -14.45 10.59 6.30
C LEU E 135 -13.71 11.51 5.33
N ARG E 136 -12.40 11.32 5.22
CA ARG E 136 -11.59 12.11 4.30
C ARG E 136 -12.10 11.90 2.88
N GLU E 137 -12.32 10.65 2.50
CA GLU E 137 -12.83 10.33 1.17
C GLU E 137 -14.23 10.88 0.92
N LEU E 138 -15.10 10.75 1.91
CA LEU E 138 -16.46 11.25 1.78
C LEU E 138 -16.42 12.75 1.51
N ARG E 139 -15.47 13.43 2.13
CA ARG E 139 -15.33 14.87 1.93
C ARG E 139 -14.97 15.14 0.47
N TYR E 140 -14.14 14.27 -0.12
CA TYR E 140 -13.75 14.44 -1.51
C TYR E 140 -14.99 14.42 -2.40
N ALA E 141 -16.03 13.73 -1.92
CA ALA E 141 -17.29 13.61 -2.65
C ALA E 141 -18.30 14.65 -2.19
N GLY E 142 -17.84 15.62 -1.40
CA GLY E 142 -18.72 16.67 -0.92
C GLY E 142 -19.64 16.23 0.21
N ILE E 143 -19.43 15.02 0.72
CA ILE E 143 -20.25 14.49 1.80
C ILE E 143 -19.64 14.80 3.17
N GLN E 144 -20.33 15.61 3.96
CA GLN E 144 -19.83 15.96 5.27
C GLN E 144 -20.87 15.74 6.38
N ASP E 145 -21.94 15.02 6.08
CA ASP E 145 -22.97 14.79 7.09
C ASP E 145 -22.99 13.37 7.64
N PHE E 146 -21.92 12.63 7.44
CA PHE E 146 -21.83 11.27 7.96
C PHE E 146 -21.21 11.43 9.35
N LYS E 147 -21.88 10.93 10.37
CA LYS E 147 -21.39 11.03 11.73
C LYS E 147 -21.14 9.66 12.33
N VAL E 148 -20.01 9.52 13.01
CA VAL E 148 -19.64 8.24 13.61
C VAL E 148 -19.41 8.35 15.11
N VAL E 149 -19.90 7.35 15.83
CA VAL E 149 -19.71 7.28 17.27
C VAL E 149 -18.95 5.98 17.48
N VAL E 150 -17.81 6.06 18.15
CA VAL E 150 -17.02 4.87 18.41
C VAL E 150 -16.84 4.70 19.91
N LEU E 151 -16.92 3.46 20.36
CA LEU E 151 -16.79 3.20 21.79
C LEU E 151 -16.46 1.75 22.09
N SER E 152 -15.90 1.53 23.27
CA SER E 152 -15.59 0.19 23.76
C SER E 152 -16.68 0.09 24.83
N TYR E 153 -17.52 -0.93 24.74
CA TYR E 153 -18.64 -1.08 25.66
C TYR E 153 -18.34 -1.09 27.15
N TRP E 154 -17.15 -1.54 27.55
CA TRP E 154 -16.81 -1.57 28.96
C TRP E 154 -16.61 -0.18 29.57
N ASP E 155 -16.26 0.81 28.76
CA ASP E 155 -16.07 2.16 29.29
C ASP E 155 -17.34 2.76 29.90
N PHE E 156 -18.49 2.17 29.59
CA PHE E 156 -19.74 2.68 30.13
C PHE E 156 -20.03 2.18 31.55
N VAL E 157 -19.21 1.24 32.03
CA VAL E 157 -19.36 0.74 33.39
C VAL E 157 -18.48 1.64 34.25
N LYS E 158 -19.06 2.73 34.76
CA LYS E 158 -18.32 3.71 35.55
C LYS E 158 -18.81 3.89 36.98
N ASP E 159 -20.07 3.56 37.23
CA ASP E 159 -20.65 3.71 38.56
C ASP E 159 -19.86 3.01 39.67
N PRO E 160 -19.37 3.78 40.66
CA PRO E 160 -18.59 3.24 41.77
C PRO E 160 -19.27 2.04 42.44
N ALA E 161 -20.58 2.17 42.67
CA ALA E 161 -21.34 1.10 43.30
C ALA E 161 -21.22 -0.19 42.48
N VAL E 162 -21.40 -0.06 41.17
CA VAL E 162 -21.31 -1.20 40.28
C VAL E 162 -19.90 -1.76 40.31
N ILE E 163 -18.92 -0.88 40.20
CA ILE E 163 -17.52 -1.28 40.21
C ILE E 163 -17.16 -2.08 41.46
N GLN E 164 -17.61 -1.60 42.62
CA GLN E 164 -17.33 -2.30 43.87
C GLN E 164 -18.01 -3.65 43.83
N GLN E 165 -19.25 -3.66 43.35
CA GLN E 165 -20.02 -4.90 43.23
C GLN E 165 -19.24 -5.91 42.41
N LEU E 166 -18.60 -5.44 41.34
CA LEU E 166 -17.83 -6.29 40.45
C LEU E 166 -16.43 -6.63 40.95
N TYR E 167 -15.69 -5.62 41.39
CA TYR E 167 -14.32 -5.81 41.89
C TYR E 167 -14.18 -5.43 43.36
N PRO E 168 -14.71 -6.27 44.26
CA PRO E 168 -14.62 -5.98 45.70
C PRO E 168 -13.23 -5.61 46.18
N GLU E 169 -12.20 -6.14 45.52
CA GLU E 169 -10.82 -5.86 45.91
C GLU E 169 -10.20 -4.64 45.24
N GLY E 170 -10.96 -3.97 44.38
CA GLY E 170 -10.45 -2.79 43.70
C GLY E 170 -10.39 -2.95 42.19
N PHE E 171 -10.68 -1.88 41.47
CA PHE E 171 -10.67 -1.90 40.01
C PHE E 171 -9.23 -2.10 39.52
N LEU E 172 -9.05 -3.06 38.62
CA LEU E 172 -7.74 -3.38 38.09
C LEU E 172 -7.38 -2.66 36.78
N GLY E 173 -8.37 -2.04 36.15
CA GLY E 173 -8.13 -1.37 34.90
C GLY E 173 -8.59 -2.27 33.77
N TRP E 174 -9.20 -1.69 32.75
CA TRP E 174 -9.71 -2.47 31.64
C TRP E 174 -8.63 -3.24 30.89
N ASP E 175 -7.38 -2.81 31.03
CA ASP E 175 -6.30 -3.50 30.35
C ASP E 175 -6.01 -4.88 30.97
N ILE E 176 -5.91 -4.96 32.30
CA ILE E 176 -5.63 -6.25 32.91
C ILE E 176 -6.88 -7.09 33.17
N GLU E 177 -8.03 -6.59 32.71
CA GLU E 177 -9.29 -7.30 32.87
C GLU E 177 -9.38 -8.51 31.93
N HIS E 178 -8.52 -8.56 30.92
CA HIS E 178 -8.54 -9.66 29.94
C HIS E 178 -8.83 -11.06 30.51
N GLY E 179 -9.99 -11.59 30.18
CA GLY E 179 -10.36 -12.92 30.64
C GLY E 179 -10.69 -13.00 32.12
N GLY E 180 -10.89 -11.85 32.74
CA GLY E 180 -11.19 -11.81 34.16
C GLY E 180 -12.67 -11.81 34.52
N VAL E 181 -12.99 -11.23 35.68
CA VAL E 181 -14.36 -11.18 36.19
C VAL E 181 -15.38 -10.54 35.24
N PHE E 182 -15.05 -9.37 34.72
CA PHE E 182 -15.95 -8.66 33.82
C PHE E 182 -16.43 -9.48 32.62
N GLU E 183 -15.50 -9.92 31.77
CA GLU E 183 -15.88 -10.69 30.59
C GLU E 183 -16.48 -12.05 30.93
N THR E 184 -15.90 -12.73 31.91
CA THR E 184 -16.39 -14.05 32.29
C THR E 184 -17.82 -13.96 32.84
N SER E 185 -18.12 -12.90 33.57
CA SER E 185 -19.47 -12.74 34.13
C SER E 185 -20.47 -12.55 33.01
N LEU E 186 -20.12 -11.71 32.03
CA LEU E 186 -21.02 -11.47 30.91
C LEU E 186 -21.27 -12.77 30.14
N MET E 187 -20.22 -13.56 29.96
CA MET E 187 -20.33 -14.82 29.24
C MET E 187 -21.18 -15.82 30.02
N LEU E 188 -21.13 -15.75 31.34
CA LEU E 188 -21.94 -16.65 32.16
C LEU E 188 -23.41 -16.28 32.01
N ALA E 189 -23.68 -14.99 31.84
CA ALA E 189 -25.05 -14.51 31.69
C ALA E 189 -25.59 -14.71 30.27
N LEU E 190 -24.71 -14.68 29.28
CA LEU E 190 -25.12 -14.83 27.89
C LEU E 190 -24.85 -16.17 27.22
N TYR E 191 -23.68 -16.74 27.46
CA TYR E 191 -23.30 -18.01 26.84
C TYR E 191 -22.62 -18.92 27.85
N PRO E 192 -23.34 -19.33 28.90
CA PRO E 192 -22.81 -20.20 29.95
C PRO E 192 -22.11 -21.46 29.46
N ASP E 193 -22.60 -22.04 28.37
CA ASP E 193 -22.00 -23.25 27.83
C ASP E 193 -20.58 -23.07 27.30
N LEU E 194 -20.18 -21.82 27.08
CA LEU E 194 -18.85 -21.54 26.56
C LEU E 194 -17.87 -21.16 27.68
N VAL E 195 -18.29 -21.36 28.92
CA VAL E 195 -17.47 -21.05 30.08
C VAL E 195 -17.42 -22.25 31.03
N ASP E 196 -16.25 -22.49 31.61
CA ASP E 196 -16.08 -23.58 32.57
C ASP E 196 -15.26 -23.01 33.73
N LEU E 197 -15.95 -22.41 34.70
CA LEU E 197 -15.27 -21.80 35.85
C LEU E 197 -14.29 -22.72 36.56
N ASP E 198 -14.58 -24.01 36.59
CA ASP E 198 -13.70 -24.95 37.26
C ASP E 198 -12.29 -24.96 36.67
N ARG E 199 -12.15 -24.44 35.46
CA ARG E 199 -10.85 -24.40 34.80
C ARG E 199 -10.08 -23.09 35.04
N VAL E 200 -10.72 -22.13 35.67
CA VAL E 200 -10.08 -20.84 35.97
C VAL E 200 -8.84 -21.01 36.83
N VAL E 201 -7.74 -20.37 36.42
CA VAL E 201 -6.50 -20.40 37.20
C VAL E 201 -6.57 -19.12 38.01
N ASP E 202 -6.70 -19.27 39.33
CA ASP E 202 -6.83 -18.13 40.22
C ASP E 202 -5.53 -17.43 40.63
N HIS E 203 -4.82 -16.90 39.64
CA HIS E 203 -3.55 -16.21 39.89
C HIS E 203 -3.80 -14.73 40.22
N PRO E 204 -2.82 -14.08 40.86
CA PRO E 204 -2.97 -12.66 41.21
C PRO E 204 -2.94 -11.78 39.95
N PRO E 205 -3.51 -10.57 40.03
CA PRO E 205 -3.53 -9.67 38.87
C PRO E 205 -2.14 -9.50 38.26
N ALA E 206 -2.05 -9.57 36.93
CA ALA E 206 -0.77 -9.42 36.27
C ALA E 206 -0.28 -7.99 36.44
N THR E 207 1.04 -7.83 36.59
CA THR E 207 1.64 -6.51 36.73
C THR E 207 2.79 -6.43 35.74
N PHE E 208 3.07 -5.22 35.25
CA PHE E 208 4.16 -5.02 34.31
C PHE E 208 4.89 -3.72 34.59
N PRO E 209 6.17 -3.63 34.20
CA PRO E 209 6.93 -2.40 34.42
C PRO E 209 6.37 -1.36 33.46
N PRO E 210 6.76 -0.08 33.61
CA PRO E 210 6.27 0.98 32.73
C PRO E 210 6.80 1.01 31.30
N TYR E 211 6.97 -0.16 30.70
CA TYR E 211 7.46 -0.25 29.33
C TYR E 211 7.05 -1.57 28.69
N ASP E 212 7.23 -1.66 27.38
CA ASP E 212 6.85 -2.86 26.65
C ASP E 212 8.07 -3.44 25.95
N VAL E 213 8.11 -4.77 25.81
CA VAL E 213 9.24 -5.43 25.17
C VAL E 213 8.82 -6.32 23.99
N PHE E 214 9.62 -6.24 22.92
CA PHE E 214 9.39 -7.04 21.71
C PHE E 214 10.74 -7.60 21.27
N PRO E 215 10.76 -8.86 20.78
CA PRO E 215 9.64 -9.79 20.61
C PRO E 215 8.94 -10.06 21.93
N VAL E 216 7.62 -10.26 21.88
CA VAL E 216 6.85 -10.52 23.08
C VAL E 216 7.46 -11.72 23.81
N ASP E 217 7.70 -11.54 25.10
CA ASP E 217 8.31 -12.57 25.95
C ASP E 217 7.22 -13.31 26.74
N PRO E 218 6.96 -14.57 26.39
CA PRO E 218 5.95 -15.41 27.05
C PRO E 218 6.02 -15.45 28.57
N ALA E 219 7.25 -15.39 29.11
CA ALA E 219 7.44 -15.47 30.55
C ALA E 219 6.94 -14.26 31.34
N ARG E 220 6.70 -13.14 30.65
CA ARG E 220 6.22 -11.93 31.31
C ARG E 220 4.70 -11.93 31.48
N THR E 221 4.05 -12.98 30.98
CA THR E 221 2.60 -13.12 31.04
C THR E 221 2.17 -14.33 31.87
N PRO E 222 1.03 -14.25 32.56
CA PRO E 222 0.62 -15.42 33.35
C PRO E 222 0.34 -16.56 32.36
N ALA E 223 0.93 -17.72 32.63
CA ALA E 223 0.79 -18.89 31.75
C ALA E 223 -0.59 -19.14 31.15
N PRO E 224 -1.66 -18.99 31.95
CA PRO E 224 -3.03 -19.21 31.44
C PRO E 224 -3.46 -18.27 30.31
N GLY E 225 -2.83 -17.11 30.22
CA GLY E 225 -3.18 -16.16 29.19
C GLY E 225 -4.06 -15.04 29.70
N THR E 226 -4.68 -15.28 30.86
CA THR E 226 -5.53 -14.29 31.49
C THR E 226 -4.64 -13.28 32.20
N LEU E 227 -5.14 -12.06 32.38
CA LEU E 227 -4.37 -11.04 33.08
C LEU E 227 -4.89 -10.87 34.51
N SER E 228 -6.07 -11.43 34.78
CA SER E 228 -6.67 -11.39 36.12
C SER E 228 -7.65 -12.57 36.26
N SER E 229 -7.86 -13.01 37.50
CA SER E 229 -8.73 -14.16 37.79
C SER E 229 -10.23 -13.92 37.72
N ALA E 230 -10.93 -14.87 37.11
CA ALA E 230 -12.38 -14.81 36.96
C ALA E 230 -13.05 -15.72 37.98
N LYS E 231 -12.29 -16.10 39.01
CA LYS E 231 -12.81 -16.99 40.05
C LYS E 231 -14.14 -16.53 40.62
N THR E 232 -14.28 -15.23 40.85
CA THR E 232 -15.51 -14.67 41.41
C THR E 232 -16.56 -14.24 40.40
N ALA E 233 -16.40 -14.66 39.15
CA ALA E 233 -17.35 -14.31 38.09
C ALA E 233 -18.69 -15.01 38.33
N SER E 234 -19.79 -14.38 37.92
CA SER E 234 -21.11 -14.98 38.08
C SER E 234 -22.12 -14.42 37.10
N ARG E 235 -23.18 -15.20 36.86
CA ARG E 235 -24.24 -14.77 35.95
C ARG E 235 -24.84 -13.49 36.52
N GLU E 236 -24.93 -13.45 37.84
CA GLU E 236 -25.48 -12.31 38.56
C GLU E 236 -24.72 -11.03 38.18
N LYS E 237 -23.39 -11.09 38.25
CA LYS E 237 -22.57 -9.94 37.89
C LYS E 237 -22.75 -9.63 36.40
N GLY E 238 -22.89 -10.68 35.60
CA GLY E 238 -23.07 -10.51 34.18
C GLY E 238 -24.33 -9.72 33.85
N GLU E 239 -25.43 -10.05 34.52
CA GLU E 239 -26.69 -9.36 34.26
C GLU E 239 -26.60 -7.89 34.67
N LEU E 240 -25.90 -7.62 35.76
CA LEU E 240 -25.72 -6.26 36.22
C LEU E 240 -24.94 -5.46 35.18
N ILE E 241 -23.86 -6.04 34.70
CA ILE E 241 -23.02 -5.40 33.69
C ILE E 241 -23.84 -5.12 32.44
N LEU E 242 -24.52 -6.15 31.95
CA LEU E 242 -25.33 -6.02 30.74
C LEU E 242 -26.33 -4.87 30.80
N GLU E 243 -27.06 -4.72 31.90
CA GLU E 243 -28.04 -3.65 31.99
C GLU E 243 -27.39 -2.27 31.98
N VAL E 244 -26.27 -2.15 32.69
CA VAL E 244 -25.55 -0.88 32.76
C VAL E 244 -25.08 -0.47 31.36
N CYS E 245 -24.45 -1.39 30.65
CA CYS E 245 -23.95 -1.11 29.31
C CYS E 245 -25.06 -0.75 28.33
N VAL E 246 -26.06 -1.63 28.24
CA VAL E 246 -27.17 -1.40 27.31
C VAL E 246 -27.87 -0.07 27.57
N GLN E 247 -28.16 0.22 28.84
CA GLN E 247 -28.83 1.47 29.18
C GLN E 247 -27.95 2.68 28.87
N GLY E 248 -26.70 2.62 29.32
CA GLY E 248 -25.78 3.72 29.09
C GLY E 248 -25.53 4.00 27.62
N ILE E 249 -25.33 2.94 26.85
CA ILE E 249 -25.08 3.07 25.42
C ILE E 249 -26.34 3.52 24.69
N ALA E 250 -27.48 2.94 25.07
CA ALA E 250 -28.74 3.30 24.45
C ALA E 250 -28.96 4.82 24.61
N ASP E 251 -28.75 5.32 25.82
CA ASP E 251 -28.93 6.75 26.08
C ASP E 251 -27.92 7.59 25.30
N ALA E 252 -26.66 7.15 25.27
CA ALA E 252 -25.64 7.89 24.56
C ALA E 252 -25.98 8.02 23.08
N ILE E 253 -26.36 6.91 22.45
CA ILE E 253 -26.70 6.93 21.03
C ILE E 253 -27.92 7.81 20.76
N ARG E 254 -28.92 7.74 21.63
CA ARG E 254 -30.12 8.56 21.47
C ARG E 254 -29.74 10.04 21.49
N GLU E 255 -28.78 10.39 22.34
CA GLU E 255 -28.32 11.76 22.45
C GLU E 255 -27.56 12.23 21.21
N GLU E 256 -26.64 11.40 20.73
CA GLU E 256 -25.85 11.74 19.56
C GLU E 256 -26.62 11.63 18.26
N PHE E 257 -27.54 10.68 18.20
CA PHE E 257 -28.36 10.48 17.01
C PHE E 257 -29.84 10.61 17.37
N PRO E 258 -30.27 11.83 17.70
CA PRO E 258 -31.67 12.05 18.09
C PRO E 258 -32.66 11.76 16.96
N PRO E 259 -33.87 11.30 17.33
CA PRO E 259 -34.95 10.96 16.39
C PRO E 259 -35.24 12.11 15.42
N LYS F 3 32.49 12.24 23.92
CA LYS F 3 31.90 12.67 22.62
C LYS F 3 30.38 12.75 22.73
N SER F 4 29.75 13.20 21.64
CA SER F 4 28.29 13.35 21.61
C SER F 4 27.59 11.99 21.74
N VAL F 5 26.37 12.01 22.27
CA VAL F 5 25.60 10.78 22.39
C VAL F 5 24.63 10.70 21.20
N PHE F 6 24.66 11.72 20.35
CA PHE F 6 23.78 11.76 19.19
C PHE F 6 24.42 11.17 17.95
N VAL F 7 23.79 10.14 17.40
CA VAL F 7 24.28 9.47 16.20
C VAL F 7 24.53 10.47 15.07
N GLY F 8 23.64 11.44 14.92
CA GLY F 8 23.79 12.43 13.87
C GLY F 8 25.06 13.28 13.97
N GLU F 9 25.61 13.42 15.17
CA GLU F 9 26.81 14.21 15.35
C GLU F 9 28.09 13.36 15.27
N LEU F 10 27.93 12.07 15.00
CA LEU F 10 29.08 11.17 14.88
C LEU F 10 29.45 10.93 13.43
N THR F 11 30.69 10.49 13.18
CA THR F 11 31.11 10.17 11.82
C THR F 11 30.68 8.71 11.67
N TRP F 12 30.61 8.18 10.45
CA TRP F 12 30.18 6.81 10.29
C TRP F 12 31.16 5.82 10.92
N LYS F 13 32.43 6.20 10.98
CA LYS F 13 33.48 5.36 11.58
C LYS F 13 33.28 5.27 13.09
N GLU F 14 32.94 6.40 13.71
CA GLU F 14 32.70 6.45 15.15
C GLU F 14 31.46 5.62 15.49
N TYR F 15 30.42 5.74 14.66
CA TYR F 15 29.19 4.99 14.86
C TYR F 15 29.48 3.49 14.74
N GLU F 16 30.15 3.13 13.65
CA GLU F 16 30.50 1.74 13.38
C GLU F 16 31.23 1.12 14.56
N ALA F 17 32.20 1.85 15.09
CA ALA F 17 32.98 1.37 16.22
C ALA F 17 32.08 1.09 17.43
N ARG F 18 31.14 2.01 17.69
CA ARG F 18 30.22 1.86 18.81
C ARG F 18 29.28 0.67 18.63
N VAL F 19 28.87 0.41 17.40
CA VAL F 19 28.00 -0.73 17.15
C VAL F 19 28.84 -2.01 17.11
N GLY F 22 26.56 -5.18 18.15
CA GLY F 22 25.24 -5.44 18.68
C GLY F 22 25.11 -5.22 20.18
N ASP F 23 26.15 -4.64 20.78
CA ASP F 23 26.17 -4.38 22.23
C ASP F 23 25.65 -2.99 22.59
N CYS F 24 25.72 -2.08 21.62
CA CYS F 24 25.28 -0.70 21.84
C CYS F 24 23.77 -0.55 21.92
N VAL F 25 23.31 0.33 22.80
CA VAL F 25 21.89 0.59 22.92
C VAL F 25 21.56 1.84 22.11
N LEU F 26 20.61 1.73 21.19
CA LEU F 26 20.20 2.89 20.38
C LEU F 26 18.86 3.37 20.92
N MET F 27 18.65 4.68 20.91
CA MET F 27 17.41 5.28 21.40
C MET F 27 16.82 6.18 20.33
N LEU F 28 15.50 6.10 20.15
CA LEU F 28 14.83 6.91 19.15
C LEU F 28 13.65 7.68 19.72
N PRO F 29 13.74 9.02 19.75
CA PRO F 29 12.66 9.86 20.27
C PRO F 29 11.54 9.90 19.23
N VAL F 30 10.29 9.75 19.66
CA VAL F 30 9.17 9.78 18.73
C VAL F 30 8.18 10.82 19.22
N GLY F 31 8.15 11.97 18.54
CA GLY F 31 7.27 13.05 18.98
C GLY F 31 6.15 13.43 18.05
N ALA F 32 5.95 14.74 17.92
CA ALA F 32 4.90 15.29 17.08
C ALA F 32 5.00 16.82 17.03
N LEU F 33 4.26 17.42 16.09
CA LEU F 33 4.17 18.87 15.97
C LEU F 33 2.69 19.02 16.29
N GLU F 34 2.39 19.54 17.47
CA GLU F 34 1.02 19.63 17.93
C GLU F 34 0.77 20.83 18.82
N GLN F 35 -0.42 21.40 18.72
CA GLN F 35 -0.77 22.55 19.54
C GLN F 35 -0.66 22.16 21.01
N HIS F 36 -0.14 23.08 21.82
CA HIS F 36 -0.02 22.86 23.25
C HIS F 36 -0.49 24.07 24.05
N GLY F 37 -1.65 24.60 23.69
CA GLY F 37 -2.19 25.75 24.40
C GLY F 37 -1.65 27.11 23.96
N HIS F 38 -2.07 28.15 24.68
CA HIS F 38 -1.65 29.52 24.37
C HIS F 38 -0.32 29.87 25.02
N HIS F 39 0.13 29.04 25.96
CA HIS F 39 1.36 29.33 26.70
C HIS F 39 2.61 28.55 26.34
N MET F 40 2.51 27.62 25.39
CA MET F 40 3.67 26.79 25.05
C MET F 40 3.79 26.54 23.56
N CYS F 41 5.03 26.29 23.10
CA CYS F 41 5.29 26.04 21.70
C CYS F 41 4.72 24.69 21.25
N MET F 42 4.82 24.41 19.95
CA MET F 42 4.26 23.18 19.41
C MET F 42 5.18 21.98 19.22
N ASN F 43 6.48 22.12 19.49
CA ASN F 43 7.38 20.99 19.33
C ASN F 43 7.75 20.30 20.64
N VAL F 44 6.92 20.54 21.66
CA VAL F 44 7.11 19.95 22.99
C VAL F 44 7.33 18.44 22.97
N ASP F 45 6.49 17.72 22.23
CA ASP F 45 6.60 16.26 22.17
C ASP F 45 7.89 15.72 21.57
N VAL F 46 8.66 16.59 20.91
CA VAL F 46 9.95 16.16 20.36
C VAL F 46 11.02 16.56 21.39
N LEU F 47 10.94 17.81 21.84
CA LEU F 47 11.93 18.32 22.81
C LEU F 47 12.07 17.49 24.09
N LEU F 48 10.95 17.19 24.73
CA LEU F 48 10.98 16.46 25.99
C LEU F 48 11.59 15.06 25.94
N PRO F 49 11.06 14.16 25.09
CA PRO F 49 11.67 12.82 25.04
C PRO F 49 13.13 12.86 24.55
N THR F 50 13.44 13.84 23.72
CA THR F 50 14.81 13.97 23.22
C THR F 50 15.71 14.37 24.38
N ALA F 51 15.24 15.29 25.22
CA ALA F 51 16.04 15.72 26.37
C ALA F 51 16.21 14.56 27.35
N VAL F 52 15.15 13.78 27.54
CA VAL F 52 15.23 12.63 28.43
C VAL F 52 16.21 11.61 27.85
N CYS F 53 16.09 11.32 26.55
CA CYS F 53 16.99 10.37 25.90
C CYS F 53 18.45 10.80 26.04
N LYS F 54 18.71 12.08 25.82
CA LYS F 54 20.06 12.59 25.91
C LYS F 54 20.68 12.32 27.28
N ARG F 55 19.94 12.65 28.33
CA ARG F 55 20.43 12.44 29.70
C ARG F 55 20.56 10.97 30.04
N VAL F 56 19.61 10.15 29.60
CA VAL F 56 19.68 8.72 29.86
C VAL F 56 20.89 8.15 29.14
N ALA F 57 21.05 8.54 27.87
CA ALA F 57 22.17 8.07 27.06
C ALA F 57 23.53 8.44 27.64
N GLU F 58 23.63 9.64 28.20
CA GLU F 58 24.89 10.08 28.79
C GLU F 58 25.22 9.19 29.99
N ARG F 59 24.20 8.87 30.77
CA ARG F 59 24.38 8.06 31.96
C ARG F 59 24.69 6.59 31.70
N ILE F 60 24.08 5.99 30.68
CA ILE F 60 24.31 4.58 30.41
C ILE F 60 25.20 4.26 29.21
N GLY F 61 25.68 5.29 28.53
CA GLY F 61 26.54 5.06 27.39
C GLY F 61 25.80 4.58 26.14
N ALA F 62 24.63 5.14 25.89
CA ALA F 62 23.83 4.78 24.71
C ALA F 62 23.92 5.89 23.67
N LEU F 63 23.35 5.65 22.49
CA LEU F 63 23.36 6.64 21.41
C LEU F 63 21.93 6.99 21.03
N VAL F 64 21.71 8.25 20.68
CA VAL F 64 20.38 8.73 20.32
C VAL F 64 20.25 9.06 18.83
N MET F 65 19.24 8.48 18.20
CA MET F 65 18.97 8.70 16.77
C MET F 65 18.15 9.98 16.58
N PRO F 66 18.17 10.54 15.35
CA PRO F 66 17.40 11.75 15.07
C PRO F 66 15.94 11.41 15.40
N GLY F 67 15.25 12.31 16.11
CA GLY F 67 13.88 12.03 16.49
C GLY F 67 12.82 12.16 15.40
N LEU F 68 11.70 11.46 15.57
CA LEU F 68 10.62 11.57 14.60
C LEU F 68 9.91 12.85 15.01
N GLN F 69 9.84 13.80 14.08
CA GLN F 69 9.25 15.12 14.32
C GLN F 69 7.73 15.19 14.19
N TYR F 70 7.16 14.28 13.41
CA TYR F 70 5.72 14.25 13.19
C TYR F 70 5.14 12.93 13.67
N GLY F 71 4.01 13.00 14.37
CA GLY F 71 3.36 11.81 14.91
C GLY F 71 1.92 11.62 14.43
N TYR F 72 1.22 10.67 15.04
CA TYR F 72 -0.15 10.40 14.64
C TYR F 72 -1.13 11.51 15.01
N LYS F 73 -2.26 11.53 14.30
CA LYS F 73 -3.31 12.53 14.50
C LYS F 73 -3.73 12.72 15.95
N SER F 74 -3.84 13.98 16.35
CA SER F 74 -4.25 14.34 17.70
C SER F 74 -5.68 13.84 17.91
N GLN F 75 -5.94 13.25 19.08
CA GLN F 75 -7.28 12.76 19.42
C GLN F 75 -7.84 13.70 20.48
N GLN F 76 -9.11 14.04 20.35
CA GLN F 76 -9.76 14.98 21.26
C GLN F 76 -9.62 14.71 22.76
N LYS F 77 -9.98 13.51 23.19
CA LYS F 77 -9.94 13.15 24.60
C LYS F 77 -8.55 13.14 25.23
N SER F 78 -7.50 13.20 24.41
CA SER F 78 -6.15 13.19 24.96
C SER F 78 -5.24 14.24 24.33
N GLY F 79 -5.74 15.00 23.37
CA GLY F 79 -4.91 16.01 22.73
C GLY F 79 -5.67 17.23 22.24
N GLY F 80 -6.99 17.24 22.44
CA GLY F 80 -7.78 18.37 22.00
C GLY F 80 -8.44 18.17 20.65
N GLY F 81 -7.76 17.47 19.75
CA GLY F 81 -8.32 17.22 18.42
C GLY F 81 -7.39 17.64 17.30
N ASN F 82 -7.46 16.94 16.17
CA ASN F 82 -6.60 17.27 15.05
C ASN F 82 -7.13 18.43 14.21
N HIS F 83 -8.19 19.07 14.69
CA HIS F 83 -8.77 20.19 13.96
C HIS F 83 -8.07 21.51 14.23
N PHE F 84 -7.18 21.53 15.23
CA PHE F 84 -6.45 22.75 15.57
C PHE F 84 -5.39 23.12 14.54
N PRO F 85 -5.09 24.42 14.41
CA PRO F 85 -4.08 24.90 13.47
C PRO F 85 -2.72 24.49 14.03
N GLY F 86 -1.70 24.45 13.19
CA GLY F 86 -0.37 24.09 13.65
C GLY F 86 -0.10 22.61 13.74
N THR F 87 -0.98 21.89 14.44
CA THR F 87 -0.83 20.44 14.57
C THR F 87 -0.67 19.86 13.16
N THR F 88 0.42 19.15 12.92
CA THR F 88 0.70 18.58 11.61
C THR F 88 0.91 17.09 11.79
N SER F 89 -0.13 16.31 11.49
CA SER F 89 -0.08 14.86 11.70
C SER F 89 0.05 13.95 10.49
N LEU F 90 0.68 12.81 10.73
CA LEU F 90 0.88 11.80 9.70
C LEU F 90 -0.22 10.75 9.78
N ASP F 91 -0.43 10.04 8.67
CA ASP F 91 -1.39 8.96 8.64
C ASP F 91 -0.71 7.81 9.37
N GLY F 92 -1.51 6.88 9.89
CA GLY F 92 -0.93 5.75 10.61
C GLY F 92 0.10 4.97 9.82
N ALA F 93 -0.23 4.64 8.57
CA ALA F 93 0.67 3.88 7.70
C ALA F 93 2.02 4.55 7.52
N THR F 94 2.02 5.88 7.48
CA THR F 94 3.24 6.65 7.29
C THR F 94 4.14 6.54 8.51
N LEU F 95 3.56 6.69 9.69
CA LEU F 95 4.33 6.60 10.93
C LEU F 95 4.83 5.18 11.12
N THR F 96 3.95 4.21 10.89
CA THR F 96 4.33 2.80 11.02
C THR F 96 5.49 2.49 10.08
N GLY F 97 5.37 2.93 8.84
CA GLY F 97 6.42 2.69 7.84
C GLY F 97 7.75 3.30 8.20
N THR F 98 7.72 4.48 8.81
CA THR F 98 8.95 5.17 9.21
C THR F 98 9.68 4.36 10.28
N VAL F 99 8.95 3.89 11.28
CA VAL F 99 9.56 3.08 12.34
C VAL F 99 10.12 1.79 11.75
N GLN F 100 9.34 1.17 10.87
CA GLN F 100 9.72 -0.08 10.21
C GLN F 100 11.03 0.08 9.43
N ASP F 101 11.13 1.15 8.65
CA ASP F 101 12.34 1.38 7.85
C ASP F 101 13.58 1.60 8.71
N ILE F 102 13.44 2.41 9.75
CA ILE F 102 14.57 2.68 10.65
C ILE F 102 15.08 1.41 11.33
N ILE F 103 14.17 0.56 11.79
CA ILE F 103 14.60 -0.68 12.43
C ILE F 103 15.34 -1.58 11.42
N ARG F 104 14.82 -1.64 10.20
CA ARG F 104 15.47 -2.43 9.17
C ARG F 104 16.91 -1.95 8.98
N GLU F 105 17.09 -0.64 8.91
CA GLU F 105 18.42 -0.06 8.72
C GLU F 105 19.35 -0.28 9.92
N LEU F 106 18.84 -0.06 11.12
CA LEU F 106 19.65 -0.27 12.32
C LEU F 106 20.13 -1.71 12.37
N ALA F 107 19.24 -2.65 12.04
CA ALA F 107 19.63 -4.06 12.05
C ALA F 107 20.72 -4.32 11.01
N ARG F 108 20.64 -3.63 9.88
CA ARG F 108 21.63 -3.78 8.83
C ARG F 108 22.98 -3.34 9.35
N HIS F 109 22.97 -2.28 10.17
CA HIS F 109 24.19 -1.74 10.77
C HIS F 109 24.83 -2.76 11.72
N GLY F 110 24.02 -3.65 12.27
CA GLY F 110 24.53 -4.63 13.21
C GLY F 110 23.94 -4.39 14.59
N ALA F 111 23.19 -3.30 14.74
CA ALA F 111 22.57 -2.99 16.02
C ALA F 111 21.50 -4.04 16.32
N ARG F 112 21.29 -4.31 17.60
CA ARG F 112 20.30 -5.31 18.01
C ARG F 112 19.55 -4.89 19.27
N ARG F 113 19.75 -3.65 19.68
CA ARG F 113 19.11 -3.12 20.88
C ARG F 113 18.57 -1.72 20.61
N LEU F 114 17.26 -1.58 20.71
CA LEU F 114 16.62 -0.30 20.45
C LEU F 114 15.59 0.07 21.49
N VAL F 115 15.61 1.34 21.89
CA VAL F 115 14.65 1.86 22.84
C VAL F 115 13.89 2.95 22.09
N LEU F 116 12.58 2.78 21.97
CA LEU F 116 11.76 3.79 21.31
C LEU F 116 11.08 4.57 22.43
N MET F 117 11.42 5.85 22.55
CA MET F 117 10.84 6.68 23.60
C MET F 117 9.77 7.61 23.02
N ASN F 118 8.52 7.26 23.29
CA ASN F 118 7.38 8.02 22.81
C ASN F 118 7.13 9.27 23.64
N GLY F 119 6.79 10.37 22.97
CA GLY F 119 6.51 11.61 23.67
C GLY F 119 5.16 12.20 23.29
N HIS F 120 4.45 11.52 22.40
CA HIS F 120 3.14 11.95 21.91
C HIS F 120 2.13 10.83 22.19
N TYR F 121 1.12 11.15 22.97
CA TYR F 121 0.09 10.19 23.38
C TYR F 121 -0.55 9.31 22.29
N GLN F 122 -0.70 9.86 21.09
CA GLN F 122 -1.33 9.12 19.99
C GLN F 122 -0.45 8.14 19.19
N ASN F 123 0.87 8.19 19.40
CA ASN F 123 1.78 7.34 18.62
C ASN F 123 1.86 5.85 18.92
N SER F 124 1.71 5.49 20.18
CA SER F 124 1.85 4.13 20.67
C SER F 124 1.53 2.94 19.77
N MET F 125 0.29 2.80 19.33
CA MET F 125 -0.08 1.64 18.52
C MET F 125 0.57 1.58 17.15
N PHE F 126 0.90 2.73 16.58
CA PHE F 126 1.53 2.74 15.26
C PHE F 126 3.01 2.40 15.38
N ILE F 127 3.60 2.74 16.53
CA ILE F 127 4.99 2.41 16.79
C ILE F 127 5.05 0.89 16.95
N VAL F 128 4.07 0.35 17.68
CA VAL F 128 3.97 -1.08 17.92
C VAL F 128 3.88 -1.87 16.61
N GLU F 129 3.04 -1.39 15.70
CA GLU F 129 2.88 -2.06 14.40
C GLU F 129 4.19 -1.97 13.61
N GLY F 130 4.83 -0.80 13.66
CA GLY F 130 6.09 -0.63 12.96
C GLY F 130 7.12 -1.62 13.49
N ILE F 131 7.15 -1.79 14.80
CA ILE F 131 8.07 -2.73 15.42
C ILE F 131 7.77 -4.15 14.95
N ASP F 132 6.49 -4.54 14.96
CA ASP F 132 6.12 -5.89 14.55
C ASP F 132 6.48 -6.21 13.11
N LEU F 133 6.20 -5.28 12.20
CA LEU F 133 6.49 -5.52 10.80
C LEU F 133 7.99 -5.63 10.58
N ALA F 134 8.76 -4.83 11.31
CA ALA F 134 10.22 -4.87 11.19
C ALA F 134 10.75 -6.22 11.69
N LEU F 135 10.27 -6.65 12.85
CA LEU F 135 10.72 -7.92 13.43
C LEU F 135 10.29 -9.09 12.54
N ARG F 136 9.16 -8.94 11.86
CA ARG F 136 8.66 -9.97 10.96
C ARG F 136 9.66 -10.14 9.81
N GLU F 137 10.12 -9.02 9.25
CA GLU F 137 11.08 -9.08 8.15
C GLU F 137 12.42 -9.63 8.61
N LEU F 138 12.83 -9.31 9.84
CA LEU F 138 14.09 -9.82 10.34
C LEU F 138 14.00 -11.33 10.49
N ARG F 139 12.83 -11.81 10.87
CA ARG F 139 12.60 -13.24 11.04
C ARG F 139 12.71 -13.94 9.67
N TYR F 140 12.29 -13.26 8.60
CA TYR F 140 12.38 -13.83 7.25
C TYR F 140 13.85 -14.10 6.90
N ALA F 141 14.75 -13.38 7.56
CA ALA F 141 16.18 -13.53 7.31
C ALA F 141 16.85 -14.36 8.40
N GLY F 142 16.04 -15.03 9.21
CA GLY F 142 16.57 -15.86 10.28
C GLY F 142 17.14 -15.08 11.45
N ILE F 143 16.77 -13.80 11.56
CA ILE F 143 17.26 -12.96 12.64
C ILE F 143 16.19 -12.78 13.72
N GLN F 144 16.50 -13.20 14.94
CA GLN F 144 15.56 -13.06 16.04
C GLN F 144 16.21 -12.54 17.31
N ASP F 145 17.39 -11.94 17.18
CA ASP F 145 18.09 -11.42 18.34
C ASP F 145 18.04 -9.89 18.44
N PHE F 146 17.12 -9.28 17.69
CA PHE F 146 16.95 -7.83 17.76
C PHE F 146 15.88 -7.63 18.82
N LYS F 147 16.22 -6.89 19.87
CA LYS F 147 15.29 -6.66 20.96
C LYS F 147 14.90 -5.19 21.04
N VAL F 148 13.60 -4.95 21.23
CA VAL F 148 13.09 -3.59 21.30
C VAL F 148 12.34 -3.30 22.59
N VAL F 149 12.63 -2.14 23.16
CA VAL F 149 11.94 -1.69 24.37
C VAL F 149 11.23 -0.42 23.93
N VAL F 150 9.92 -0.34 24.18
CA VAL F 150 9.17 0.85 23.80
C VAL F 150 8.47 1.39 25.05
N LEU F 151 8.47 2.72 25.19
CA LEU F 151 7.86 3.33 26.35
C LEU F 151 7.50 4.80 26.14
N SER F 152 6.53 5.27 26.91
CA SER F 152 6.13 6.67 26.91
C SER F 152 6.79 7.15 28.20
N TYR F 153 7.71 8.10 28.10
CA TYR F 153 8.46 8.55 29.27
C TYR F 153 7.68 8.92 30.53
N TRP F 154 6.48 9.46 30.37
CA TRP F 154 5.70 9.86 31.54
C TRP F 154 5.25 8.69 32.41
N ASP F 155 5.21 7.49 31.84
CA ASP F 155 4.81 6.32 32.62
C ASP F 155 5.79 6.00 33.74
N PHE F 156 7.00 6.54 33.66
CA PHE F 156 7.99 6.30 34.70
C PHE F 156 7.79 7.15 35.95
N VAL F 157 6.85 8.08 35.89
CA VAL F 157 6.53 8.92 37.04
C VAL F 157 5.35 8.19 37.67
N LYS F 158 5.65 7.23 38.54
CA LYS F 158 4.63 6.41 39.16
C LYS F 158 4.72 6.30 40.69
N ASP F 159 5.89 6.59 41.24
CA ASP F 159 6.09 6.51 42.68
C ASP F 159 5.11 7.40 43.43
N PRO F 160 4.33 6.82 44.36
CA PRO F 160 3.35 7.58 45.15
C PRO F 160 3.95 8.83 45.78
N ALA F 161 5.15 8.70 46.33
CA ALA F 161 5.82 9.82 46.97
C ALA F 161 6.06 10.95 45.96
N VAL F 162 6.47 10.57 44.75
CA VAL F 162 6.74 11.55 43.70
C VAL F 162 5.44 12.18 43.21
N ILE F 163 4.43 11.33 42.96
CA ILE F 163 3.15 11.82 42.49
C ILE F 163 2.55 12.81 43.47
N GLN F 164 2.69 12.53 44.76
CA GLN F 164 2.15 13.43 45.77
C GLN F 164 2.91 14.74 45.80
N GLN F 165 4.23 14.67 45.68
CA GLN F 165 5.06 15.87 45.69
C GLN F 165 4.74 16.74 44.48
N LEU F 166 4.56 16.11 43.33
CA LEU F 166 4.25 16.83 42.09
C LEU F 166 2.80 17.27 42.02
N TYR F 167 1.92 16.48 42.63
CA TYR F 167 0.49 16.80 42.61
C TYR F 167 -0.12 16.78 44.02
N PRO F 168 0.16 17.82 44.82
CA PRO F 168 -0.40 17.87 46.17
C PRO F 168 -1.92 17.93 46.15
N GLU F 169 -2.48 18.42 45.04
CA GLU F 169 -3.93 18.53 44.89
C GLU F 169 -4.54 17.32 44.19
N GLY F 170 -3.72 16.34 43.85
CA GLY F 170 -4.24 15.15 43.19
C GLY F 170 -3.85 14.97 41.74
N PHE F 171 -3.62 13.71 41.36
CA PHE F 171 -3.24 13.36 40.00
C PHE F 171 -4.46 13.37 39.10
N LEU F 172 -4.29 13.83 37.86
CA LEU F 172 -5.41 13.93 36.92
C LEU F 172 -5.47 12.84 35.86
N GLY F 173 -4.35 12.21 35.55
CA GLY F 173 -4.33 11.18 34.53
C GLY F 173 -3.51 11.64 33.34
N TRP F 174 -2.71 10.75 32.78
CA TRP F 174 -1.87 11.08 31.64
C TRP F 174 -2.65 11.51 30.41
N ASP F 175 -3.87 10.98 30.26
CA ASP F 175 -4.68 11.33 29.11
C ASP F 175 -4.99 12.82 29.00
N ILE F 176 -5.22 13.49 30.14
CA ILE F 176 -5.51 14.92 30.09
C ILE F 176 -4.33 15.81 30.46
N GLU F 177 -3.13 15.23 30.52
CA GLU F 177 -1.94 16.00 30.82
C GLU F 177 -1.41 16.57 29.51
N HIS F 178 -2.28 17.22 28.74
CA HIS F 178 -1.87 17.81 27.48
C HIS F 178 -1.73 19.31 27.69
N GLY F 179 -0.49 19.79 27.71
CA GLY F 179 -0.25 21.20 27.93
C GLY F 179 -0.56 21.59 29.36
N GLY F 180 -0.56 20.59 30.25
CA GLY F 180 -0.85 20.82 31.65
C GLY F 180 0.38 20.96 32.53
N VAL F 181 0.22 20.63 33.81
CA VAL F 181 1.32 20.74 34.77
C VAL F 181 2.57 19.93 34.42
N PHE F 182 2.38 18.69 34.01
CA PHE F 182 3.52 17.81 33.69
C PHE F 182 4.44 18.36 32.59
N GLU F 183 3.90 18.52 31.38
CA GLU F 183 4.72 19.02 30.28
C GLU F 183 5.24 20.44 30.50
N THR F 184 4.37 21.31 30.98
CA THR F 184 4.76 22.70 31.20
C THR F 184 5.89 22.81 32.22
N SER F 185 5.82 22.00 33.28
CA SER F 185 6.87 22.02 34.30
C SER F 185 8.20 21.58 33.70
N LEU F 186 8.17 20.52 32.90
CA LEU F 186 9.38 20.03 32.25
C LEU F 186 9.98 21.10 31.34
N MET F 187 9.11 21.80 30.62
CA MET F 187 9.56 22.86 29.70
C MET F 187 10.12 24.04 30.48
N LEU F 188 9.56 24.33 31.65
CA LEU F 188 10.06 25.44 32.47
C LEU F 188 11.47 25.11 32.96
N ALA F 189 11.74 23.82 33.15
CA ALA F 189 13.06 23.39 33.61
C ALA F 189 14.08 23.22 32.49
N LEU F 190 13.62 22.90 31.28
CA LEU F 190 14.52 22.69 30.16
C LEU F 190 14.57 23.80 29.13
N TYR F 191 13.42 24.33 28.75
CA TYR F 191 13.34 25.38 27.73
C TYR F 191 12.37 26.48 28.17
N PRO F 192 12.69 27.18 29.27
CA PRO F 192 11.84 28.25 29.79
C PRO F 192 11.45 29.34 28.80
N ASP F 193 12.31 29.60 27.83
CA ASP F 193 12.02 30.63 26.83
C ASP F 193 10.87 30.25 25.90
N LEU F 194 10.52 28.98 25.88
CA LEU F 194 9.43 28.51 25.03
C LEU F 194 8.10 28.42 25.78
N VAL F 195 8.09 28.91 27.01
CA VAL F 195 6.89 28.90 27.84
C VAL F 195 6.60 30.30 28.41
N ASP F 196 5.33 30.68 28.41
CA ASP F 196 4.90 31.96 28.96
C ASP F 196 3.74 31.64 29.89
N LEU F 197 4.07 31.31 31.13
CA LEU F 197 3.05 30.94 32.12
C LEU F 197 1.92 31.96 32.26
N ASP F 198 2.19 33.22 31.95
CA ASP F 198 1.16 34.26 32.05
C ASP F 198 0.03 34.06 31.05
N ARG F 199 0.29 33.28 30.01
CA ARG F 199 -0.73 33.04 28.98
C ARG F 199 -1.59 31.82 29.27
N VAL F 200 -1.27 31.11 30.35
CA VAL F 200 -2.04 29.94 30.73
C VAL F 200 -3.49 30.27 31.04
N VAL F 201 -4.41 29.56 30.39
CA VAL F 201 -5.83 29.74 30.64
C VAL F 201 -6.16 28.72 31.72
N ASP F 202 -6.43 29.22 32.93
CA ASP F 202 -6.72 28.36 34.07
C ASP F 202 -8.14 27.79 34.11
N HIS F 203 -8.41 26.81 33.26
CA HIS F 203 -9.72 26.18 33.20
C HIS F 203 -9.72 24.86 33.97
N PRO F 204 -10.91 24.35 34.32
CA PRO F 204 -10.97 23.08 35.06
C PRO F 204 -10.59 21.93 34.12
N PRO F 205 -10.16 20.78 34.69
CA PRO F 205 -9.78 19.63 33.87
C PRO F 205 -10.89 19.19 32.92
N ALA F 206 -10.50 18.84 31.70
CA ALA F 206 -11.45 18.41 30.69
C ALA F 206 -11.99 17.02 31.01
N THR F 207 -13.28 16.83 30.75
CA THR F 207 -13.93 15.56 30.98
C THR F 207 -14.75 15.25 29.73
N PHE F 208 -14.90 13.97 29.41
CA PHE F 208 -15.64 13.57 28.23
C PHE F 208 -16.49 12.33 28.54
N PRO F 209 -17.50 12.06 27.69
CA PRO F 209 -18.35 10.88 27.92
C PRO F 209 -17.54 9.65 27.50
N PRO F 210 -18.00 8.44 27.85
CA PRO F 210 -17.28 7.21 27.50
C PRO F 210 -17.30 6.77 26.04
N TYR F 211 -17.25 7.73 25.12
CA TYR F 211 -17.23 7.42 23.69
C TYR F 211 -16.63 8.58 22.90
N ASP F 212 -16.37 8.34 21.62
CA ASP F 212 -15.80 9.37 20.75
C ASP F 212 -16.69 9.67 19.56
N VAL F 213 -16.63 10.90 19.08
CA VAL F 213 -17.44 11.31 17.95
C VAL F 213 -16.59 11.88 16.81
N PHE F 214 -16.91 11.46 15.59
CA PHE F 214 -16.22 11.92 14.39
C PHE F 214 -17.29 12.27 13.36
N PRO F 215 -17.16 13.42 12.66
CA PRO F 215 -16.09 14.42 12.77
C PRO F 215 -15.99 14.99 14.19
N VAL F 216 -14.78 15.32 14.60
CA VAL F 216 -14.56 15.86 15.94
C VAL F 216 -15.30 17.17 16.14
N ASP F 217 -15.95 17.29 17.29
CA ASP F 217 -16.71 18.48 17.66
C ASP F 217 -15.83 19.40 18.52
N PRO F 218 -15.38 20.53 17.95
CA PRO F 218 -14.52 21.52 18.62
C PRO F 218 -15.03 22.03 19.97
N ALA F 219 -16.35 22.13 20.12
CA ALA F 219 -16.94 22.63 21.35
C ALA F 219 -16.65 21.76 22.57
N ARG F 220 -16.41 20.47 22.35
CA ARG F 220 -16.15 19.55 23.46
C ARG F 220 -14.73 19.64 24.03
N THR F 221 -13.89 20.47 23.41
CA THR F 221 -12.51 20.66 23.83
C THR F 221 -12.32 22.06 24.40
N PRO F 222 -11.53 22.21 25.47
CA PRO F 222 -11.32 23.56 26.01
C PRO F 222 -10.74 24.45 24.92
N ALA F 223 -11.26 25.67 24.80
CA ALA F 223 -10.83 26.62 23.78
C ALA F 223 -9.32 26.73 23.57
N PRO F 224 -8.53 26.80 24.66
CA PRO F 224 -7.06 26.92 24.55
C PRO F 224 -6.36 25.71 23.90
N GLY F 225 -7.02 24.56 23.93
CA GLY F 225 -6.42 23.37 23.35
C GLY F 225 -5.86 22.44 24.43
N THR F 226 -5.61 23.01 25.61
CA THR F 226 -5.10 22.23 26.74
C THR F 226 -6.23 21.41 27.35
N LEU F 227 -5.88 20.33 28.03
CA LEU F 227 -6.89 19.48 28.66
C LEU F 227 -6.90 19.63 30.19
N SER F 228 -5.91 20.36 30.70
CA SER F 228 -5.79 20.63 32.14
C SER F 228 -4.92 21.87 32.30
N SER F 229 -5.12 22.61 33.38
CA SER F 229 -4.37 23.84 33.63
C SER F 229 -2.95 23.69 34.14
N ALA F 230 -2.04 24.48 33.57
CA ALA F 230 -0.64 24.44 33.96
C ALA F 230 -0.32 25.58 34.92
N LYS F 231 -1.35 26.26 35.42
CA LYS F 231 -1.15 27.38 36.33
C LYS F 231 -0.14 27.10 37.44
N THR F 232 -0.21 25.93 38.06
CA THR F 232 0.71 25.58 39.14
C THR F 232 2.01 24.93 38.67
N ALA F 233 2.28 24.98 37.37
CA ALA F 233 3.51 24.40 36.84
C ALA F 233 4.69 25.18 37.39
N SER F 234 5.84 24.52 37.56
CA SER F 234 7.02 25.18 38.07
C SER F 234 8.29 24.49 37.62
N ARG F 235 9.39 25.24 37.66
CA ARG F 235 10.70 24.72 37.28
C ARG F 235 11.11 23.57 38.19
N GLU F 236 10.78 23.69 39.48
CA GLU F 236 11.11 22.66 40.46
C GLU F 236 10.40 21.34 40.14
N LYS F 237 9.11 21.43 39.82
CA LYS F 237 8.34 20.24 39.49
C LYS F 237 8.96 19.59 38.26
N GLY F 238 9.45 20.42 37.34
CA GLY F 238 10.07 19.91 36.14
C GLY F 238 11.37 19.18 36.42
N GLU F 239 12.17 19.73 37.32
CA GLU F 239 13.45 19.12 37.66
C GLU F 239 13.24 17.76 38.33
N LEU F 240 12.19 17.67 39.16
CA LEU F 240 11.89 16.40 39.83
C LEU F 240 11.47 15.38 38.78
N ILE F 241 10.54 15.76 37.91
CA ILE F 241 10.08 14.89 36.85
C ILE F 241 11.25 14.39 36.02
N LEU F 242 12.14 15.31 35.64
CA LEU F 242 13.30 14.95 34.82
C LEU F 242 14.18 13.91 35.51
N GLU F 243 14.51 14.15 36.78
CA GLU F 243 15.36 13.21 37.53
C GLU F 243 14.71 11.83 37.65
N VAL F 244 13.43 11.82 38.01
CA VAL F 244 12.70 10.56 38.15
C VAL F 244 12.69 9.78 36.84
N CYS F 245 12.31 10.43 35.76
CA CYS F 245 12.27 9.78 34.45
C CYS F 245 13.62 9.25 34.01
N VAL F 246 14.64 10.10 34.06
CA VAL F 246 15.98 9.70 33.65
C VAL F 246 16.52 8.52 34.47
N GLN F 247 16.35 8.57 35.78
CA GLN F 247 16.82 7.49 36.64
C GLN F 247 16.06 6.21 36.37
N GLY F 248 14.73 6.33 36.32
CA GLY F 248 13.90 5.16 36.09
C GLY F 248 14.16 4.49 34.75
N ILE F 249 14.27 5.30 33.71
CA ILE F 249 14.51 4.78 32.38
C ILE F 249 15.92 4.20 32.26
N ALA F 250 16.90 4.89 32.86
CA ALA F 250 18.28 4.41 32.82
C ALA F 250 18.33 3.03 33.47
N ASP F 251 17.65 2.86 34.60
CA ASP F 251 17.63 1.59 35.29
C ASP F 251 16.95 0.49 34.48
N ALA F 252 15.82 0.82 33.87
CA ALA F 252 15.08 -0.15 33.05
C ALA F 252 15.92 -0.64 31.88
N ILE F 253 16.59 0.29 31.21
CA ILE F 253 17.42 -0.08 30.07
C ILE F 253 18.57 -0.98 30.49
N ARG F 254 19.22 -0.66 31.61
CA ARG F 254 20.33 -1.47 32.10
C ARG F 254 19.85 -2.89 32.36
N GLU F 255 18.63 -3.00 32.87
CA GLU F 255 17.99 -4.26 33.17
C GLU F 255 17.71 -5.08 31.90
N GLU F 256 17.07 -4.44 30.92
CA GLU F 256 16.73 -5.11 29.66
C GLU F 256 17.91 -5.28 28.70
N PHE F 257 18.86 -4.36 28.76
CA PHE F 257 20.03 -4.42 27.89
C PHE F 257 21.30 -4.35 28.73
N PRO F 258 21.63 -5.44 29.45
CA PRO F 258 22.84 -5.44 30.28
C PRO F 258 24.10 -5.14 29.48
N PRO F 259 25.00 -4.32 30.02
CA PRO F 259 26.25 -3.97 29.34
C PRO F 259 27.21 -5.15 29.30
#